data_6C6X
#
_entry.id   6C6X
#
_cell.length_a   83.698
_cell.length_b   129.804
_cell.length_c   84.003
_cell.angle_alpha   90.00
_cell.angle_beta   110.01
_cell.angle_gamma   90.00
#
_symmetry.space_group_name_H-M   'P 1 21 1'
#
loop_
_entity.id
_entity.type
_entity.pdbx_description
1 polymer 'JC57-14 Heavy chain'
2 polymer 'JC57-14 Light chain'
3 water water
#
loop_
_entity_poly.entity_id
_entity_poly.type
_entity_poly.pdbx_seq_one_letter_code
_entity_poly.pdbx_strand_id
1 'polypeptide(L)'
;QVQLQESGPGLVKPSETLSLTCAVSGDSISSNYWSWIRQPPGKGLEWIGRFSGSGGSTDFNPSLKSRVTISTDTSKNQFS
LNLRSVTAADTAVYYCAKTYSGTFDYWGQGVLVTVSSASTKGPSVFPLAPSSRSTSESTAALGCLVKDYFPEPVTVSWNS
GSLTSGVHTFPAVLQSSGLYSLSSVVTVPSSSLGTQTYVCNVNHKPSNTKVDKRVEIKTCGGGSK
;
A,C,E,H
2 'polypeptide(L)'
;DIQMTQSPSSLSASVGDRVTITCRASQDINNYLSWYQQKPGKAPKPLIYYASSLETGVPSRFSGSRSGTDYTLTISSLQL
EDFATYYCQQYNNSPYSFGQGTKVEIKRTVAAPSVFIFPPSEDQVKSGTVSVVCLLNNFYPREASVKWKVDGALKTGNSQ
ESVTEQDSKDNTYSLSSTLTLSSTEYQSHKVYACEVTHQGLSSPVTKSFNRGEC
;
B,D,F,L
#
# COMPACT_ATOMS: atom_id res chain seq x y z
N GLN A 1 11.88 -5.82 5.20
CA GLN A 1 10.76 -4.97 5.57
C GLN A 1 9.43 -5.52 5.07
N VAL A 2 9.39 -6.84 4.83
CA VAL A 2 8.12 -7.51 4.56
C VAL A 2 7.15 -7.19 5.69
N GLN A 3 5.89 -6.99 5.34
CA GLN A 3 4.84 -6.79 6.32
C GLN A 3 3.80 -7.90 6.22
N LEU A 4 3.36 -8.39 7.37
CA LEU A 4 2.32 -9.41 7.47
C LEU A 4 1.15 -8.83 8.25
N GLN A 5 -0.07 -9.21 7.87
CA GLN A 5 -1.28 -8.69 8.50
C GLN A 5 -2.31 -9.80 8.61
N GLU A 6 -2.64 -10.16 9.85
CA GLU A 6 -3.69 -11.14 10.11
C GLU A 6 -5.06 -10.48 10.03
N SER A 7 -6.04 -11.24 9.54
CA SER A 7 -7.41 -10.77 9.55
C SER A 7 -8.34 -11.94 9.79
N GLY A 8 -9.50 -11.67 10.39
CA GLY A 8 -10.49 -12.68 10.63
C GLY A 8 -11.50 -12.28 11.69
N PRO A 9 -12.44 -13.18 11.98
CA PRO A 9 -13.47 -12.86 12.99
C PRO A 9 -12.86 -12.78 14.38
N GLY A 10 -13.24 -11.73 15.11
CA GLY A 10 -12.81 -11.59 16.49
C GLY A 10 -13.61 -12.39 17.49
N LEU A 11 -14.72 -12.98 17.05
CA LEU A 11 -15.59 -13.78 17.92
C LEU A 11 -16.07 -14.98 17.14
N VAL A 12 -15.84 -16.18 17.67
CA VAL A 12 -16.21 -17.43 17.02
C VAL A 12 -16.95 -18.29 18.04
N LYS A 13 -18.08 -18.88 17.63
CA LYS A 13 -18.85 -19.73 18.51
C LYS A 13 -18.17 -21.09 18.67
N PRO A 14 -18.22 -21.68 19.87
CA PRO A 14 -17.61 -22.99 20.08
C PRO A 14 -18.19 -24.05 19.16
N SER A 15 -17.34 -25.01 18.79
CA SER A 15 -17.52 -26.10 17.84
C SER A 15 -17.42 -25.62 16.40
N GLU A 16 -17.47 -24.31 16.12
CA GLU A 16 -17.35 -23.84 14.76
C GLU A 16 -15.88 -23.81 14.33
N THR A 17 -15.64 -23.41 13.09
CA THR A 17 -14.29 -23.37 12.53
C THR A 17 -13.79 -21.93 12.54
N LEU A 18 -12.66 -21.71 13.21
CA LEU A 18 -11.98 -20.43 13.15
C LEU A 18 -11.12 -20.37 11.90
N SER A 19 -11.32 -19.32 11.09
CA SER A 19 -10.59 -19.10 9.87
C SER A 19 -9.93 -17.73 9.92
N LEU A 20 -8.62 -17.68 9.69
CA LEU A 20 -7.84 -16.45 9.66
C LEU A 20 -7.06 -16.40 8.36
N THR A 21 -6.83 -15.19 7.88
CA THR A 21 -6.02 -14.98 6.69
C THR A 21 -4.86 -14.07 7.05
N CYS A 22 -3.70 -14.37 6.45
CA CYS A 22 -2.50 -13.57 6.58
C CYS A 22 -2.19 -12.99 5.21
N ALA A 23 -2.20 -11.67 5.11
CA ALA A 23 -1.85 -10.97 3.89
C ALA A 23 -0.40 -10.53 3.99
N VAL A 24 0.42 -10.91 3.01
CA VAL A 24 1.85 -10.67 3.01
C VAL A 24 2.15 -9.60 1.97
N SER A 25 2.83 -8.53 2.39
CA SER A 25 3.20 -7.45 1.49
C SER A 25 4.72 -7.38 1.40
N GLY A 26 5.24 -7.35 0.17
CA GLY A 26 6.66 -7.16 -0.06
C GLY A 26 7.47 -8.43 -0.24
N ASP A 27 6.84 -9.60 -0.16
CA ASP A 27 7.53 -10.87 -0.26
C ASP A 27 6.58 -11.88 -0.88
N SER A 28 7.13 -12.80 -1.67
CA SER A 28 6.34 -13.88 -2.27
C SER A 28 6.29 -15.06 -1.32
N ILE A 29 5.08 -15.57 -1.08
CA ILE A 29 4.90 -16.73 -0.21
C ILE A 29 5.37 -18.00 -0.89
N SER A 30 5.80 -17.90 -2.15
CA SER A 30 6.30 -19.05 -2.89
C SER A 30 7.71 -19.45 -2.48
N SER A 31 8.37 -18.70 -1.61
CA SER A 31 9.70 -19.07 -1.10
C SER A 31 9.70 -18.99 0.42
N ASN A 32 10.72 -19.60 1.02
CA ASN A 32 10.92 -19.61 2.47
C ASN A 32 9.77 -20.32 3.18
N TYR A 33 9.56 -20.02 4.47
CA TYR A 33 8.60 -20.73 5.29
C TYR A 33 7.72 -19.73 6.03
N TRP A 34 6.49 -20.14 6.30
CA TRP A 34 5.49 -19.26 6.90
C TRP A 34 4.73 -20.03 7.97
N SER A 35 4.46 -19.39 9.11
CA SER A 35 3.90 -20.08 10.27
C SER A 35 2.74 -19.31 10.88
N TRP A 36 1.94 -20.05 11.65
CA TRP A 36 0.98 -19.47 12.57
C TRP A 36 1.43 -19.75 13.99
N ILE A 37 1.26 -18.75 14.86
CA ILE A 37 1.62 -18.80 16.28
C ILE A 37 0.45 -18.18 17.04
N ARG A 38 0.17 -18.69 18.25
CA ARG A 38 -0.86 -18.07 19.08
C ARG A 38 -0.37 -17.85 20.50
N GLN A 39 -1.04 -16.92 21.19
CA GLN A 39 -0.69 -16.55 22.56
C GLN A 39 -1.98 -16.26 23.32
N PRO A 40 -2.40 -17.16 24.20
CA PRO A 40 -3.57 -16.87 25.03
C PRO A 40 -3.30 -15.67 25.92
N PRO A 41 -4.34 -14.94 26.30
CA PRO A 41 -4.15 -13.71 27.08
C PRO A 41 -3.40 -13.98 28.38
N GLY A 42 -2.33 -13.22 28.60
CA GLY A 42 -1.52 -13.40 29.80
C GLY A 42 -0.74 -14.69 29.87
N LYS A 43 -0.60 -15.41 28.76
CA LYS A 43 0.10 -16.69 28.70
C LYS A 43 1.24 -16.60 27.69
N GLY A 44 1.88 -17.75 27.46
CA GLY A 44 3.02 -17.83 26.56
C GLY A 44 2.63 -18.08 25.12
N LEU A 45 3.63 -18.46 24.33
CA LEU A 45 3.50 -18.63 22.90
C LEU A 45 3.46 -20.11 22.54
N GLU A 46 2.64 -20.44 21.54
CA GLU A 46 2.50 -21.81 21.06
C GLU A 46 2.55 -21.81 19.54
N TRP A 47 3.45 -22.62 18.98
CA TRP A 47 3.56 -22.77 17.53
C TRP A 47 2.44 -23.67 17.02
N ILE A 48 1.77 -23.24 15.96
CA ILE A 48 0.62 -23.97 15.44
C ILE A 48 1.03 -24.84 14.25
N GLY A 49 1.62 -24.22 13.24
CA GLY A 49 1.97 -24.96 12.05
C GLY A 49 2.71 -24.05 11.08
N ARG A 50 3.24 -24.68 10.03
CA ARG A 50 4.06 -24.00 9.05
C ARG A 50 3.87 -24.68 7.70
N PHE A 51 3.98 -23.91 6.63
CA PHE A 51 4.06 -24.48 5.29
C PHE A 51 5.31 -23.98 4.59
N SER A 52 5.82 -24.80 3.67
CA SER A 52 6.98 -24.46 2.87
C SER A 52 6.50 -23.86 1.55
N GLY A 53 6.82 -22.58 1.33
CA GLY A 53 6.41 -21.94 0.09
C GLY A 53 7.01 -22.60 -1.13
N SER A 54 8.16 -23.25 -0.99
CA SER A 54 8.80 -23.87 -2.14
C SER A 54 8.08 -25.13 -2.58
N GLY A 55 7.82 -26.05 -1.65
CA GLY A 55 7.25 -27.33 -2.02
C GLY A 55 5.79 -27.51 -1.67
N GLY A 56 5.23 -26.57 -0.90
CA GLY A 56 3.85 -26.68 -0.47
C GLY A 56 3.60 -27.63 0.68
N SER A 57 4.65 -28.28 1.20
CA SER A 57 4.49 -29.18 2.32
C SER A 57 4.15 -28.41 3.59
N THR A 58 3.38 -29.05 4.47
CA THR A 58 2.96 -28.44 5.73
C THR A 58 3.42 -29.29 6.91
N ASP A 59 3.46 -28.66 8.08
CA ASP A 59 3.90 -29.30 9.31
C ASP A 59 3.13 -28.67 10.45
N PHE A 60 2.60 -29.50 11.36
CA PHE A 60 1.68 -29.01 12.38
C PHE A 60 2.07 -29.50 13.76
N ASN A 61 1.76 -28.68 14.76
CA ASN A 61 1.96 -29.07 16.16
C ASN A 61 1.07 -30.27 16.49
N PRO A 62 1.63 -31.37 17.02
CA PRO A 62 0.78 -32.53 17.35
C PRO A 62 -0.32 -32.24 18.36
N SER A 63 -0.19 -31.19 19.16
CA SER A 63 -1.27 -30.81 20.06
C SER A 63 -2.47 -30.24 19.32
N LEU A 64 -2.32 -29.90 18.04
CA LEU A 64 -3.40 -29.33 17.24
C LEU A 64 -3.56 -30.01 15.89
N LYS A 65 -2.70 -30.98 15.55
CA LYS A 65 -2.56 -31.46 14.18
C LYS A 65 -3.88 -31.91 13.58
N SER A 66 -4.73 -32.57 14.38
CA SER A 66 -5.99 -33.08 13.86
C SER A 66 -6.98 -31.98 13.53
N ARG A 67 -6.86 -30.80 14.13
CA ARG A 67 -7.87 -29.76 13.98
C ARG A 67 -7.43 -28.64 13.05
N VAL A 68 -6.23 -28.68 12.51
CA VAL A 68 -5.62 -27.52 11.86
C VAL A 68 -5.39 -27.82 10.38
N THR A 69 -5.65 -26.82 9.55
CA THR A 69 -5.47 -26.89 8.12
C THR A 69 -4.92 -25.54 7.65
N ILE A 70 -4.04 -25.58 6.65
CA ILE A 70 -3.43 -24.37 6.09
C ILE A 70 -3.57 -24.44 4.57
N SER A 71 -4.09 -23.38 3.98
CA SER A 71 -4.20 -23.26 2.53
C SER A 71 -3.56 -21.94 2.09
N THR A 72 -3.13 -21.91 0.83
CA THR A 72 -2.39 -20.77 0.30
C THR A 72 -3.02 -20.29 -1.00
N ASP A 73 -2.84 -19.00 -1.29
CA ASP A 73 -3.34 -18.39 -2.52
C ASP A 73 -2.22 -17.49 -3.06
N THR A 74 -1.35 -18.08 -3.90
CA THR A 74 -0.25 -17.31 -4.46
C THR A 74 -0.75 -16.13 -5.30
N SER A 75 -1.97 -16.22 -5.83
CA SER A 75 -2.53 -15.13 -6.62
C SER A 75 -2.68 -13.86 -5.79
N LYS A 76 -3.12 -13.98 -4.54
CA LYS A 76 -3.29 -12.85 -3.64
C LYS A 76 -2.12 -12.69 -2.68
N ASN A 77 -1.12 -13.57 -2.75
CA ASN A 77 -0.04 -13.61 -1.78
C ASN A 77 -0.58 -13.66 -0.35
N GLN A 78 -1.53 -14.58 -0.14
CA GLN A 78 -2.17 -14.78 1.15
C GLN A 78 -2.10 -16.25 1.53
N PHE A 79 -2.13 -16.53 2.83
CA PHE A 79 -2.32 -17.89 3.29
C PHE A 79 -3.25 -17.84 4.50
N SER A 80 -3.88 -18.97 4.78
CA SER A 80 -4.93 -19.01 5.77
C SER A 80 -4.67 -20.09 6.81
N LEU A 81 -5.36 -19.95 7.93
CA LEU A 81 -5.38 -20.92 9.00
C LEU A 81 -6.83 -21.33 9.22
N ASN A 82 -7.07 -22.63 9.32
CA ASN A 82 -8.41 -23.15 9.63
C ASN A 82 -8.28 -24.06 10.83
N LEU A 83 -8.98 -23.71 11.91
CA LEU A 83 -8.94 -24.48 13.16
C LEU A 83 -10.37 -24.86 13.51
N ARG A 84 -10.68 -26.16 13.45
CA ARG A 84 -12.05 -26.61 13.63
C ARG A 84 -12.32 -26.94 15.10
N SER A 85 -13.62 -27.07 15.42
CA SER A 85 -14.09 -27.54 16.73
C SER A 85 -13.48 -26.72 17.88
N VAL A 86 -13.51 -25.39 17.75
CA VAL A 86 -12.87 -24.54 18.74
C VAL A 86 -13.63 -24.57 20.07
N THR A 87 -12.88 -24.40 21.15
CA THR A 87 -13.42 -24.21 22.50
C THR A 87 -12.76 -22.98 23.10
N ALA A 88 -13.10 -22.68 24.36
CA ALA A 88 -12.50 -21.54 25.05
C ALA A 88 -10.98 -21.64 25.15
N ALA A 89 -10.43 -22.85 25.08
CA ALA A 89 -8.98 -23.05 25.10
C ALA A 89 -8.28 -22.49 23.87
N ASP A 90 -9.02 -22.19 22.80
CA ASP A 90 -8.47 -21.62 21.58
C ASP A 90 -8.53 -20.10 21.55
N THR A 91 -9.06 -19.46 22.60
CA THR A 91 -9.05 -18.01 22.69
C THR A 91 -7.62 -17.52 22.82
N ALA A 92 -7.21 -16.60 21.94
CA ALA A 92 -5.81 -16.19 21.89
C ALA A 92 -5.63 -15.10 20.84
N VAL A 93 -4.51 -14.41 20.94
CA VAL A 93 -4.00 -13.60 19.84
C VAL A 93 -3.25 -14.54 18.90
N TYR A 94 -3.67 -14.56 17.64
CA TYR A 94 -3.03 -15.37 16.62
C TYR A 94 -2.11 -14.50 15.78
N TYR A 95 -0.89 -14.97 15.55
CA TYR A 95 0.11 -14.29 14.73
C TYR A 95 0.49 -15.16 13.54
N CYS A 96 0.75 -14.53 12.40
CA CYS A 96 1.47 -15.18 11.33
C CYS A 96 2.89 -14.64 11.27
N ALA A 97 3.79 -15.42 10.67
CA ALA A 97 5.20 -15.11 10.75
C ALA A 97 5.95 -15.71 9.57
N LYS A 98 7.01 -15.04 9.16
CA LYS A 98 7.91 -15.54 8.13
C LYS A 98 9.16 -16.13 8.76
N THR A 99 9.60 -17.27 8.23
CA THR A 99 10.77 -17.99 8.72
C THR A 99 11.73 -18.25 7.57
N TYR A 100 13.02 -18.03 7.80
CA TYR A 100 14.03 -18.45 6.85
C TYR A 100 14.55 -19.85 7.16
N SER A 101 14.79 -20.13 8.42
CA SER A 101 15.18 -21.46 8.81
C SER A 101 14.29 -22.02 9.93
N GLY A 102 14.52 -21.63 11.16
CA GLY A 102 13.63 -22.04 12.23
C GLY A 102 13.08 -20.92 13.09
N THR A 103 13.70 -19.78 13.00
CA THR A 103 13.31 -18.68 13.80
C THR A 103 12.15 -17.90 13.17
N PHE A 104 11.41 -17.15 13.97
CA PHE A 104 10.30 -16.35 13.45
C PHE A 104 10.82 -14.93 13.26
N ASP A 105 11.23 -14.64 12.02
CA ASP A 105 12.02 -13.45 11.71
C ASP A 105 11.16 -12.20 11.55
N TYR A 106 9.94 -12.35 11.04
CA TYR A 106 9.01 -11.25 10.89
C TYR A 106 7.64 -11.71 11.36
N TRP A 107 6.94 -10.84 12.08
CA TRP A 107 5.64 -11.17 12.67
C TRP A 107 4.58 -10.20 12.20
N GLY A 108 3.35 -10.68 12.10
CA GLY A 108 2.21 -9.80 11.93
C GLY A 108 1.93 -9.05 13.23
N GLN A 109 0.89 -8.22 13.19
CA GLN A 109 0.51 -7.49 14.39
C GLN A 109 -0.34 -8.34 15.33
N GLY A 110 -0.94 -9.41 14.84
CA GLY A 110 -1.73 -10.27 15.71
C GLY A 110 -3.19 -9.88 15.73
N VAL A 111 -4.06 -10.89 15.83
CA VAL A 111 -5.49 -10.68 15.91
C VAL A 111 -6.04 -11.49 17.08
N LEU A 112 -6.74 -10.81 17.98
CA LEU A 112 -7.38 -11.48 19.10
C LEU A 112 -8.62 -12.21 18.62
N VAL A 113 -8.74 -13.48 18.96
CA VAL A 113 -9.93 -14.25 18.65
C VAL A 113 -10.48 -14.81 19.95
N THR A 114 -11.73 -14.46 20.26
CA THR A 114 -12.44 -14.97 21.42
C THR A 114 -13.41 -16.06 21.00
N VAL A 115 -13.39 -17.19 21.69
CA VAL A 115 -14.33 -18.28 21.47
C VAL A 115 -15.36 -18.25 22.58
N SER A 116 -16.60 -17.91 22.23
CA SER A 116 -17.69 -17.83 23.20
C SER A 116 -19.02 -17.87 22.46
N SER A 117 -20.05 -18.35 23.14
CA SER A 117 -21.39 -18.32 22.59
C SER A 117 -22.14 -17.04 22.92
N ALA A 118 -21.53 -16.13 23.69
CA ALA A 118 -22.18 -14.87 24.03
C ALA A 118 -22.23 -13.93 22.82
N SER A 119 -23.26 -13.10 22.79
CA SER A 119 -23.48 -12.21 21.66
C SER A 119 -22.62 -10.96 21.77
N THR A 120 -22.33 -10.35 20.62
CA THR A 120 -21.62 -9.09 20.60
C THR A 120 -22.50 -7.99 21.19
N LYS A 121 -21.87 -7.11 21.98
CA LYS A 121 -22.58 -6.02 22.61
C LYS A 121 -21.69 -4.79 22.63
N GLY A 122 -22.21 -3.67 22.14
CA GLY A 122 -21.49 -2.41 22.16
C GLY A 122 -21.43 -1.83 23.55
N PRO A 123 -20.46 -0.94 23.78
CA PRO A 123 -20.27 -0.37 25.11
C PRO A 123 -21.18 0.82 25.41
N SER A 124 -21.47 0.98 26.69
CA SER A 124 -21.97 2.24 27.22
C SER A 124 -20.79 3.05 27.73
N VAL A 125 -20.80 4.36 27.48
CA VAL A 125 -19.70 5.25 27.87
C VAL A 125 -20.26 6.36 28.75
N PHE A 126 -19.70 6.50 29.95
CA PHE A 126 -20.12 7.51 30.89
C PHE A 126 -18.94 8.40 31.29
N PRO A 127 -19.13 9.72 31.32
CA PRO A 127 -18.03 10.61 31.69
C PRO A 127 -17.67 10.48 33.16
N LEU A 128 -16.39 10.66 33.46
CA LEU A 128 -15.87 10.71 34.82
C LEU A 128 -15.32 12.11 35.06
N ALA A 129 -16.02 12.89 35.87
CA ALA A 129 -15.61 14.27 36.10
C ALA A 129 -15.52 14.57 37.59
N PRO A 130 -14.56 15.42 38.00
CA PRO A 130 -14.45 15.79 39.42
C PRO A 130 -15.46 16.85 39.83
N GLU A 137 -7.40 22.34 43.03
CA GLU A 137 -5.99 22.01 43.18
C GLU A 137 -5.21 22.37 41.92
N SER A 138 -3.96 21.94 41.84
CA SER A 138 -3.12 22.24 40.69
C SER A 138 -3.34 21.27 39.53
N THR A 139 -3.52 19.99 39.81
CA THR A 139 -3.78 18.98 38.79
C THR A 139 -5.17 18.42 38.98
N ALA A 140 -5.89 18.22 37.87
CA ALA A 140 -7.20 17.59 37.89
C ALA A 140 -7.16 16.32 37.06
N ALA A 141 -8.12 15.44 37.31
CA ALA A 141 -8.24 14.19 36.56
C ALA A 141 -9.62 14.11 35.92
N LEU A 142 -9.65 13.65 34.67
CA LEU A 142 -10.86 13.41 33.92
C LEU A 142 -10.85 11.97 33.45
N GLY A 143 -12.02 11.45 33.11
CA GLY A 143 -12.03 10.07 32.67
C GLY A 143 -13.26 9.71 31.88
N CYS A 144 -13.27 8.47 31.41
CA CYS A 144 -14.42 7.88 30.74
C CYS A 144 -14.53 6.43 31.19
N LEU A 145 -15.73 6.03 31.59
CA LEU A 145 -16.03 4.65 31.96
C LEU A 145 -16.66 3.96 30.76
N VAL A 146 -16.02 2.91 30.26
CA VAL A 146 -16.47 2.15 29.11
C VAL A 146 -16.96 0.81 29.63
N LYS A 147 -18.28 0.61 29.62
CA LYS A 147 -18.91 -0.45 30.39
C LYS A 147 -19.72 -1.38 29.50
N ASP A 148 -19.80 -2.65 29.91
CA ASP A 148 -20.80 -3.61 29.44
C ASP A 148 -20.69 -3.89 27.93
N TYR A 149 -19.49 -4.23 27.48
CA TYR A 149 -19.30 -4.59 26.08
C TYR A 149 -18.76 -6.01 25.98
N PHE A 150 -18.89 -6.59 24.77
CA PHE A 150 -18.37 -7.91 24.49
C PHE A 150 -18.27 -8.08 22.98
N PRO A 151 -17.19 -8.69 22.45
CA PRO A 151 -15.98 -9.11 23.18
C PRO A 151 -14.92 -8.02 23.20
N GLU A 152 -13.73 -8.35 23.68
CA GLU A 152 -12.58 -7.49 23.51
C GLU A 152 -12.19 -7.41 22.03
N PRO A 153 -11.47 -6.36 21.61
CA PRO A 153 -11.01 -5.21 22.38
C PRO A 153 -11.79 -3.94 22.10
N VAL A 154 -11.62 -2.92 22.94
CA VAL A 154 -12.01 -1.56 22.61
C VAL A 154 -10.74 -0.72 22.55
N THR A 155 -10.79 0.34 21.75
CA THR A 155 -9.73 1.34 21.73
C THR A 155 -10.30 2.66 22.21
N VAL A 156 -9.53 3.37 23.02
CA VAL A 156 -9.92 4.67 23.56
C VAL A 156 -8.84 5.68 23.20
N SER A 157 -9.26 6.83 22.69
CA SER A 157 -8.36 7.96 22.50
C SER A 157 -9.02 9.20 23.12
N TRP A 158 -8.24 10.27 23.25
CA TRP A 158 -8.72 11.53 23.79
C TRP A 158 -8.50 12.63 22.76
N ASN A 159 -9.52 13.45 22.55
CA ASN A 159 -9.44 14.57 21.60
C ASN A 159 -8.95 14.09 20.22
N SER A 160 -9.56 13.00 19.75
CA SER A 160 -9.26 12.41 18.44
C SER A 160 -7.81 11.96 18.32
N GLY A 161 -7.20 11.57 19.44
CA GLY A 161 -5.82 11.14 19.43
C GLY A 161 -4.79 12.23 19.54
N SER A 162 -5.21 13.50 19.63
CA SER A 162 -4.22 14.56 19.82
C SER A 162 -3.79 14.70 21.28
N LEU A 163 -4.56 14.15 22.23
CA LEU A 163 -4.20 14.19 23.64
C LEU A 163 -3.70 12.81 24.04
N THR A 164 -2.40 12.71 24.28
CA THR A 164 -1.79 11.45 24.71
C THR A 164 -1.00 11.57 26.01
N SER A 165 -0.44 12.74 26.32
CA SER A 165 0.34 12.88 27.55
C SER A 165 -0.56 12.77 28.77
N GLY A 166 -0.16 11.92 29.72
CA GLY A 166 -0.90 11.71 30.94
C GLY A 166 -2.13 10.82 30.84
N VAL A 167 -2.37 10.20 29.68
CA VAL A 167 -3.52 9.33 29.49
C VAL A 167 -3.18 7.93 30.00
N HIS A 168 -4.09 7.35 30.77
CA HIS A 168 -3.99 5.95 31.18
C HIS A 168 -5.29 5.24 30.85
N THR A 169 -5.22 4.25 29.98
CA THR A 169 -6.35 3.39 29.65
C THR A 169 -6.08 2.03 30.29
N PHE A 170 -6.92 1.65 31.24
CA PHE A 170 -6.65 0.47 32.05
C PHE A 170 -7.11 -0.80 31.34
N PRO A 171 -6.51 -1.94 31.67
CA PRO A 171 -6.97 -3.21 31.08
C PRO A 171 -8.38 -3.52 31.54
N ALA A 172 -9.15 -4.12 30.65
CA ALA A 172 -10.53 -4.44 30.95
C ALA A 172 -10.61 -5.57 31.96
N VAL A 173 -11.66 -5.52 32.78
CA VAL A 173 -11.99 -6.58 33.71
C VAL A 173 -13.29 -7.19 33.24
N LEU A 174 -13.35 -8.52 33.19
CA LEU A 174 -14.60 -9.23 32.97
C LEU A 174 -15.44 -9.19 34.24
N GLN A 175 -16.64 -8.61 34.14
CA GLN A 175 -17.51 -8.47 35.29
C GLN A 175 -18.33 -9.75 35.48
N SER A 176 -18.99 -9.83 36.64
CA SER A 176 -19.85 -10.98 36.91
C SER A 176 -20.99 -11.09 35.91
N SER A 177 -21.38 -9.99 35.26
CA SER A 177 -22.40 -10.02 34.22
C SER A 177 -21.94 -10.71 32.95
N GLY A 178 -20.66 -11.07 32.85
CA GLY A 178 -20.13 -11.61 31.61
C GLY A 178 -19.74 -10.58 30.58
N LEU A 179 -19.77 -9.30 30.93
CA LEU A 179 -19.38 -8.22 30.03
C LEU A 179 -18.13 -7.52 30.56
N TYR A 180 -17.39 -6.91 29.64
CA TYR A 180 -16.17 -6.21 30.01
C TYR A 180 -16.44 -4.77 30.43
N SER A 181 -15.52 -4.23 31.22
CA SER A 181 -15.58 -2.85 31.67
C SER A 181 -14.17 -2.33 31.88
N LEU A 182 -13.97 -1.05 31.58
CA LEU A 182 -12.68 -0.39 31.81
C LEU A 182 -12.91 1.11 31.91
N SER A 183 -11.90 1.79 32.43
CA SER A 183 -11.86 3.25 32.46
C SER A 183 -10.60 3.74 31.78
N SER A 184 -10.71 4.90 31.14
CA SER A 184 -9.57 5.64 30.63
C SER A 184 -9.55 6.99 31.32
N VAL A 185 -8.38 7.42 31.78
CA VAL A 185 -8.25 8.64 32.56
C VAL A 185 -7.13 9.49 31.96
N VAL A 186 -7.18 10.78 32.27
CA VAL A 186 -6.12 11.70 31.88
C VAL A 186 -6.03 12.79 32.95
N THR A 187 -4.81 13.19 33.28
CA THR A 187 -4.59 14.29 34.21
C THR A 187 -4.21 15.55 33.45
N VAL A 188 -4.80 16.68 33.84
CA VAL A 188 -4.62 17.95 33.16
C VAL A 188 -4.50 19.05 34.21
N PRO A 189 -3.91 20.18 33.84
CA PRO A 189 -3.90 21.32 34.76
C PRO A 189 -5.32 21.82 35.02
N SER A 190 -5.61 22.14 36.28
CA SER A 190 -6.91 22.69 36.60
C SER A 190 -7.19 23.99 35.85
N SER A 191 -6.14 24.77 35.59
CA SER A 191 -6.31 26.01 34.83
C SER A 191 -6.75 25.75 33.39
N SER A 192 -6.55 24.53 32.87
CA SER A 192 -7.02 24.18 31.53
C SER A 192 -8.50 23.84 31.50
N LEU A 193 -9.13 23.57 32.65
CA LEU A 193 -10.49 23.05 32.66
C LEU A 193 -11.49 24.03 32.06
N GLY A 194 -11.23 25.33 32.15
CA GLY A 194 -12.13 26.31 31.60
C GLY A 194 -11.87 26.71 30.17
N THR A 195 -10.72 26.34 29.63
CA THR A 195 -10.32 26.74 28.29
C THR A 195 -10.32 25.60 27.29
N GLN A 196 -9.95 24.39 27.70
CA GLN A 196 -9.80 23.25 26.80
C GLN A 196 -10.97 22.28 27.00
N THR A 197 -11.52 21.81 25.89
CA THR A 197 -12.54 20.77 25.91
C THR A 197 -11.89 19.40 25.82
N TYR A 198 -12.52 18.42 26.46
CA TYR A 198 -11.98 17.06 26.56
C TYR A 198 -13.04 16.07 26.12
N VAL A 199 -12.71 15.25 25.13
CA VAL A 199 -13.62 14.28 24.53
C VAL A 199 -12.91 12.94 24.48
N CYS A 200 -13.54 11.90 25.02
CA CYS A 200 -12.98 10.55 24.88
C CYS A 200 -13.67 9.86 23.71
N ASN A 201 -12.88 9.24 22.85
CA ASN A 201 -13.36 8.59 21.64
C ASN A 201 -13.22 7.09 21.84
N VAL A 202 -14.31 6.36 21.74
CA VAL A 202 -14.32 4.93 22.00
C VAL A 202 -14.66 4.21 20.70
N ASN A 203 -13.87 3.19 20.37
CA ASN A 203 -14.10 2.39 19.17
C ASN A 203 -14.20 0.93 19.57
N HIS A 204 -15.29 0.29 19.17
CA HIS A 204 -15.52 -1.15 19.40
C HIS A 204 -15.80 -1.76 18.04
N LYS A 205 -14.75 -2.26 17.40
CA LYS A 205 -14.90 -2.86 16.08
C LYS A 205 -15.83 -4.07 16.03
N PRO A 206 -15.82 -5.00 17.00
CA PRO A 206 -16.72 -6.17 16.89
C PRO A 206 -18.19 -5.79 16.75
N SER A 207 -18.63 -4.69 17.36
CA SER A 207 -20.00 -4.22 17.19
C SER A 207 -20.10 -3.07 16.19
N ASN A 208 -18.97 -2.66 15.59
CA ASN A 208 -18.93 -1.53 14.66
C ASN A 208 -19.49 -0.26 15.30
N THR A 209 -19.19 -0.08 16.59
CA THR A 209 -19.69 1.03 17.37
C THR A 209 -18.58 2.05 17.58
N LYS A 210 -18.95 3.33 17.54
CA LYS A 210 -18.04 4.41 17.87
C LYS A 210 -18.77 5.41 18.75
N VAL A 211 -18.16 5.79 19.87
CA VAL A 211 -18.77 6.71 20.82
C VAL A 211 -17.78 7.82 21.16
N ASP A 212 -18.22 9.07 21.02
CA ASP A 212 -17.49 10.23 21.48
C ASP A 212 -18.25 10.83 22.65
N LYS A 213 -17.56 11.06 23.77
CA LYS A 213 -18.21 11.55 24.98
C LYS A 213 -17.48 12.77 25.50
N ARG A 214 -18.16 13.90 25.50
CA ARG A 214 -17.62 15.12 26.09
C ARG A 214 -17.61 14.99 27.61
N VAL A 215 -16.47 15.27 28.23
CA VAL A 215 -16.34 15.22 29.69
C VAL A 215 -16.41 16.65 30.21
N GLU A 216 -17.46 16.94 30.99
CA GLU A 216 -17.76 18.27 31.47
C GLU A 216 -17.75 18.34 32.98
N ILE A 217 -17.35 19.48 33.51
CA ILE A 217 -17.52 19.77 34.93
C ILE A 217 -18.84 20.50 35.11
N LYS A 218 -19.64 20.04 36.07
CA LYS A 218 -20.96 20.63 36.33
C LYS A 218 -20.87 21.87 37.22
N ASP B 1 8.08 -32.53 21.21
CA ASP B 1 8.73 -33.32 22.25
C ASP B 1 9.60 -32.45 23.14
N ILE B 2 10.54 -31.71 22.53
CA ILE B 2 11.49 -30.91 23.30
C ILE B 2 10.75 -29.82 24.05
N GLN B 3 10.93 -29.80 25.37
CA GLN B 3 10.27 -28.84 26.23
C GLN B 3 11.30 -27.85 26.77
N MET B 4 11.01 -26.57 26.62
CA MET B 4 11.90 -25.50 27.09
C MET B 4 11.43 -25.01 28.44
N THR B 5 12.33 -25.01 29.42
CA THR B 5 12.05 -24.51 30.76
C THR B 5 12.91 -23.25 30.98
N GLN B 6 12.25 -22.12 31.10
CA GLN B 6 12.90 -20.82 31.22
C GLN B 6 12.92 -20.38 32.68
N SER B 7 14.04 -19.82 33.12
CA SER B 7 14.17 -19.37 34.49
C SER B 7 14.90 -18.03 34.54
N PRO B 8 14.47 -17.11 35.42
CA PRO B 8 13.26 -17.27 36.23
C PRO B 8 12.02 -16.72 35.54
N SER B 9 10.86 -16.87 36.18
CA SER B 9 9.62 -16.43 35.56
C SER B 9 9.49 -14.92 35.55
N SER B 10 10.06 -14.23 36.54
CA SER B 10 9.89 -12.79 36.66
C SER B 10 11.09 -12.19 37.34
N LEU B 11 11.29 -10.90 37.08
CA LEU B 11 12.50 -10.29 37.62
C LEU B 11 12.27 -8.80 37.83
N SER B 12 12.98 -8.23 38.80
CA SER B 12 12.98 -6.79 39.06
C SER B 12 14.43 -6.32 39.18
N ALA B 13 14.84 -5.40 38.30
CA ALA B 13 16.23 -4.96 38.27
C ALA B 13 16.30 -3.46 38.05
N SER B 14 17.43 -2.88 38.48
CA SER B 14 17.66 -1.45 38.35
C SER B 14 18.44 -1.17 37.06
N VAL B 15 18.35 0.09 36.61
CA VAL B 15 19.12 0.53 35.45
C VAL B 15 20.61 0.34 35.74
N GLY B 16 21.34 -0.23 34.78
CA GLY B 16 22.74 -0.51 34.97
C GLY B 16 23.04 -1.90 35.51
N ASP B 17 22.04 -2.63 35.98
CA ASP B 17 22.23 -3.98 36.49
C ASP B 17 22.59 -4.95 35.38
N ARG B 18 23.25 -6.05 35.77
CA ARG B 18 23.51 -7.18 34.90
C ARG B 18 22.48 -8.26 35.18
N VAL B 19 21.70 -8.64 34.16
CA VAL B 19 20.65 -9.62 34.30
C VAL B 19 20.93 -10.77 33.35
N THR B 20 20.73 -11.99 33.84
CA THR B 20 20.94 -13.20 33.05
C THR B 20 19.68 -14.04 33.15
N ILE B 21 19.20 -14.50 31.99
CA ILE B 21 18.03 -15.35 31.90
C ILE B 21 18.47 -16.69 31.34
N THR B 22 18.05 -17.77 31.97
CA THR B 22 18.49 -19.11 31.61
C THR B 22 17.33 -19.91 31.06
N CYS B 23 17.64 -20.79 30.11
CA CYS B 23 16.64 -21.60 29.42
C CYS B 23 17.20 -23.00 29.23
N ARG B 24 16.44 -24.00 29.64
CA ARG B 24 16.88 -25.39 29.58
C ARG B 24 15.99 -26.18 28.63
N ALA B 25 16.61 -26.90 27.72
CA ALA B 25 15.91 -27.80 26.82
C ALA B 25 15.92 -29.22 27.38
N SER B 26 14.79 -29.90 27.27
CA SER B 26 14.71 -31.27 27.78
C SER B 26 15.56 -32.24 26.97
N GLN B 27 15.97 -31.85 25.76
CA GLN B 27 16.84 -32.65 24.92
C GLN B 27 17.89 -31.75 24.27
N ASP B 28 18.79 -32.35 23.50
CA ASP B 28 19.85 -31.60 22.84
C ASP B 28 19.29 -30.87 21.64
N ILE B 29 19.51 -29.55 21.59
CA ILE B 29 19.00 -28.73 20.49
C ILE B 29 20.10 -28.17 19.60
N ASN B 30 21.36 -28.48 19.86
CA ASN B 30 22.47 -28.25 18.91
C ASN B 30 22.59 -26.79 18.50
N ASN B 31 22.50 -25.88 19.48
CA ASN B 31 22.66 -24.44 19.32
C ASN B 31 21.51 -23.77 18.59
N TYR B 32 20.49 -24.51 18.15
CA TYR B 32 19.36 -23.90 17.44
C TYR B 32 18.40 -23.33 18.48
N LEU B 33 18.75 -22.15 19.00
CA LEU B 33 17.95 -21.49 20.01
C LEU B 33 17.87 -20.00 19.69
N SER B 34 16.66 -19.45 19.78
CA SER B 34 16.41 -18.04 19.56
C SER B 34 15.87 -17.38 20.82
N TRP B 35 16.19 -16.10 20.99
CA TRP B 35 15.66 -15.29 22.07
C TRP B 35 14.81 -14.17 21.48
N TYR B 36 13.66 -13.90 22.09
CA TYR B 36 12.76 -12.86 21.64
C TYR B 36 12.49 -11.87 22.76
N GLN B 37 12.21 -10.62 22.37
CA GLN B 37 11.79 -9.57 23.29
C GLN B 37 10.38 -9.13 22.91
N GLN B 38 9.45 -9.22 23.86
CA GLN B 38 8.06 -8.85 23.59
C GLN B 38 7.63 -7.72 24.52
N LYS B 39 7.33 -6.57 23.94
CA LYS B 39 6.77 -5.47 24.71
C LYS B 39 5.27 -5.70 24.90
N PRO B 40 4.67 -5.15 25.96
CA PRO B 40 3.23 -5.33 26.17
C PRO B 40 2.44 -4.86 24.96
N GLY B 41 1.52 -5.71 24.49
CA GLY B 41 0.69 -5.39 23.36
C GLY B 41 1.36 -5.49 22.00
N LYS B 42 2.61 -5.92 21.93
CA LYS B 42 3.34 -5.99 20.68
C LYS B 42 3.72 -7.44 20.36
N ALA B 43 4.04 -7.67 19.10
CA ALA B 43 4.54 -8.99 18.70
C ALA B 43 5.95 -9.19 19.23
N PRO B 44 6.37 -10.43 19.46
CA PRO B 44 7.75 -10.68 19.88
C PRO B 44 8.73 -10.25 18.80
N LYS B 45 9.91 -9.82 19.23
CA LYS B 45 10.97 -9.35 18.35
C LYS B 45 12.20 -10.23 18.53
N PRO B 46 12.72 -10.86 17.49
CA PRO B 46 13.93 -11.68 17.65
C PRO B 46 15.14 -10.82 18.02
N LEU B 47 15.90 -11.30 19.01
CA LEU B 47 17.12 -10.66 19.45
C LEU B 47 18.37 -11.47 19.11
N ILE B 48 18.33 -12.78 19.31
CA ILE B 48 19.49 -13.65 19.14
C ILE B 48 19.03 -14.91 18.42
N TYR B 49 19.85 -15.38 17.49
CA TYR B 49 19.60 -16.63 16.78
C TYR B 49 20.84 -17.51 16.89
N TYR B 50 20.63 -18.81 16.69
CA TYR B 50 21.69 -19.82 16.83
C TYR B 50 22.43 -19.66 18.15
N ALA B 51 21.66 -19.41 19.22
CA ALA B 51 22.15 -19.36 20.60
C ALA B 51 22.98 -18.12 20.92
N SER B 52 23.85 -17.69 19.99
CA SER B 52 24.79 -16.63 20.31
C SER B 52 24.91 -15.54 19.26
N SER B 53 24.22 -15.65 18.12
CA SER B 53 24.34 -14.66 17.06
C SER B 53 23.30 -13.57 17.23
N LEU B 54 23.74 -12.31 17.20
CA LEU B 54 22.84 -11.18 17.37
C LEU B 54 22.09 -10.87 16.08
N GLU B 55 20.79 -10.66 16.19
CA GLU B 55 20.04 -10.13 15.06
C GLU B 55 20.53 -8.73 14.71
N THR B 56 20.38 -8.35 13.45
CA THR B 56 20.87 -7.06 12.99
C THR B 56 20.19 -5.92 13.75
N GLY B 57 20.99 -4.97 14.23
CA GLY B 57 20.47 -3.82 14.94
C GLY B 57 20.26 -4.02 16.43
N VAL B 58 20.52 -5.19 16.96
CA VAL B 58 20.35 -5.45 18.39
C VAL B 58 21.54 -4.87 19.14
N PRO B 59 21.33 -4.14 20.24
CA PRO B 59 22.47 -3.54 20.96
C PRO B 59 23.41 -4.62 21.50
N SER B 60 24.69 -4.26 21.56
CA SER B 60 25.72 -5.22 21.96
C SER B 60 25.62 -5.62 23.43
N ARG B 61 24.84 -4.90 24.24
CA ARG B 61 24.67 -5.30 25.63
C ARG B 61 23.90 -6.61 25.76
N PHE B 62 23.19 -7.03 24.72
CA PHE B 62 22.57 -8.34 24.69
C PHE B 62 23.56 -9.38 24.18
N SER B 63 23.61 -10.53 24.85
CA SER B 63 24.47 -11.61 24.42
C SER B 63 23.89 -12.94 24.86
N GLY B 64 24.23 -13.99 24.13
CA GLY B 64 23.79 -15.33 24.47
C GLY B 64 24.95 -16.30 24.49
N SER B 65 24.83 -17.31 25.33
CA SER B 65 25.89 -18.31 25.47
C SER B 65 25.28 -19.67 25.76
N ARG B 66 26.13 -20.70 25.75
CA ARG B 66 25.68 -22.06 26.02
C ARG B 66 26.70 -22.79 26.88
N SER B 67 26.20 -23.62 27.80
CA SER B 67 27.00 -24.54 28.59
C SER B 67 26.26 -25.87 28.58
N GLY B 68 26.66 -26.76 27.68
CA GLY B 68 25.98 -28.03 27.52
C GLY B 68 24.58 -27.87 26.97
N THR B 69 23.58 -28.26 27.78
CA THR B 69 22.18 -28.12 27.42
C THR B 69 21.53 -26.88 28.04
N ASP B 70 22.31 -26.03 28.70
CA ASP B 70 21.81 -24.80 29.30
C ASP B 70 22.18 -23.60 28.44
N TYR B 71 21.19 -22.75 28.17
CA TYR B 71 21.35 -21.56 27.33
C TYR B 71 20.98 -20.32 28.12
N THR B 72 21.78 -19.26 27.99
CA THR B 72 21.59 -18.05 28.78
C THR B 72 21.54 -16.81 27.89
N LEU B 73 20.61 -15.92 28.21
CA LEU B 73 20.57 -14.58 27.65
C LEU B 73 21.00 -13.59 28.72
N THR B 74 21.97 -12.74 28.40
CA THR B 74 22.54 -11.79 29.34
C THR B 74 22.42 -10.37 28.80
N ILE B 75 21.96 -9.46 29.66
CA ILE B 75 22.00 -8.03 29.39
C ILE B 75 23.07 -7.45 30.30
N SER B 76 24.14 -6.92 29.69
CA SER B 76 25.30 -6.52 30.48
C SER B 76 24.96 -5.37 31.42
N SER B 77 24.26 -4.35 30.93
CA SER B 77 23.84 -3.21 31.74
C SER B 77 22.42 -2.86 31.33
N LEU B 78 21.46 -3.24 32.17
CA LEU B 78 20.05 -3.02 31.85
C LEU B 78 19.77 -1.54 31.64
N GLN B 79 19.02 -1.22 30.59
CA GLN B 79 18.63 0.14 30.27
C GLN B 79 17.12 0.27 30.29
N LEU B 80 16.65 1.52 30.36
CA LEU B 80 15.22 1.79 30.51
C LEU B 80 14.40 1.15 29.41
N GLU B 81 14.92 1.14 28.18
CA GLU B 81 14.17 0.59 27.06
C GLU B 81 14.06 -0.93 27.10
N ASP B 82 14.76 -1.60 28.01
CA ASP B 82 14.87 -3.05 28.01
C ASP B 82 13.74 -3.77 28.75
N PHE B 83 12.78 -3.04 29.32
CA PHE B 83 11.65 -3.69 29.98
C PHE B 83 10.80 -4.45 28.95
N ALA B 84 10.50 -5.72 29.25
CA ALA B 84 9.74 -6.58 28.35
C ALA B 84 9.59 -7.99 28.92
N THR B 85 8.89 -8.86 28.20
CA THR B 85 8.89 -10.30 28.49
C THR B 85 9.76 -11.01 27.45
N TYR B 86 10.76 -11.75 27.92
CA TYR B 86 11.71 -12.43 27.04
C TYR B 86 11.40 -13.93 26.96
N TYR B 87 11.52 -14.49 25.74
CA TYR B 87 11.22 -15.89 25.47
C TYR B 87 12.38 -16.56 24.75
N CYS B 88 12.70 -17.79 25.14
CA CYS B 88 13.55 -18.65 24.34
C CYS B 88 12.70 -19.55 23.44
N GLN B 89 13.32 -20.05 22.37
CA GLN B 89 12.63 -20.89 21.41
C GLN B 89 13.63 -21.81 20.72
N GLN B 90 13.39 -23.11 20.76
CA GLN B 90 14.23 -24.06 20.04
C GLN B 90 13.65 -24.30 18.65
N TYR B 91 14.54 -24.45 17.67
CA TYR B 91 14.12 -24.83 16.33
C TYR B 91 15.02 -25.94 15.78
N ASN B 92 15.55 -26.77 16.68
CA ASN B 92 16.28 -27.96 16.25
C ASN B 92 15.35 -28.97 15.60
N ASN B 93 14.13 -29.12 16.12
CA ASN B 93 13.21 -30.09 15.59
C ASN B 93 11.77 -29.66 15.82
N SER B 94 10.88 -30.17 14.99
CA SER B 94 9.45 -29.93 15.09
C SER B 94 8.83 -30.86 16.13
N PRO B 95 7.83 -30.39 16.89
CA PRO B 95 7.25 -29.04 16.86
C PRO B 95 8.13 -28.01 17.57
N TYR B 96 8.24 -26.82 16.99
CA TYR B 96 8.98 -25.75 17.63
C TYR B 96 8.30 -25.34 18.92
N SER B 97 9.11 -25.09 19.96
CA SER B 97 8.57 -24.85 21.29
C SER B 97 9.29 -23.67 21.94
N PHE B 98 8.54 -22.97 22.78
CA PHE B 98 8.98 -21.77 23.49
C PHE B 98 9.13 -22.04 24.97
N GLY B 99 9.98 -21.25 25.62
CA GLY B 99 9.96 -21.15 27.06
C GLY B 99 8.75 -20.35 27.53
N GLN B 100 8.50 -20.39 28.83
CA GLN B 100 7.32 -19.74 29.42
C GLN B 100 7.47 -18.22 29.50
N GLY B 101 8.67 -17.69 29.36
CA GLY B 101 8.86 -16.26 29.36
C GLY B 101 9.39 -15.72 30.67
N THR B 102 10.07 -14.61 30.58
CA THR B 102 10.56 -13.98 31.74
C THR B 102 10.20 -12.52 31.70
N LYS B 103 9.35 -12.09 32.62
CA LYS B 103 8.98 -10.69 32.71
C LYS B 103 10.16 -9.88 33.24
N VAL B 104 10.35 -8.69 32.67
CA VAL B 104 11.33 -7.80 33.17
C VAL B 104 10.85 -6.41 33.44
N GLU B 105 10.95 -6.02 34.69
CA GLU B 105 10.54 -4.72 35.12
C GLU B 105 11.67 -3.96 35.81
N ILE B 106 11.61 -2.65 35.71
CA ILE B 106 12.65 -1.75 36.12
C ILE B 106 12.39 -1.17 37.50
N LYS B 107 13.38 -1.21 38.37
CA LYS B 107 13.31 -0.60 39.69
C LYS B 107 13.53 0.90 39.61
N ARG B 108 12.82 1.64 40.48
CA ARG B 108 12.98 3.09 40.57
C ARG B 108 12.69 3.53 42.00
N THR B 109 12.85 4.82 42.25
CA THR B 109 12.63 5.36 43.59
C THR B 109 11.15 5.36 43.95
N VAL B 110 10.87 5.32 45.26
CA VAL B 110 9.50 5.32 45.72
C VAL B 110 8.80 6.61 45.27
N ALA B 111 7.56 6.46 44.79
CA ALA B 111 6.77 7.59 44.32
C ALA B 111 5.35 7.46 44.86
N ALA B 112 4.87 8.51 45.53
CA ALA B 112 3.54 8.46 46.12
C ALA B 112 2.47 8.68 45.07
N PRO B 113 1.32 8.03 45.19
CA PRO B 113 0.25 8.23 44.21
C PRO B 113 -0.50 9.54 44.44
N SER B 114 -0.94 10.12 43.33
CA SER B 114 -1.94 11.18 43.37
C SER B 114 -3.31 10.54 43.26
N VAL B 115 -4.22 10.93 44.14
CA VAL B 115 -5.50 10.24 44.31
C VAL B 115 -6.65 11.12 43.83
N PHE B 116 -7.56 10.52 43.08
CA PHE B 116 -8.75 11.20 42.58
C PHE B 116 -9.95 10.26 42.71
N ILE B 117 -11.11 10.83 43.03
CA ILE B 117 -12.34 10.07 43.09
C ILE B 117 -13.35 10.68 42.13
N PHE B 118 -14.13 9.83 41.47
CA PHE B 118 -15.08 10.28 40.45
C PHE B 118 -16.50 9.95 40.87
N PRO B 119 -17.36 10.93 41.12
CA PRO B 119 -18.76 10.63 41.37
C PRO B 119 -19.42 10.08 40.12
N PRO B 120 -20.41 9.22 40.26
CA PRO B 120 -21.13 8.72 39.09
C PRO B 120 -21.95 9.83 38.45
N SER B 121 -22.02 9.82 37.13
CA SER B 121 -22.82 10.82 36.44
C SER B 121 -24.30 10.51 36.63
N GLU B 122 -25.13 11.54 36.44
CA GLU B 122 -26.58 11.31 36.50
C GLU B 122 -27.02 10.35 35.41
N ASP B 123 -26.35 10.36 34.25
CA ASP B 123 -26.69 9.38 33.21
C ASP B 123 -26.47 7.97 33.73
N GLN B 124 -25.41 7.76 34.49
CA GLN B 124 -25.15 6.44 35.05
C GLN B 124 -26.18 6.07 36.11
N VAL B 125 -26.56 7.03 36.97
CA VAL B 125 -27.57 6.74 37.98
C VAL B 125 -28.86 6.29 37.32
N LYS B 126 -29.20 6.89 36.18
CA LYS B 126 -30.40 6.57 35.43
C LYS B 126 -30.42 5.13 34.93
N SER B 127 -29.26 4.48 34.86
CA SER B 127 -29.14 3.14 34.31
C SER B 127 -29.46 2.04 35.31
N GLY B 128 -29.65 2.37 36.59
CA GLY B 128 -29.93 1.38 37.59
C GLY B 128 -28.71 0.76 38.24
N THR B 129 -27.53 0.98 37.67
CA THR B 129 -26.27 0.49 38.22
C THR B 129 -25.26 1.62 38.18
N VAL B 130 -24.51 1.77 39.27
CA VAL B 130 -23.60 2.89 39.46
C VAL B 130 -22.19 2.35 39.71
N SER B 131 -21.19 3.03 39.15
CA SER B 131 -19.78 2.71 39.38
C SER B 131 -19.10 3.94 39.96
N VAL B 132 -18.44 3.79 41.11
CA VAL B 132 -17.63 4.85 41.71
C VAL B 132 -16.17 4.48 41.46
N VAL B 133 -15.43 5.39 40.82
CA VAL B 133 -14.06 5.12 40.41
C VAL B 133 -13.11 5.95 41.25
N CYS B 134 -12.13 5.27 41.85
CA CYS B 134 -11.02 5.92 42.52
C CYS B 134 -9.73 5.63 41.75
N LEU B 135 -8.96 6.68 41.49
CA LEU B 135 -7.75 6.61 40.65
C LEU B 135 -6.51 6.89 41.49
N LEU B 136 -5.53 6.01 41.36
CA LEU B 136 -4.19 6.19 41.94
C LEU B 136 -3.22 6.37 40.78
N ASN B 137 -2.57 7.52 40.70
CA ASN B 137 -1.81 7.90 39.51
C ASN B 137 -0.32 7.96 39.80
N ASN B 138 0.46 7.27 38.95
CA ASN B 138 1.92 7.42 38.84
C ASN B 138 2.62 7.18 40.19
N PHE B 139 2.57 5.93 40.64
CA PHE B 139 3.19 5.56 41.90
C PHE B 139 4.12 4.36 41.70
N TYR B 140 5.00 4.18 42.68
CA TYR B 140 5.92 3.05 42.75
C TYR B 140 6.30 2.86 44.20
N PRO B 141 6.37 1.62 44.72
CA PRO B 141 6.18 0.37 43.97
C PRO B 141 4.72 0.04 43.67
N ARG B 142 4.51 -1.11 43.01
CA ARG B 142 3.18 -1.51 42.56
C ARG B 142 2.23 -1.74 43.73
N GLU B 143 2.74 -2.22 44.87
CA GLU B 143 1.88 -2.59 45.98
C GLU B 143 1.17 -1.37 46.56
N ALA B 144 -0.16 -1.43 46.65
CA ALA B 144 -0.95 -0.34 47.21
C ALA B 144 -2.25 -0.91 47.75
N SER B 145 -2.81 -0.23 48.76
CA SER B 145 -4.04 -0.64 49.40
C SER B 145 -5.08 0.47 49.25
N VAL B 146 -6.25 0.11 48.75
CA VAL B 146 -7.34 1.06 48.54
C VAL B 146 -8.54 0.58 49.32
N LYS B 147 -9.01 1.42 50.24
CA LYS B 147 -10.16 1.10 51.08
C LYS B 147 -11.34 1.97 50.67
N TRP B 148 -12.50 1.34 50.51
CA TRP B 148 -13.73 2.06 50.23
C TRP B 148 -14.49 2.30 51.53
N LYS B 149 -14.90 3.54 51.75
CA LYS B 149 -15.70 3.91 52.91
C LYS B 149 -17.00 4.55 52.46
N VAL B 150 -18.11 4.08 53.01
CA VAL B 150 -19.43 4.61 52.68
C VAL B 150 -20.07 5.07 53.98
N ASP B 151 -20.35 6.37 54.09
CA ASP B 151 -20.77 7.00 55.33
C ASP B 151 -19.81 6.64 56.47
N GLY B 152 -18.52 6.59 56.15
CA GLY B 152 -17.49 6.27 57.11
C GLY B 152 -17.30 4.80 57.42
N ALA B 153 -18.16 3.92 56.92
CA ALA B 153 -18.09 2.49 57.19
C ALA B 153 -17.39 1.78 56.05
N LEU B 154 -16.44 0.91 56.39
CA LEU B 154 -15.68 0.17 55.39
C LEU B 154 -16.58 -0.81 54.63
N LYS B 155 -16.46 -0.79 53.30
CA LYS B 155 -17.22 -1.65 52.40
C LYS B 155 -16.22 -2.53 51.64
N THR B 156 -16.38 -3.86 51.75
CA THR B 156 -15.40 -4.78 51.17
C THR B 156 -15.98 -5.77 50.16
N GLY B 157 -17.20 -5.59 49.68
CA GLY B 157 -17.71 -6.59 48.77
C GLY B 157 -17.77 -6.33 47.28
N ASN B 158 -17.90 -5.08 46.86
CA ASN B 158 -18.31 -4.79 45.50
C ASN B 158 -17.29 -3.96 44.72
N SER B 159 -16.00 -4.27 44.84
CA SER B 159 -14.99 -3.48 44.13
C SER B 159 -14.00 -4.39 43.40
N GLN B 160 -13.49 -3.89 42.28
CA GLN B 160 -12.45 -4.54 41.50
C GLN B 160 -11.36 -3.54 41.16
N GLU B 161 -10.12 -4.02 41.09
CA GLU B 161 -8.97 -3.17 40.81
C GLU B 161 -8.34 -3.54 39.47
N SER B 162 -7.76 -2.52 38.82
CA SER B 162 -7.05 -2.73 37.57
C SER B 162 -5.81 -1.85 37.56
N VAL B 163 -4.69 -2.42 37.13
CA VAL B 163 -3.39 -1.75 37.17
C VAL B 163 -2.81 -1.72 35.76
N THR B 164 -2.19 -0.58 35.41
CA THR B 164 -1.50 -0.46 34.13
C THR B 164 -0.18 -1.22 34.16
N GLU B 165 0.42 -1.38 32.97
CA GLU B 165 1.81 -1.78 32.91
C GLU B 165 2.70 -0.62 33.34
N GLN B 166 3.95 -0.93 33.65
CA GLN B 166 4.89 0.10 34.05
C GLN B 166 5.07 1.12 32.93
N ASP B 167 5.04 2.40 33.29
CA ASP B 167 5.16 3.45 32.29
C ASP B 167 6.55 3.46 31.67
N SER B 168 6.61 3.67 30.36
CA SER B 168 7.88 3.59 29.65
C SER B 168 8.80 4.76 29.99
N LYS B 169 8.25 5.87 30.47
CA LYS B 169 9.06 7.04 30.83
C LYS B 169 9.47 7.00 32.29
N ASP B 170 8.53 7.30 33.18
CA ASP B 170 8.83 7.45 34.60
C ASP B 170 8.77 6.13 35.37
N ASN B 171 8.49 5.02 34.71
CA ASN B 171 8.50 3.69 35.33
C ASN B 171 7.52 3.58 36.50
N THR B 172 6.48 4.40 36.51
CA THR B 172 5.47 4.32 37.56
C THR B 172 4.30 3.45 37.12
N TYR B 173 3.45 3.11 38.09
CA TYR B 173 2.20 2.41 37.82
C TYR B 173 1.02 3.34 38.10
N SER B 174 -0.12 2.99 37.52
CA SER B 174 -1.38 3.61 37.86
C SER B 174 -2.39 2.51 38.15
N LEU B 175 -3.41 2.86 38.94
CA LEU B 175 -4.36 1.87 39.42
C LEU B 175 -5.75 2.50 39.49
N SER B 176 -6.76 1.72 39.11
CA SER B 176 -8.14 2.12 39.27
C SER B 176 -8.83 1.11 40.18
N SER B 177 -9.66 1.62 41.10
CA SER B 177 -10.53 0.80 41.92
C SER B 177 -11.96 1.27 41.70
N THR B 178 -12.83 0.34 41.31
CA THR B 178 -14.19 0.66 40.90
C THR B 178 -15.17 -0.04 41.82
N LEU B 179 -16.00 0.74 42.50
CA LEU B 179 -17.04 0.22 43.38
C LEU B 179 -18.37 0.25 42.64
N THR B 180 -18.99 -0.91 42.47
CA THR B 180 -20.24 -1.05 41.72
C THR B 180 -21.40 -1.29 42.66
N LEU B 181 -22.42 -0.47 42.55
CA LEU B 181 -23.60 -0.55 43.39
C LEU B 181 -24.84 -0.41 42.54
N SER B 182 -25.94 -1.00 43.01
CA SER B 182 -27.22 -0.69 42.42
C SER B 182 -27.58 0.78 42.71
N SER B 183 -28.45 1.33 41.88
CA SER B 183 -28.85 2.72 42.08
C SER B 183 -29.55 2.91 43.42
N THR B 184 -30.39 1.95 43.82
CA THR B 184 -31.05 2.05 45.12
C THR B 184 -30.04 2.07 46.25
N GLU B 185 -29.11 1.11 46.26
CA GLU B 185 -28.07 1.09 47.28
C GLU B 185 -27.28 2.39 47.29
N TYR B 186 -26.95 2.91 46.10
CA TYR B 186 -26.17 4.14 46.01
C TYR B 186 -26.91 5.33 46.60
N GLN B 187 -28.22 5.42 46.39
CA GLN B 187 -29.00 6.55 46.86
C GLN B 187 -29.32 6.48 48.35
N SER B 188 -28.93 5.42 49.04
CA SER B 188 -29.23 5.27 50.46
C SER B 188 -28.07 5.71 51.35
N HIS B 189 -27.04 6.33 50.79
CA HIS B 189 -25.90 6.79 51.55
C HIS B 189 -25.47 8.15 51.02
N LYS B 190 -24.71 8.89 51.85
CA LYS B 190 -24.26 10.24 51.50
C LYS B 190 -22.80 10.28 51.08
N VAL B 191 -21.88 9.87 51.96
CA VAL B 191 -20.46 10.11 51.79
C VAL B 191 -19.81 8.87 51.18
N TYR B 192 -19.13 9.04 50.05
CA TYR B 192 -18.36 7.98 49.41
C TYR B 192 -16.90 8.39 49.35
N ALA B 193 -16.03 7.55 49.92
CA ALA B 193 -14.62 7.88 50.03
C ALA B 193 -13.77 6.65 49.72
N CYS B 194 -12.62 6.87 49.08
CA CYS B 194 -11.58 5.85 48.95
C CYS B 194 -10.38 6.29 49.78
N GLU B 195 -9.87 5.37 50.59
CA GLU B 195 -8.71 5.61 51.45
C GLU B 195 -7.56 4.75 50.97
N VAL B 196 -6.46 5.39 50.59
CA VAL B 196 -5.33 4.71 49.98
C VAL B 196 -4.12 4.81 50.91
N THR B 197 -3.47 3.67 51.14
CA THR B 197 -2.21 3.61 51.86
C THR B 197 -1.13 3.12 50.90
N HIS B 198 0.02 3.79 50.95
CA HIS B 198 1.13 3.48 50.06
C HIS B 198 2.43 3.83 50.74
N GLN B 199 3.50 3.15 50.32
CA GLN B 199 4.80 3.31 50.97
C GLN B 199 5.37 4.72 50.80
N GLY B 200 4.93 5.46 49.81
CA GLY B 200 5.33 6.84 49.62
C GLY B 200 4.53 7.88 50.36
N LEU B 201 3.53 7.48 51.13
CA LEU B 201 2.62 8.41 51.81
C LEU B 201 2.94 8.44 53.30
N SER B 202 3.20 9.64 53.82
CA SER B 202 3.48 9.79 55.24
C SER B 202 2.25 9.45 56.08
N SER B 203 1.07 9.77 55.57
CA SER B 203 -0.20 9.47 56.22
C SER B 203 -1.20 9.06 55.15
N PRO B 204 -2.22 8.28 55.51
CA PRO B 204 -3.22 7.87 54.52
C PRO B 204 -3.98 9.08 53.97
N VAL B 205 -4.29 9.04 52.68
CA VAL B 205 -5.05 10.09 52.01
C VAL B 205 -6.40 9.51 51.58
N THR B 206 -7.45 10.24 51.87
CA THR B 206 -8.80 9.85 51.48
C THR B 206 -9.42 10.96 50.64
N LYS B 207 -10.08 10.58 49.55
CA LYS B 207 -10.82 11.50 48.72
C LYS B 207 -12.28 11.11 48.76
N SER B 208 -13.16 12.10 48.88
CA SER B 208 -14.57 11.82 49.06
C SER B 208 -15.43 12.80 48.26
N PHE B 209 -16.69 12.42 48.09
CA PHE B 209 -17.72 13.31 47.58
C PHE B 209 -19.02 12.98 48.32
N ASN B 210 -19.95 13.93 48.30
CA ASN B 210 -21.28 13.74 48.86
C ASN B 210 -22.28 13.55 47.74
N ARG B 211 -22.95 12.40 47.74
CA ARG B 211 -23.93 12.12 46.71
C ARG B 211 -25.05 13.15 46.73
N GLY B 212 -25.42 13.64 45.55
CA GLY B 212 -26.46 14.63 45.42
C GLY B 212 -26.05 16.03 45.79
N GLU B 213 -24.77 16.26 46.04
CA GLU B 213 -24.27 17.60 46.32
C GLU B 213 -23.32 18.06 45.21
N GLN C 1 28.16 32.08 -3.08
CA GLN C 1 26.78 32.26 -3.51
C GLN C 1 26.00 30.94 -3.39
N VAL C 2 26.72 29.86 -3.06
CA VAL C 2 26.07 28.59 -2.79
C VAL C 2 25.20 28.73 -1.55
N GLN C 3 23.93 28.36 -1.68
CA GLN C 3 22.99 28.48 -0.57
C GLN C 3 22.11 27.24 -0.49
N LEU C 4 21.90 26.78 0.74
CA LEU C 4 21.04 25.64 1.05
C LEU C 4 19.89 26.11 1.92
N GLN C 5 18.72 25.51 1.71
CA GLN C 5 17.53 25.91 2.46
C GLN C 5 16.66 24.68 2.68
N GLU C 6 16.47 24.32 3.95
CA GLU C 6 15.58 23.23 4.32
C GLU C 6 14.15 23.73 4.47
N SER C 7 13.19 22.89 4.11
CA SER C 7 11.79 23.20 4.34
C SER C 7 11.02 21.91 4.50
N GLY C 8 9.85 22.01 5.13
CA GLY C 8 9.01 20.87 5.37
C GLY C 8 8.18 21.07 6.62
N PRO C 9 7.21 20.18 6.85
CA PRO C 9 6.32 20.35 8.01
C PRO C 9 7.08 20.24 9.33
N GLY C 10 6.91 21.24 10.18
CA GLY C 10 7.57 21.27 11.47
C GLY C 10 6.89 20.48 12.58
N LEU C 11 5.86 19.71 12.25
CA LEU C 11 5.14 18.90 13.24
C LEU C 11 4.75 17.58 12.59
N VAL C 12 5.15 16.47 13.21
CA VAL C 12 4.84 15.13 12.70
C VAL C 12 4.29 14.29 13.85
N LYS C 13 3.26 13.49 13.56
CA LYS C 13 2.70 12.61 14.57
C LYS C 13 3.60 11.39 14.79
N PRO C 14 3.68 10.87 16.01
CA PRO C 14 4.49 9.68 16.26
C PRO C 14 4.03 8.49 15.42
N SER C 15 4.99 7.65 15.05
CA SER C 15 4.89 6.51 14.14
C SER C 15 4.65 6.91 12.69
N GLU C 16 4.54 8.21 12.39
CA GLU C 16 4.35 8.65 11.02
C GLU C 16 5.71 9.04 10.43
N THR C 17 5.70 9.68 9.27
CA THR C 17 6.91 9.90 8.49
C THR C 17 7.31 11.37 8.49
N LEU C 18 8.58 11.62 8.79
CA LEU C 18 9.15 12.96 8.68
C LEU C 18 9.75 13.14 7.29
N SER C 19 9.35 14.21 6.61
CA SER C 19 9.78 14.48 5.25
C SER C 19 10.25 15.93 5.14
N LEU C 20 11.47 16.11 4.66
CA LEU C 20 12.06 17.43 4.49
C LEU C 20 12.69 17.53 3.10
N THR C 21 12.77 18.76 2.60
CA THR C 21 13.38 19.05 1.31
C THR C 21 14.47 20.10 1.49
N CYS C 22 15.59 19.92 0.78
CA CYS C 22 16.68 20.89 0.75
C CYS C 22 16.77 21.44 -0.68
N ALA C 23 16.53 22.73 -0.83
CA ALA C 23 16.67 23.42 -2.10
C ALA C 23 18.04 24.07 -2.16
N VAL C 24 18.76 23.84 -3.26
CA VAL C 24 20.14 24.29 -3.43
C VAL C 24 20.17 25.32 -4.54
N SER C 25 20.84 26.45 -4.27
CA SER C 25 21.01 27.53 -5.23
C SER C 25 22.48 27.84 -5.40
N GLY C 26 22.85 28.27 -6.60
CA GLY C 26 24.23 28.63 -6.90
C GLY C 26 25.19 27.46 -6.94
N ASP C 27 24.71 26.25 -7.17
CA ASP C 27 25.53 25.05 -7.17
C ASP C 27 24.71 23.91 -7.77
N SER C 28 25.40 22.85 -8.18
CA SER C 28 24.76 21.68 -8.77
C SER C 28 24.90 20.48 -7.84
N ILE C 29 23.79 19.80 -7.57
CA ILE C 29 23.82 18.68 -6.65
C ILE C 29 24.37 17.45 -7.37
N SER C 30 24.64 17.59 -8.67
CA SER C 30 25.24 16.52 -9.46
C SER C 30 26.74 16.38 -9.23
N SER C 31 27.33 17.23 -8.41
CA SER C 31 28.74 17.12 -8.05
C SER C 31 28.84 17.13 -6.52
N ASN C 32 29.95 16.57 -6.03
CA ASN C 32 30.27 16.57 -4.60
C ASN C 32 29.25 15.76 -3.81
N TYR C 33 29.23 15.95 -2.49
CA TYR C 33 28.40 15.15 -1.60
C TYR C 33 27.47 16.05 -0.78
N TRP C 34 26.31 15.51 -0.43
CA TRP C 34 25.26 16.26 0.23
C TRP C 34 24.70 15.42 1.37
N SER C 35 24.58 16.03 2.55
CA SER C 35 24.25 15.30 3.77
C SER C 35 23.02 15.88 4.47
N TRP C 36 22.44 15.07 5.34
CA TRP C 36 21.49 15.52 6.34
C TRP C 36 22.11 15.32 7.72
N ILE C 37 21.91 16.30 8.59
CA ILE C 37 22.46 16.33 9.95
C ILE C 37 21.35 16.81 10.88
N ARG C 38 21.26 16.26 12.09
CA ARG C 38 20.25 16.73 13.03
C ARG C 38 20.84 17.02 14.40
N GLN C 39 20.11 17.85 15.15
CA GLN C 39 20.58 18.33 16.46
C GLN C 39 19.37 18.47 17.38
N PRO C 40 19.16 17.53 18.30
CA PRO C 40 18.04 17.67 19.23
C PRO C 40 18.22 18.88 20.11
N PRO C 41 17.12 19.46 20.61
CA PRO C 41 17.22 20.69 21.42
C PRO C 41 18.18 20.53 22.58
N GLY C 42 19.16 21.43 22.66
CA GLY C 42 20.14 21.43 23.73
C GLY C 42 21.19 20.34 23.67
N LYS C 43 21.25 19.55 22.60
CA LYS C 43 22.16 18.42 22.53
C LYS C 43 23.13 18.58 21.37
N GLY C 44 23.89 17.52 21.08
CA GLY C 44 24.91 17.54 20.06
C GLY C 44 24.35 17.22 18.67
N LEU C 45 25.28 16.94 17.76
CA LEU C 45 24.99 16.78 16.35
C LEU C 45 25.11 15.31 15.95
N GLU C 46 24.27 14.89 15.03
CA GLU C 46 24.25 13.51 14.55
C GLU C 46 24.12 13.52 13.04
N TRP C 47 25.06 12.87 12.37
CA TRP C 47 25.01 12.70 10.92
C TRP C 47 24.01 11.61 10.56
N ILE C 48 23.13 11.90 9.61
CA ILE C 48 22.06 10.97 9.21
C ILE C 48 22.46 10.16 7.98
N GLY C 49 22.91 10.82 6.93
CA GLY C 49 23.14 10.15 5.67
C GLY C 49 23.62 11.14 4.63
N ARG C 50 24.09 10.59 3.52
CA ARG C 50 24.73 11.36 2.47
C ARG C 50 24.51 10.67 1.12
N PHE C 51 24.47 11.45 0.05
CA PHE C 51 24.52 10.89 -1.29
C PHE C 51 25.62 11.56 -2.09
N SER C 52 26.17 10.81 -3.03
CA SER C 52 27.21 11.29 -3.93
C SER C 52 26.55 11.81 -5.20
N GLY C 53 26.67 13.12 -5.44
CA GLY C 53 26.00 13.72 -6.57
C GLY C 53 26.46 13.16 -7.91
N SER C 54 27.72 12.73 -7.99
CA SER C 54 28.23 12.14 -9.22
C SER C 54 27.76 10.71 -9.40
N GLY C 55 27.93 9.86 -8.39
CA GLY C 55 27.64 8.45 -8.54
C GLY C 55 26.27 7.98 -8.08
N GLY C 56 25.46 8.86 -7.51
CA GLY C 56 24.16 8.47 -7.00
C GLY C 56 24.18 7.53 -5.81
N SER C 57 25.35 7.12 -5.33
CA SER C 57 25.43 6.25 -4.16
C SER C 57 24.92 6.96 -2.92
N THR C 58 24.36 6.18 -2.01
CA THR C 58 23.91 6.68 -0.73
C THR C 58 24.65 5.96 0.40
N ASP C 59 24.70 6.61 1.56
CA ASP C 59 25.35 6.05 2.74
C ASP C 59 24.64 6.62 3.96
N PHE C 60 24.32 5.76 4.93
CA PHE C 60 23.50 6.15 6.07
C PHE C 60 24.16 5.74 7.38
N ASN C 61 23.95 6.56 8.40
CA ASN C 61 24.36 6.19 9.76
C ASN C 61 23.66 4.90 10.17
N PRO C 62 24.39 3.88 10.62
CA PRO C 62 23.73 2.64 11.05
C PRO C 62 22.70 2.82 12.15
N SER C 63 22.76 3.92 12.92
CA SER C 63 21.75 4.16 13.95
C SER C 63 20.37 4.42 13.35
N LEU C 64 20.30 4.85 12.08
CA LEU C 64 19.02 5.17 11.46
C LEU C 64 18.79 4.45 10.13
N LYS C 65 19.75 3.64 9.67
CA LYS C 65 19.71 3.13 8.30
C LYS C 65 18.40 2.41 7.98
N SER C 66 17.84 1.68 8.94
CA SER C 66 16.68 0.87 8.66
C SER C 66 15.41 1.68 8.42
N ARG C 67 15.40 2.97 8.79
CA ARG C 67 14.17 3.75 8.72
C ARG C 67 14.32 5.04 7.93
N VAL C 68 15.40 5.19 7.18
CA VAL C 68 15.70 6.48 6.56
C VAL C 68 16.06 6.25 5.10
N THR C 69 15.58 7.16 4.24
CA THR C 69 15.98 7.20 2.84
C THR C 69 16.22 8.64 2.44
N ILE C 70 16.90 8.80 1.30
CA ILE C 70 17.17 10.09 0.70
C ILE C 70 16.80 9.99 -0.77
N SER C 71 16.13 11.00 -1.28
CA SER C 71 15.78 11.06 -2.69
C SER C 71 16.34 12.34 -3.29
N THR C 72 16.51 12.34 -4.60
CA THR C 72 17.11 13.48 -5.28
C THR C 72 16.30 13.84 -6.53
N ASP C 73 16.36 15.12 -6.90
CA ASP C 73 15.74 15.62 -8.13
C ASP C 73 16.71 16.62 -8.75
N THR C 74 17.58 16.13 -9.64
CA THR C 74 18.57 16.99 -10.27
C THR C 74 17.91 18.10 -11.09
N SER C 75 16.76 17.82 -11.69
CA SER C 75 16.06 18.79 -12.51
C SER C 75 15.77 20.07 -11.73
N LYS C 76 15.38 19.94 -10.46
CA LYS C 76 15.08 21.08 -9.60
C LYS C 76 16.23 21.43 -8.67
N ASN C 77 17.33 20.69 -8.70
CA ASN C 77 18.45 20.90 -7.79
C ASN C 77 17.99 20.81 -6.33
N GLN C 78 17.19 19.79 -6.03
CA GLN C 78 16.68 19.56 -4.68
C GLN C 78 16.93 18.12 -4.28
N PHE C 79 17.06 17.89 -2.98
CA PHE C 79 17.06 16.54 -2.46
C PHE C 79 16.23 16.51 -1.18
N SER C 80 15.89 15.30 -0.76
CA SER C 80 14.89 15.09 0.28
C SER C 80 15.41 14.10 1.31
N LEU C 81 14.78 14.16 2.48
CA LEU C 81 14.98 13.23 3.59
C LEU C 81 13.64 12.63 3.94
N ASN C 82 13.60 11.30 4.11
CA ASN C 82 12.38 10.60 4.51
C ASN C 82 12.72 9.68 5.68
N LEU C 83 12.22 10.04 6.87
CA LEU C 83 12.50 9.30 8.11
C LEU C 83 11.20 8.70 8.62
N ARG C 84 11.15 7.38 8.75
CA ARG C 84 9.93 6.66 9.07
C ARG C 84 9.82 6.35 10.56
N SER C 85 8.58 6.10 10.99
CA SER C 85 8.28 5.59 12.32
C SER C 85 8.86 6.48 13.42
N VAL C 86 8.61 7.79 13.31
CA VAL C 86 9.28 8.74 14.18
C VAL C 86 8.71 8.63 15.60
N THR C 87 9.56 8.97 16.58
CA THR C 87 9.15 9.13 17.97
C THR C 87 9.66 10.47 18.49
N ALA C 88 9.47 10.72 19.78
CA ALA C 88 9.97 11.96 20.37
C ALA C 88 11.49 12.06 20.28
N ALA C 89 12.20 10.93 20.21
CA ALA C 89 13.64 10.96 20.00
C ALA C 89 14.06 11.56 18.68
N ASP C 90 13.13 11.76 17.74
CA ASP C 90 13.46 12.35 16.46
C ASP C 90 13.17 13.85 16.41
N THR C 91 12.64 14.43 17.48
CA THR C 91 12.51 15.88 17.57
C THR C 91 13.89 16.52 17.55
N ALA C 92 14.12 17.43 16.61
CA ALA C 92 15.45 18.01 16.42
C ALA C 92 15.37 19.11 15.37
N VAL C 93 16.43 19.90 15.34
CA VAL C 93 16.69 20.77 14.18
C VAL C 93 17.40 19.94 13.14
N TYR C 94 16.90 19.93 11.91
CA TYR C 94 17.47 19.15 10.83
C TYR C 94 18.17 20.10 9.86
N TYR C 95 19.44 19.80 9.54
CA TYR C 95 20.24 20.58 8.62
C TYR C 95 20.58 19.76 7.39
N CYS C 96 20.63 20.42 6.23
CA CYS C 96 21.30 19.85 5.07
C CYS C 96 22.63 20.56 4.86
N ALA C 97 23.57 19.86 4.22
CA ALA C 97 24.93 20.37 4.14
C ALA C 97 25.63 19.84 2.90
N LYS C 98 26.59 20.62 2.41
CA LYS C 98 27.43 20.22 1.29
C LYS C 98 28.81 19.82 1.78
N THR C 99 29.40 18.81 1.15
CA THR C 99 30.71 18.30 1.52
C THR C 99 31.56 18.08 0.28
N TYR C 100 32.79 18.59 0.30
CA TYR C 100 33.75 18.29 -0.75
C TYR C 100 34.46 16.97 -0.50
N SER C 101 34.97 16.79 0.69
CA SER C 101 35.52 15.54 1.10
C SER C 101 34.81 14.86 2.24
N GLY C 102 35.06 15.31 3.45
CA GLY C 102 34.45 14.83 4.67
C GLY C 102 33.90 15.89 5.61
N THR C 103 34.23 17.12 5.33
CA THR C 103 33.81 18.25 6.14
C THR C 103 32.45 18.75 5.66
N PHE C 104 31.64 19.25 6.60
CA PHE C 104 30.41 19.94 6.25
C PHE C 104 30.75 21.43 6.13
N ASP C 105 31.06 21.88 4.91
CA ASP C 105 31.55 23.24 4.75
C ASP C 105 30.48 24.25 4.33
N TYR C 106 29.30 23.80 3.92
CA TYR C 106 28.18 24.71 3.69
C TYR C 106 26.94 24.09 4.33
N TRP C 107 26.23 24.87 5.15
CA TRP C 107 25.07 24.38 5.88
C TRP C 107 23.85 25.22 5.53
N GLY C 108 22.68 24.60 5.55
CA GLY C 108 21.45 25.34 5.53
C GLY C 108 21.19 25.98 6.88
N GLN C 109 20.08 26.72 6.96
CA GLN C 109 19.74 27.40 8.20
C GLN C 109 19.15 26.46 9.25
N GLY C 110 18.66 25.29 8.85
CA GLY C 110 18.06 24.35 9.79
C GLY C 110 16.57 24.52 9.96
N VAL C 111 15.84 23.43 10.12
CA VAL C 111 14.40 23.49 10.36
C VAL C 111 14.07 22.60 11.56
N LEU C 112 13.32 23.15 12.49
CA LEU C 112 12.90 22.38 13.66
C LEU C 112 11.71 21.50 13.29
N VAL C 113 11.78 20.23 13.68
CA VAL C 113 10.67 19.31 13.53
C VAL C 113 10.37 18.76 14.91
N THR C 114 9.13 18.89 15.34
CA THR C 114 8.64 18.36 16.61
C THR C 114 7.79 17.13 16.32
N VAL C 115 8.05 16.05 17.05
CA VAL C 115 7.24 14.84 16.96
C VAL C 115 6.28 14.83 18.15
N SER C 116 4.99 14.90 17.87
CA SER C 116 3.98 14.99 18.92
C SER C 116 2.61 14.71 18.32
N SER C 117 1.71 14.21 19.15
CA SER C 117 0.33 14.03 18.73
C SER C 117 -0.49 15.30 18.83
N ALA C 118 0.00 16.33 19.51
CA ALA C 118 -0.80 17.52 19.77
C ALA C 118 -1.03 18.32 18.49
N SER C 119 -2.09 19.11 18.49
CA SER C 119 -2.49 19.88 17.33
C SER C 119 -1.83 21.25 17.33
N THR C 120 -1.68 21.81 16.14
CA THR C 120 -1.15 23.17 16.00
C THR C 120 -2.14 24.16 16.59
N LYS C 121 -1.61 25.13 17.35
CA LYS C 121 -2.43 26.19 17.93
C LYS C 121 -1.69 27.52 17.82
N GLY C 122 -2.37 28.54 17.29
CA GLY C 122 -1.78 29.86 17.15
C GLY C 122 -1.70 30.59 18.49
N PRO C 123 -0.82 31.57 18.58
CA PRO C 123 -0.62 32.27 19.86
C PRO C 123 -1.60 33.39 20.08
N SER C 124 -1.84 33.68 21.36
CA SER C 124 -2.42 34.93 21.79
C SER C 124 -1.28 35.90 22.12
N VAL C 125 -1.46 37.17 21.77
CA VAL C 125 -0.41 38.17 21.91
C VAL C 125 -0.93 39.32 22.76
N PHE C 126 -0.23 39.61 23.86
CA PHE C 126 -0.63 40.69 24.75
C PHE C 126 0.49 41.70 24.91
N PRO C 127 0.19 42.99 24.86
CA PRO C 127 1.24 44.00 25.06
C PRO C 127 1.72 44.03 26.50
N LEU C 128 3.00 44.32 26.67
CA LEU C 128 3.61 44.56 27.98
C LEU C 128 4.04 46.02 28.01
N ALA C 129 3.35 46.84 28.78
CA ALA C 129 3.61 48.27 28.79
C ALA C 129 3.76 48.78 30.22
N PRO C 130 4.59 49.80 30.44
CA PRO C 130 4.69 50.38 31.77
C PRO C 130 3.59 51.40 32.04
N SER C 136 12.11 61.49 34.41
CA SER C 136 13.49 61.51 34.86
C SER C 136 14.24 60.25 34.43
N GLU C 137 13.62 59.09 34.65
CA GLU C 137 14.22 57.82 34.26
C GLU C 137 14.30 57.73 32.74
N SER C 138 15.51 57.67 32.22
CA SER C 138 15.73 57.89 30.79
C SER C 138 15.30 56.68 29.96
N THR C 139 15.35 55.48 30.51
CA THR C 139 15.09 54.28 29.74
C THR C 139 13.79 53.61 30.21
N ALA C 140 13.00 53.17 29.26
CA ALA C 140 11.76 52.43 29.52
C ALA C 140 11.80 51.10 28.79
N ALA C 141 11.13 50.10 29.36
CA ALA C 141 11.03 48.78 28.75
C ALA C 141 9.61 48.54 28.23
N LEU C 142 9.53 47.95 27.04
CA LEU C 142 8.29 47.56 26.40
C LEU C 142 8.38 46.08 26.07
N GLY C 143 7.24 45.46 25.79
CA GLY C 143 7.31 44.04 25.45
C GLY C 143 6.01 43.48 24.93
N CYS C 144 6.08 42.21 24.55
CA CYS C 144 4.95 41.46 24.04
C CYS C 144 5.00 40.06 24.60
N LEU C 145 3.90 39.64 25.24
CA LEU C 145 3.75 38.28 25.73
C LEU C 145 3.08 37.44 24.64
N VAL C 146 3.76 36.39 24.20
CA VAL C 146 3.29 35.49 23.15
C VAL C 146 2.98 34.15 23.79
N LYS C 147 1.69 33.86 23.94
CA LYS C 147 1.21 32.83 24.86
C LYS C 147 0.40 31.76 24.13
N ASP C 148 0.53 30.52 24.62
CA ASP C 148 -0.39 29.43 24.31
C ASP C 148 -0.35 29.03 22.83
N TYR C 149 0.85 28.71 22.35
CA TYR C 149 1.00 28.26 20.99
C TYR C 149 1.68 26.90 20.93
N PHE C 150 1.54 26.23 19.78
CA PHE C 150 2.16 24.93 19.54
C PHE C 150 2.14 24.65 18.05
N PRO C 151 3.23 24.11 17.49
CA PRO C 151 4.52 23.90 18.15
C PRO C 151 5.45 25.08 17.97
N GLU C 152 6.69 24.95 18.43
CA GLU C 152 7.71 25.93 18.11
C GLU C 152 8.05 25.87 16.61
N PRO C 153 8.60 26.95 16.04
CA PRO C 153 8.95 28.24 16.68
C PRO C 153 7.97 29.36 16.35
N VAL C 154 8.08 30.46 17.09
CA VAL C 154 7.53 31.74 16.68
C VAL C 154 8.70 32.67 16.41
N THR C 155 8.50 33.63 15.52
CA THR C 155 9.45 34.71 15.35
C THR C 155 8.81 36.02 15.79
N VAL C 156 9.59 36.85 16.46
CA VAL C 156 9.17 38.18 16.88
C VAL C 156 10.15 39.20 16.32
N SER C 157 9.62 40.23 15.68
CA SER C 157 10.41 41.40 15.33
C SER C 157 9.70 42.62 15.88
N TRP C 158 10.40 43.74 15.89
CA TRP C 158 9.84 45.00 16.39
C TRP C 158 9.90 46.03 15.29
N ASN C 159 8.77 46.68 15.03
CA ASN C 159 8.68 47.72 14.00
C ASN C 159 9.16 47.19 12.65
N SER C 160 8.71 45.99 12.32
CA SER C 160 9.02 45.32 11.05
C SER C 160 10.52 45.13 10.85
N GLY C 161 11.25 44.91 11.93
CA GLY C 161 12.68 44.69 11.86
C GLY C 161 13.54 45.94 11.91
N SER C 162 12.94 47.13 11.92
CA SER C 162 13.74 48.35 12.00
C SER C 162 14.27 48.59 13.40
N LEU C 163 13.69 47.95 14.42
CA LEU C 163 14.15 48.08 15.79
C LEU C 163 14.79 46.75 16.19
N THR C 164 16.12 46.74 16.28
CA THR C 164 16.87 45.54 16.63
C THR C 164 17.75 45.71 17.86
N SER C 165 18.31 46.89 18.10
CA SER C 165 19.15 47.10 19.26
C SER C 165 18.32 47.07 20.53
N GLY C 166 18.79 46.33 21.53
CA GLY C 166 18.10 46.27 22.80
C GLY C 166 16.95 45.31 22.87
N VAL C 167 16.73 44.51 21.83
CA VAL C 167 15.65 43.53 21.81
C VAL C 167 16.13 42.24 22.44
N HIS C 168 15.36 41.72 23.39
CA HIS C 168 15.60 40.41 23.99
C HIS C 168 14.34 39.59 23.82
N THR C 169 14.41 38.55 22.98
CA THR C 169 13.33 37.59 22.84
C THR C 169 13.75 36.32 23.56
N PHE C 170 13.04 36.00 24.65
CA PHE C 170 13.47 34.93 25.54
C PHE C 170 13.16 33.57 24.93
N PRO C 171 13.90 32.54 25.33
CA PRO C 171 13.53 31.17 24.94
C PRO C 171 12.15 30.84 25.47
N ALA C 172 11.38 30.11 24.65
CA ALA C 172 10.05 29.70 25.04
C ALA C 172 10.10 28.69 26.17
N VAL C 173 9.07 28.72 27.00
CA VAL C 173 8.90 27.75 28.07
C VAL C 173 7.67 26.92 27.75
N LEU C 174 7.81 25.60 27.83
CA LEU C 174 6.66 24.70 27.67
C LEU C 174 5.84 24.70 28.96
N GLN C 175 4.57 25.05 28.85
CA GLN C 175 3.70 25.15 30.01
C GLN C 175 3.13 23.78 30.38
N SER C 176 2.54 23.72 31.57
CA SER C 176 1.87 22.49 32.00
C SER C 176 0.69 22.14 31.09
N SER C 177 0.13 23.12 30.39
CA SER C 177 -0.92 22.86 29.41
C SER C 177 -0.40 22.17 28.15
N GLY C 178 0.91 22.02 28.00
CA GLY C 178 1.48 21.53 26.77
C GLY C 178 1.66 22.58 25.69
N LEU C 179 1.47 23.85 26.03
CA LEU C 179 1.60 24.95 25.08
C LEU C 179 2.78 25.83 25.49
N TYR C 180 3.39 26.48 24.51
CA TYR C 180 4.55 27.34 24.73
C TYR C 180 4.13 28.76 25.02
N SER C 181 4.97 29.48 25.75
CA SER C 181 4.81 30.93 25.89
C SER C 181 6.19 31.56 26.01
N LEU C 182 6.29 32.79 25.54
CA LEU C 182 7.52 33.57 25.66
C LEU C 182 7.16 35.04 25.70
N SER C 183 8.12 35.85 26.10
CA SER C 183 8.03 37.30 26.01
C SER C 183 9.20 37.81 25.18
N SER C 184 8.95 38.86 24.39
CA SER C 184 10.00 39.62 23.74
C SER C 184 9.91 41.04 24.27
N VAL C 185 11.05 41.59 24.69
CA VAL C 185 11.10 42.92 25.28
C VAL C 185 12.12 43.77 24.53
N VAL C 186 11.95 45.09 24.65
CA VAL C 186 12.91 46.04 24.10
C VAL C 186 12.94 47.26 25.01
N THR C 187 14.13 47.82 25.20
CA THR C 187 14.30 49.06 25.96
C THR C 187 14.46 50.22 25.00
N VAL C 188 13.76 51.31 25.28
CA VAL C 188 13.75 52.49 24.41
C VAL C 188 13.84 53.74 25.28
N PRO C 189 14.26 54.87 24.70
CA PRO C 189 14.23 56.12 25.45
C PRO C 189 12.82 56.45 25.93
N SER C 190 12.72 56.88 27.19
CA SER C 190 11.41 57.25 27.73
C SER C 190 10.81 58.44 27.00
N SER C 191 11.67 59.35 26.51
CA SER C 191 11.19 60.52 25.77
C SER C 191 10.53 60.14 24.45
N SER C 192 10.82 58.95 23.93
CA SER C 192 10.25 58.51 22.66
C SER C 192 8.86 57.91 22.82
N LEU C 193 8.44 57.60 24.04
CA LEU C 193 7.17 56.89 24.24
C LEU C 193 5.96 57.70 23.80
N GLY C 194 6.08 59.03 23.74
CA GLY C 194 4.94 59.84 23.38
C GLY C 194 4.93 60.24 21.92
N THR C 195 6.02 59.98 21.21
CA THR C 195 6.17 60.42 19.84
C THR C 195 6.36 59.30 18.82
N GLN C 196 6.84 58.13 19.24
CA GLN C 196 7.10 57.03 18.32
C GLN C 196 6.21 55.83 18.65
N THR C 197 5.81 55.12 17.60
CA THR C 197 4.97 53.94 17.73
C THR C 197 5.84 52.70 17.83
N TYR C 198 5.49 51.80 18.73
CA TYR C 198 6.18 50.53 18.88
C TYR C 198 5.23 49.39 18.62
N VAL C 199 5.62 48.50 17.70
CA VAL C 199 4.77 47.41 17.23
C VAL C 199 5.59 46.13 17.25
N CYS C 200 5.10 45.12 17.95
CA CYS C 200 5.73 43.81 17.87
C CYS C 200 5.03 42.98 16.80
N ASN C 201 5.81 42.37 15.93
CA ASN C 201 5.32 41.55 14.83
C ASN C 201 5.57 40.10 15.19
N VAL C 202 4.50 39.33 15.35
CA VAL C 202 4.60 37.94 15.76
C VAL C 202 4.16 37.06 14.59
N ASN C 203 4.99 36.09 14.24
CA ASN C 203 4.69 35.16 13.17
C ASN C 203 4.78 33.74 13.70
N HIS C 204 3.73 32.96 13.49
CA HIS C 204 3.70 31.54 13.86
C HIS C 204 3.34 30.76 12.60
N LYS C 205 4.38 30.36 11.86
CA LYS C 205 4.20 29.64 10.60
C LYS C 205 3.28 28.43 10.71
N PRO C 206 3.46 27.51 11.66
CA PRO C 206 2.59 26.30 11.66
C PRO C 206 1.10 26.61 11.67
N SER C 207 0.67 27.70 12.29
CA SER C 207 -0.74 28.04 12.36
C SER C 207 -1.14 29.15 11.38
N ASN C 208 -0.20 29.60 10.54
CA ASN C 208 -0.46 30.71 9.62
C ASN C 208 -0.90 31.98 10.36
N THR C 209 -0.40 32.18 11.57
CA THR C 209 -0.78 33.32 12.39
C THR C 209 0.23 34.45 12.22
N LYS C 210 -0.26 35.64 11.89
CA LYS C 210 0.57 36.84 11.73
C LYS C 210 -0.12 37.97 12.48
N VAL C 211 0.51 38.45 13.55
CA VAL C 211 -0.05 39.50 14.40
C VAL C 211 0.93 40.66 14.48
N ASP C 212 0.42 41.87 14.26
CA ASP C 212 1.17 43.11 14.46
C ASP C 212 0.48 43.88 15.58
N LYS C 213 1.06 43.83 16.78
CA LYS C 213 0.43 44.33 17.99
C LYS C 213 1.09 45.64 18.41
N ARG C 214 0.33 46.73 18.40
CA ARG C 214 0.83 48.02 18.87
C ARG C 214 0.92 48.00 20.39
N VAL C 215 2.06 48.41 20.93
CA VAL C 215 2.28 48.41 22.37
C VAL C 215 1.92 49.80 22.89
N GLU C 216 0.70 49.95 23.36
CA GLU C 216 0.13 51.23 23.74
C GLU C 216 0.54 51.63 25.15
N ILE C 217 0.76 52.92 25.35
CA ILE C 217 1.13 53.45 26.65
C ILE C 217 -0.02 54.33 27.12
N LYS C 218 -0.73 53.87 28.15
CA LYS C 218 -1.86 54.61 28.69
C LYS C 218 -1.37 55.86 29.41
N ASP D 1 31.30 3.92 13.81
CA ASP D 1 32.06 3.00 14.66
C ASP D 1 33.11 3.75 15.48
N ILE D 2 33.63 4.85 14.93
CA ILE D 2 34.63 5.66 15.62
C ILE D 2 33.93 6.63 16.55
N GLN D 3 34.33 6.61 17.82
CA GLN D 3 33.76 7.48 18.85
C GLN D 3 34.72 8.62 19.15
N MET D 4 34.19 9.85 19.19
CA MET D 4 34.95 11.02 19.61
C MET D 4 34.51 11.41 21.02
N THR D 5 35.48 11.55 21.93
CA THR D 5 35.21 11.96 23.31
C THR D 5 35.77 13.35 23.51
N GLN D 6 34.90 14.34 23.68
CA GLN D 6 35.32 15.72 23.76
C GLN D 6 35.36 16.19 25.20
N SER D 7 36.39 16.96 25.55
CA SER D 7 36.61 17.48 26.88
C SER D 7 37.12 18.91 26.80
N PRO D 8 36.67 19.80 27.69
CA PRO D 8 35.63 19.54 28.69
C PRO D 8 34.25 19.87 28.15
N SER D 9 33.21 19.62 28.96
CA SER D 9 31.84 19.88 28.52
C SER D 9 31.53 21.37 28.48
N SER D 10 32.13 22.15 29.37
CA SER D 10 31.86 23.57 29.40
C SER D 10 33.08 24.27 29.96
N LEU D 11 33.19 25.56 29.63
CA LEU D 11 34.32 26.37 30.05
C LEU D 11 33.87 27.82 30.19
N SER D 12 34.45 28.49 31.17
CA SER D 12 34.24 29.92 31.39
C SER D 12 35.61 30.56 31.45
N ALA D 13 35.90 31.47 30.53
CA ALA D 13 37.22 32.07 30.44
C ALA D 13 37.09 33.56 30.15
N SER D 14 38.12 34.30 30.52
CA SER D 14 38.12 35.75 30.33
C SER D 14 38.78 36.09 29.00
N VAL D 15 38.50 37.30 28.54
CA VAL D 15 39.17 37.80 27.34
C VAL D 15 40.68 37.79 27.60
N GLY D 16 41.43 37.29 26.62
CA GLY D 16 42.86 37.13 26.76
C GLY D 16 43.30 35.77 27.26
N ASP D 17 42.39 34.95 27.78
CA ASP D 17 42.76 33.61 28.22
C ASP D 17 43.10 32.72 27.03
N ARG D 18 43.92 31.72 27.30
CA ARG D 18 44.22 30.68 26.32
C ARG D 18 43.42 29.44 26.69
N VAL D 19 42.59 28.96 25.79
CA VAL D 19 41.68 27.85 26.06
C VAL D 19 42.00 26.70 25.12
N THR D 20 41.95 25.48 25.66
CA THR D 20 42.24 24.27 24.92
C THR D 20 41.07 23.31 25.03
N ILE D 21 40.64 22.77 23.88
CA ILE D 21 39.58 21.77 23.81
C ILE D 21 40.19 20.52 23.21
N THR D 22 39.95 19.38 23.85
CA THR D 22 40.57 18.13 23.46
C THR D 22 39.52 17.16 22.96
N CYS D 23 39.90 16.36 21.99
CA CYS D 23 38.98 15.43 21.32
C CYS D 23 39.76 14.15 21.05
N ARG D 24 39.39 13.07 21.74
CA ARG D 24 40.06 11.78 21.62
C ARG D 24 39.22 10.84 20.76
N ALA D 25 39.86 10.20 19.79
CA ALA D 25 39.21 9.26 18.87
C ALA D 25 39.43 7.83 19.32
N SER D 26 38.38 7.00 19.21
CA SER D 26 38.49 5.61 19.65
C SER D 26 39.44 4.79 18.79
N GLN D 27 39.77 5.27 17.59
CA GLN D 27 40.85 4.68 16.81
C GLN D 27 41.50 5.77 15.97
N ASP D 28 42.59 5.40 15.32
CA ASP D 28 43.33 6.36 14.51
C ASP D 28 42.45 6.91 13.41
N ILE D 29 42.35 8.24 13.33
CA ILE D 29 41.56 8.89 12.29
C ILE D 29 42.43 9.60 11.27
N ASN D 30 43.76 9.46 11.37
CA ASN D 30 44.67 9.83 10.28
C ASN D 30 44.51 11.30 9.87
N ASN D 31 44.39 12.18 10.87
CA ASN D 31 44.30 13.63 10.71
C ASN D 31 42.97 14.10 10.12
N TYR D 32 42.04 13.19 9.78
CA TYR D 32 40.77 13.61 9.18
C TYR D 32 39.83 14.08 10.29
N LEU D 33 40.09 15.29 10.76
CA LEU D 33 39.30 15.87 11.84
C LEU D 33 39.02 17.34 11.55
N SER D 34 37.76 17.74 11.74
CA SER D 34 37.36 19.14 11.57
C SER D 34 36.84 19.68 12.89
N TRP D 35 37.05 20.98 13.09
CA TRP D 35 36.49 21.71 14.22
C TRP D 35 35.48 22.74 13.71
N TYR D 36 34.35 22.84 14.43
CA TYR D 36 33.28 23.76 14.10
C TYR D 36 33.00 24.69 15.28
N GLN D 37 32.49 25.89 14.97
CA GLN D 37 32.01 26.85 15.96
C GLN D 37 30.53 27.10 15.69
N GLN D 38 29.69 26.88 16.72
CA GLN D 38 28.25 27.07 16.58
C GLN D 38 27.78 28.16 17.53
N LYS D 39 27.32 29.27 16.96
CA LYS D 39 26.68 30.34 17.71
C LYS D 39 25.22 30.00 17.98
N PRO D 40 24.63 30.57 19.04
CA PRO D 40 23.23 30.27 19.37
C PRO D 40 22.29 30.55 18.21
N GLY D 41 21.42 29.58 17.92
CA GLY D 41 20.46 29.70 16.85
C GLY D 41 21.01 29.50 15.45
N LYS D 42 22.31 29.27 15.30
CA LYS D 42 22.92 29.20 13.97
C LYS D 42 23.44 27.80 13.68
N ALA D 43 23.67 27.54 12.38
CA ALA D 43 24.34 26.32 11.97
C ALA D 43 25.81 26.36 12.37
N PRO D 44 26.43 25.20 12.60
CA PRO D 44 27.87 25.19 12.90
C PRO D 44 28.68 25.77 11.74
N LYS D 45 29.78 26.43 12.08
CA LYS D 45 30.68 27.03 11.10
C LYS D 45 32.04 26.34 11.13
N PRO D 46 32.53 25.81 10.01
CA PRO D 46 33.83 25.12 10.04
C PRO D 46 34.98 26.10 10.25
N LEU D 47 35.88 25.74 11.17
CA LEU D 47 37.06 26.53 11.50
C LEU D 47 38.36 25.91 11.02
N ILE D 48 38.53 24.60 11.22
CA ILE D 48 39.78 23.90 10.93
C ILE D 48 39.41 22.58 10.26
N TYR D 49 40.19 22.20 9.25
CA TYR D 49 40.04 20.92 8.58
C TYR D 49 41.37 20.21 8.55
N TYR D 50 41.32 18.89 8.38
CA TYR D 50 42.51 18.03 8.40
C TYR D 50 43.35 18.30 9.64
N ALA D 51 42.66 18.45 10.79
CA ALA D 51 43.28 18.55 12.11
C ALA D 51 43.96 19.89 12.36
N SER D 52 44.64 20.45 11.35
CA SER D 52 45.45 21.64 11.60
C SER D 52 45.35 22.74 10.54
N SER D 53 44.62 22.54 9.45
CA SER D 53 44.54 23.54 8.40
C SER D 53 43.36 24.47 8.66
N LEU D 54 43.62 25.78 8.60
CA LEU D 54 42.55 26.76 8.86
C LEU D 54 41.67 26.92 7.63
N GLU D 55 40.36 26.92 7.85
CA GLU D 55 39.42 27.31 6.80
C GLU D 55 39.67 28.76 6.40
N THR D 56 39.34 29.09 5.16
CA THR D 56 39.63 30.42 4.62
C THR D 56 38.92 31.50 5.44
N GLY D 57 39.68 32.52 5.84
CA GLY D 57 39.13 33.64 6.58
C GLY D 57 39.06 33.45 8.08
N VAL D 58 39.45 32.29 8.59
CA VAL D 58 39.38 32.04 10.04
C VAL D 58 40.56 32.74 10.71
N PRO D 59 40.34 33.48 11.81
CA PRO D 59 41.43 34.21 12.45
C PRO D 59 42.54 33.30 12.96
N SER D 60 43.76 33.83 12.97
CA SER D 60 44.95 33.07 13.31
C SER D 60 44.98 32.63 14.77
N ARG D 61 44.16 33.21 15.64
CA ARG D 61 44.18 32.77 17.03
C ARG D 61 43.65 31.35 17.19
N PHE D 62 42.92 30.83 16.20
CA PHE D 62 42.47 29.44 16.21
C PHE D 62 43.55 28.54 15.61
N SER D 63 43.84 27.43 16.27
CA SER D 63 44.81 26.46 15.77
C SER D 63 44.45 25.08 16.28
N GLY D 64 44.87 24.07 15.53
CA GLY D 64 44.62 22.69 15.90
C GLY D 64 45.90 21.88 15.83
N SER D 65 45.96 20.85 16.67
CA SER D 65 47.14 19.99 16.74
C SER D 65 46.68 18.56 17.01
N ARG D 66 47.64 17.63 16.97
CA ARG D 66 47.38 16.21 17.17
C ARG D 66 48.47 15.57 18.02
N SER D 67 48.05 14.66 18.90
CA SER D 67 49.00 13.79 19.63
C SER D 67 48.40 12.38 19.64
N GLY D 68 48.85 11.55 18.71
CA GLY D 68 48.30 10.19 18.61
C GLY D 68 46.83 10.23 18.23
N THR D 69 45.97 9.73 19.13
CA THR D 69 44.53 9.78 18.93
C THR D 69 43.89 10.97 19.62
N ASP D 70 44.68 11.86 20.20
CA ASP D 70 44.17 13.07 20.85
C ASP D 70 44.40 14.27 19.94
N TYR D 71 43.33 15.03 19.72
CA TYR D 71 43.35 16.21 18.87
C TYR D 71 42.88 17.40 19.70
N THR D 72 43.55 18.53 19.52
CA THR D 72 43.28 19.71 20.35
C THR D 72 42.99 20.92 19.49
N LEU D 73 42.00 21.69 19.90
CA LEU D 73 41.71 23.01 19.36
C LEU D 73 42.16 24.05 20.37
N THR D 74 42.94 25.03 19.92
CA THR D 74 43.47 26.06 20.81
C THR D 74 43.03 27.42 20.31
N ILE D 75 42.51 28.23 21.23
CA ILE D 75 42.28 29.65 20.98
C ILE D 75 43.34 30.39 21.79
N SER D 76 44.25 31.06 21.09
CA SER D 76 45.45 31.60 21.74
C SER D 76 45.09 32.69 22.74
N SER D 77 44.26 33.65 22.33
CA SER D 77 43.84 34.73 23.20
C SER D 77 42.35 34.97 22.96
N LEU D 78 41.53 34.52 23.92
CA LEU D 78 40.08 34.57 23.77
C LEU D 78 39.59 36.00 23.55
N GLN D 79 38.63 36.17 22.64
CA GLN D 79 38.00 37.46 22.43
C GLN D 79 36.51 37.33 22.77
N LEU D 80 35.88 38.48 23.03
CA LEU D 80 34.50 38.46 23.53
C LEU D 80 33.54 37.76 22.57
N GLU D 81 33.76 37.88 21.26
CA GLU D 81 32.87 37.27 20.29
C GLU D 81 33.01 35.75 20.21
N ASP D 82 33.94 35.14 20.94
CA ASP D 82 34.23 33.72 20.77
C ASP D 82 33.34 32.80 21.57
N PHE D 83 32.37 33.31 22.33
CA PHE D 83 31.46 32.42 23.04
C PHE D 83 30.65 31.62 22.01
N ALA D 84 30.60 30.31 22.21
CA ALA D 84 29.93 29.39 21.32
C ALA D 84 30.06 27.99 21.87
N THR D 85 29.45 27.02 21.19
CA THR D 85 29.71 25.62 21.44
C THR D 85 30.56 25.09 20.29
N TYR D 86 31.70 24.50 20.64
CA TYR D 86 32.65 24.00 19.67
C TYR D 86 32.54 22.49 19.56
N TYR D 87 32.63 21.97 18.34
CA TYR D 87 32.51 20.56 18.05
C TYR D 87 33.69 20.10 17.21
N CYS D 88 34.22 18.92 17.55
CA CYS D 88 35.10 18.18 16.64
C CYS D 88 34.27 17.19 15.83
N GLN D 89 34.82 16.76 14.69
CA GLN D 89 34.16 15.81 13.81
C GLN D 89 35.20 15.04 13.01
N GLN D 90 35.17 13.71 13.08
CA GLN D 90 36.05 12.89 12.28
C GLN D 90 35.40 12.53 10.96
N TYR D 91 36.20 12.48 9.89
CA TYR D 91 35.72 11.98 8.60
C TYR D 91 36.71 10.99 8.03
N ASN D 92 37.37 10.23 8.91
CA ASN D 92 38.21 9.12 8.45
C ASN D 92 37.37 8.02 7.82
N ASN D 93 36.19 7.74 8.38
CA ASN D 93 35.34 6.71 7.80
C ASN D 93 33.89 6.97 8.21
N SER D 94 32.97 6.35 7.48
CA SER D 94 31.56 6.40 7.81
C SER D 94 31.25 5.40 8.92
N PRO D 95 30.33 5.73 9.84
CA PRO D 95 29.59 7.01 9.89
C PRO D 95 30.40 8.16 10.45
N TYR D 96 30.26 9.33 9.85
CA TYR D 96 30.90 10.53 10.38
C TYR D 96 30.30 10.84 11.74
N SER D 97 31.14 11.21 12.70
CA SER D 97 30.71 11.34 14.09
C SER D 97 31.31 12.60 14.70
N PHE D 98 30.57 13.19 15.64
CA PHE D 98 30.94 14.42 16.30
C PHE D 98 31.29 14.16 17.76
N GLY D 99 32.15 15.01 18.31
CA GLY D 99 32.30 15.06 19.76
C GLY D 99 31.06 15.66 20.38
N GLN D 100 30.98 15.55 21.71
CA GLN D 100 29.79 15.99 22.44
C GLN D 100 29.65 17.49 22.53
N GLY D 101 30.72 18.24 22.26
CA GLY D 101 30.66 19.69 22.27
C GLY D 101 31.27 20.29 23.52
N THR D 102 31.74 21.53 23.38
CA THR D 102 32.29 22.31 24.50
C THR D 102 31.66 23.69 24.47
N LYS D 103 30.84 24.01 25.47
CA LYS D 103 30.20 25.31 25.55
C LYS D 103 31.14 26.30 26.22
N VAL D 104 31.48 27.38 25.51
CA VAL D 104 32.43 28.37 26.00
C VAL D 104 31.67 29.64 26.35
N GLU D 105 31.74 30.04 27.61
CA GLU D 105 31.21 31.30 28.10
C GLU D 105 32.36 32.27 28.32
N ILE D 106 32.09 33.56 28.07
CA ILE D 106 33.07 34.61 28.31
C ILE D 106 32.82 35.22 29.68
N LYS D 107 33.87 35.32 30.49
CA LYS D 107 33.79 36.04 31.75
C LYS D 107 33.97 37.53 31.51
N ARG D 108 33.29 38.32 32.31
CA ARG D 108 33.41 39.77 32.26
C ARG D 108 33.21 40.30 33.67
N THR D 109 33.34 41.61 33.82
CA THR D 109 33.13 42.23 35.11
C THR D 109 31.65 42.17 35.51
N VAL D 110 31.42 42.22 36.82
CA VAL D 110 30.07 42.15 37.37
C VAL D 110 29.23 43.29 36.81
N ALA D 111 27.98 42.97 36.46
CA ALA D 111 27.05 43.98 35.94
C ALA D 111 25.70 43.78 36.62
N ALA D 112 25.20 44.83 37.23
CA ALA D 112 23.93 44.75 37.95
C ALA D 112 22.77 44.81 36.96
N PRO D 113 21.68 44.09 37.22
CA PRO D 113 20.52 44.14 36.33
C PRO D 113 19.71 45.41 36.50
N SER D 114 19.12 45.86 35.41
CA SER D 114 18.05 46.85 35.45
C SER D 114 16.72 46.10 35.52
N VAL D 115 15.85 46.50 36.44
CA VAL D 115 14.64 45.75 36.76
C VAL D 115 13.41 46.51 36.31
N PHE D 116 12.47 45.80 35.69
CA PHE D 116 11.18 46.35 35.25
C PHE D 116 10.08 45.35 35.56
N ILE D 117 8.89 45.84 35.92
CA ILE D 117 7.72 44.99 36.14
C ILE D 117 6.62 45.46 35.20
N PHE D 118 5.87 44.50 34.66
CA PHE D 118 4.81 44.77 33.69
C PHE D 118 3.46 44.31 34.23
N PRO D 119 2.51 45.21 34.47
CA PRO D 119 1.16 44.77 34.83
C PRO D 119 0.49 44.06 33.67
N PRO D 120 -0.39 43.11 33.93
CA PRO D 120 -1.13 42.47 32.84
C PRO D 120 -2.08 43.45 32.18
N SER D 121 -2.26 43.27 30.87
CA SER D 121 -3.17 44.13 30.14
C SER D 121 -4.61 43.82 30.49
N GLU D 122 -5.49 44.79 30.21
CA GLU D 122 -6.92 44.61 30.42
C GLU D 122 -7.45 43.48 29.55
N ASP D 123 -6.91 43.34 28.33
CA ASP D 123 -7.30 42.24 27.47
C ASP D 123 -6.97 40.88 28.10
N GLN D 124 -5.82 40.79 28.78
CA GLN D 124 -5.42 39.53 29.41
C GLN D 124 -6.35 39.17 30.56
N VAL D 125 -6.73 40.15 31.38
CA VAL D 125 -7.60 39.87 32.50
C VAL D 125 -8.92 39.26 32.01
N LYS D 126 -9.41 39.74 30.87
CA LYS D 126 -10.65 39.20 30.33
C LYS D 126 -10.53 37.74 29.92
N SER D 127 -9.30 37.20 29.81
CA SER D 127 -9.14 35.82 29.40
C SER D 127 -9.27 34.85 30.56
N GLY D 128 -9.34 35.33 31.80
CA GLY D 128 -9.43 34.46 32.96
C GLY D 128 -8.10 34.04 33.54
N THR D 129 -6.99 34.26 32.84
CA THR D 129 -5.66 33.93 33.32
C THR D 129 -4.74 35.11 33.08
N VAL D 130 -3.92 35.44 34.08
CA VAL D 130 -3.09 36.63 34.05
C VAL D 130 -1.64 36.24 34.22
N SER D 131 -0.75 36.94 33.51
CA SER D 131 0.69 36.78 33.63
C SER D 131 1.30 38.12 34.04
N VAL D 132 2.07 38.12 35.11
CA VAL D 132 2.81 39.30 35.57
C VAL D 132 4.27 39.06 35.25
N VAL D 133 4.90 39.97 34.51
CA VAL D 133 6.25 39.78 34.00
C VAL D 133 7.22 40.72 34.70
N CYS D 134 8.27 40.15 35.27
CA CYS D 134 9.39 40.89 35.83
C CYS D 134 10.61 40.66 34.95
N LEU D 135 11.28 41.74 34.55
CA LEU D 135 12.40 41.69 33.61
C LEU D 135 13.68 42.14 34.30
N LEU D 136 14.73 41.33 34.18
CA LEU D 136 16.08 41.68 34.63
C LEU D 136 16.95 41.81 33.38
N ASN D 137 17.47 43.02 33.14
CA ASN D 137 18.10 43.32 31.86
C ASN D 137 19.59 43.53 32.02
N ASN D 138 20.37 42.84 31.18
CA ASN D 138 21.80 43.12 30.97
C ASN D 138 22.60 43.04 32.26
N PHE D 139 22.71 41.81 32.79
CA PHE D 139 23.45 41.57 34.02
C PHE D 139 24.47 40.46 33.80
N TYR D 140 25.45 40.39 34.72
CA TYR D 140 26.44 39.33 34.74
C TYR D 140 26.97 39.21 36.16
N PRO D 141 27.15 37.98 36.69
CA PRO D 141 26.96 36.69 36.06
C PRO D 141 25.51 36.25 35.96
N ARG D 142 25.31 35.06 35.42
CA ARG D 142 23.96 34.56 35.15
C ARG D 142 23.14 34.38 36.41
N GLU D 143 23.78 34.00 37.52
CA GLU D 143 23.03 33.66 38.73
C GLU D 143 22.30 34.87 39.29
N ALA D 144 20.99 34.70 39.50
CA ALA D 144 20.16 35.76 40.05
C ALA D 144 18.97 35.13 40.77
N SER D 145 18.43 35.87 41.74
CA SER D 145 17.30 35.42 42.55
C SER D 145 16.15 36.40 42.40
N VAL D 146 14.97 35.89 42.07
CA VAL D 146 13.76 36.69 41.91
C VAL D 146 12.69 36.15 42.85
N LYS D 147 12.21 37.00 43.76
CA LYS D 147 11.12 36.67 44.67
C LYS D 147 9.89 37.49 44.31
N TRP D 148 8.74 36.84 44.29
CA TRP D 148 7.46 37.51 44.05
C TRP D 148 6.74 37.78 45.36
N LYS D 149 6.27 39.01 45.53
CA LYS D 149 5.54 39.41 46.73
C LYS D 149 4.19 40.03 46.37
N VAL D 150 3.13 39.52 46.97
CA VAL D 150 1.76 39.95 46.70
C VAL D 150 1.15 40.47 47.99
N ASP D 151 0.79 41.76 47.98
CA ASP D 151 0.38 42.46 49.20
C ASP D 151 1.40 42.25 50.33
N GLY D 152 2.68 42.27 49.96
CA GLY D 152 3.76 42.07 50.91
C GLY D 152 4.04 40.64 51.29
N ALA D 153 3.22 39.68 50.86
CA ALA D 153 3.36 38.28 51.20
C ALA D 153 4.09 37.54 50.07
N LEU D 154 5.07 36.72 50.45
CA LEU D 154 5.83 35.95 49.48
C LEU D 154 4.92 34.94 48.78
N LYS D 155 5.02 34.89 47.45
CA LYS D 155 4.23 33.97 46.64
C LYS D 155 5.15 33.00 45.92
N THR D 156 4.97 31.70 46.18
CA THR D 156 5.80 30.67 45.59
C THR D 156 4.93 29.65 44.87
N GLY D 157 5.50 29.02 43.84
CA GLY D 157 4.85 27.95 43.12
C GLY D 157 4.35 28.33 41.72
N ASN D 158 4.05 29.60 41.49
CA ASN D 158 3.33 30.02 40.29
C ASN D 158 4.17 30.94 39.42
N SER D 159 5.47 30.69 39.34
CA SER D 159 6.38 31.52 38.55
C SER D 159 7.31 30.64 37.71
N GLN D 160 7.70 31.18 36.56
CA GLN D 160 8.65 30.53 35.65
C GLN D 160 9.70 31.54 35.21
N GLU D 161 10.94 31.08 35.04
CA GLU D 161 12.04 31.93 34.61
C GLU D 161 12.55 31.48 33.25
N SER D 162 13.05 32.45 32.47
CA SER D 162 13.68 32.19 31.18
C SER D 162 14.85 33.14 31.03
N VAL D 163 15.99 32.63 30.56
CA VAL D 163 17.23 33.41 30.48
C VAL D 163 17.75 33.40 29.05
N THR D 164 18.24 34.55 28.59
CA THR D 164 18.83 34.64 27.27
C THR D 164 20.22 34.02 27.23
N GLU D 165 20.73 33.84 26.01
CA GLU D 165 22.13 33.55 25.79
C GLU D 165 22.97 34.80 26.07
N GLN D 166 24.29 34.61 26.12
CA GLN D 166 25.20 35.75 26.29
C GLN D 166 25.04 36.74 25.15
N ASP D 167 24.99 38.03 25.50
CA ASP D 167 24.82 39.06 24.49
C ASP D 167 26.06 39.17 23.61
N SER D 168 25.85 39.38 22.31
CA SER D 168 26.95 39.36 21.36
C SER D 168 27.89 40.56 21.52
N LYS D 169 27.47 41.59 22.25
CA LYS D 169 28.26 42.81 22.39
C LYS D 169 28.95 42.90 23.75
N ASP D 170 28.18 42.94 24.82
CA ASP D 170 28.70 43.11 26.17
C ASP D 170 28.70 41.84 26.99
N ASN D 171 28.29 40.71 26.40
CA ASN D 171 28.34 39.39 27.04
C ASN D 171 27.46 39.33 28.30
N THR D 172 26.43 40.16 28.38
CA THR D 172 25.53 40.11 29.53
C THR D 172 24.36 39.15 29.24
N TYR D 173 23.62 38.84 30.30
CA TYR D 173 22.40 38.05 30.22
C TYR D 173 21.19 38.92 30.55
N SER D 174 20.03 38.44 30.12
CA SER D 174 18.75 38.99 30.55
C SER D 174 17.87 37.85 31.01
N LEU D 175 16.91 38.16 31.87
CA LEU D 175 16.08 37.16 32.51
C LEU D 175 14.66 37.68 32.65
N SER D 176 13.68 36.79 32.42
CA SER D 176 12.28 37.09 32.66
C SER D 176 11.75 36.13 33.72
N SER D 177 10.95 36.67 34.63
CA SER D 177 10.22 35.86 35.61
C SER D 177 8.74 36.15 35.43
N THR D 178 7.96 35.10 35.18
CA THR D 178 6.55 35.27 34.85
C THR D 178 5.71 34.59 35.92
N LEU D 179 4.88 35.38 36.59
CA LEU D 179 3.96 34.90 37.63
C LEU D 179 2.57 34.74 37.01
N THR D 180 2.03 33.52 37.05
CA THR D 180 0.74 33.22 36.43
C THR D 180 -0.32 32.98 37.51
N LEU D 181 -1.42 33.72 37.41
CA LEU D 181 -2.54 33.60 38.36
C LEU D 181 -3.85 33.59 37.59
N SER D 182 -4.87 32.98 38.18
CA SER D 182 -6.22 33.13 37.67
C SER D 182 -6.67 34.59 37.84
N SER D 183 -7.61 35.01 37.00
CA SER D 183 -8.08 36.40 37.08
C SER D 183 -8.78 36.67 38.41
N THR D 184 -9.57 35.71 38.92
CA THR D 184 -10.23 35.93 40.20
C THR D 184 -9.21 36.09 41.32
N GLU D 185 -8.16 35.26 41.32
CA GLU D 185 -7.09 35.41 42.31
C GLU D 185 -6.36 36.73 42.14
N TYR D 186 -6.03 37.10 40.91
CA TYR D 186 -5.33 38.36 40.66
C TYR D 186 -6.12 39.56 41.19
N GLN D 187 -7.44 39.54 41.03
CA GLN D 187 -8.23 40.69 41.46
C GLN D 187 -8.50 40.71 42.95
N SER D 188 -8.00 39.75 43.72
CA SER D 188 -8.24 39.71 45.16
C SER D 188 -7.09 40.36 45.94
N HIS D 189 -6.14 40.99 45.26
CA HIS D 189 -5.01 41.66 45.90
C HIS D 189 -4.70 42.95 45.15
N LYS D 190 -3.94 43.84 45.83
CA LYS D 190 -3.59 45.15 45.30
C LYS D 190 -2.15 45.22 44.78
N VAL D 191 -1.17 44.95 45.64
CA VAL D 191 0.23 45.25 45.34
C VAL D 191 0.93 43.99 44.82
N TYR D 192 1.53 44.09 43.64
CA TYR D 192 2.32 43.02 43.04
C TYR D 192 3.75 43.53 42.87
N ALA D 193 4.71 42.80 43.44
CA ALA D 193 6.10 43.24 43.44
C ALA D 193 7.03 42.07 43.15
N CYS D 194 8.12 42.34 42.41
CA CYS D 194 9.22 41.39 42.28
C CYS D 194 10.46 41.98 42.96
N GLU D 195 11.11 41.16 43.77
CA GLU D 195 12.31 41.54 44.52
C GLU D 195 13.51 40.78 43.94
N VAL D 196 14.53 41.52 43.52
CA VAL D 196 15.65 40.96 42.79
C VAL D 196 16.90 40.97 43.66
N THR D 197 17.58 39.82 43.71
CA THR D 197 18.87 39.69 44.36
C THR D 197 19.91 39.31 43.32
N HIS D 198 21.05 40.01 43.34
CA HIS D 198 22.14 39.75 42.41
C HIS D 198 23.43 40.21 43.07
N GLN D 199 24.55 39.59 42.69
CA GLN D 199 25.79 39.94 43.37
C GLN D 199 26.25 41.35 43.05
N GLY D 200 25.77 41.95 41.96
CA GLY D 200 26.10 43.32 41.67
C GLY D 200 25.24 44.33 42.39
N LEU D 201 24.29 43.86 43.20
CA LEU D 201 23.35 44.72 43.92
C LEU D 201 23.74 44.72 45.39
N SER D 202 24.02 45.91 45.94
CA SER D 202 24.35 46.00 47.36
C SER D 202 23.16 45.61 48.23
N SER D 203 21.95 45.90 47.78
CA SER D 203 20.73 45.54 48.48
C SER D 203 19.69 45.11 47.46
N PRO D 204 18.69 44.33 47.87
CA PRO D 204 17.68 43.88 46.92
C PRO D 204 16.91 45.05 46.31
N VAL D 205 16.53 44.88 45.04
CA VAL D 205 15.79 45.87 44.28
C VAL D 205 14.36 45.35 44.12
N THR D 206 13.39 46.21 44.39
CA THR D 206 11.97 45.86 44.28
C THR D 206 11.29 46.79 43.30
N LYS D 207 10.49 46.21 42.40
CA LYS D 207 9.60 46.96 41.52
C LYS D 207 8.19 46.47 41.74
N SER D 208 7.23 47.40 41.83
CA SER D 208 5.86 47.03 42.14
C SER D 208 4.88 47.87 41.33
N PHE D 209 3.64 47.38 41.26
CA PHE D 209 2.52 48.15 40.73
C PHE D 209 1.29 47.84 41.56
N ASN D 210 0.30 48.72 41.49
CA ASN D 210 -0.98 48.51 42.15
C ASN D 210 -2.03 48.12 41.12
N ARG D 211 -2.60 46.93 41.29
CA ARG D 211 -3.60 46.44 40.34
C ARG D 211 -4.76 47.41 40.20
N GLY D 212 -5.14 47.68 38.95
CA GLY D 212 -6.25 48.55 38.64
C GLY D 212 -5.98 50.02 38.79
N GLU D 213 -4.73 50.41 39.04
CA GLU D 213 -4.34 51.80 39.17
C GLU D 213 -3.45 52.18 37.99
N CYS D 214 -3.87 53.17 37.22
CA CYS D 214 -3.17 53.55 35.99
C CYS D 214 -1.72 53.96 36.24
N GLN E 1 -12.25 24.04 -10.72
CA GLN E 1 -10.99 24.70 -11.01
C GLN E 1 -9.84 24.09 -10.23
N VAL E 2 -10.08 22.93 -9.61
CA VAL E 2 -9.01 22.22 -8.94
C VAL E 2 -8.05 21.66 -9.99
N GLN E 3 -6.76 21.86 -9.77
CA GLN E 3 -5.75 21.37 -10.68
C GLN E 3 -4.67 20.62 -9.89
N LEU E 4 -4.19 19.52 -10.46
CA LEU E 4 -3.16 18.70 -9.85
C LEU E 4 -1.99 18.56 -10.81
N GLN E 5 -0.79 18.50 -10.25
CA GLN E 5 0.43 18.52 -11.06
C GLN E 5 1.49 17.68 -10.35
N GLU E 6 1.89 16.57 -10.97
CA GLU E 6 2.94 15.72 -10.42
C GLU E 6 4.31 16.20 -10.89
N SER E 7 5.32 15.95 -10.06
CA SER E 7 6.70 16.21 -10.43
C SER E 7 7.58 15.13 -9.80
N GLY E 8 8.65 14.79 -10.46
CA GLY E 8 9.54 13.74 -10.05
C GLY E 8 10.80 13.70 -10.85
N PRO E 9 11.81 12.85 -10.37
CA PRO E 9 12.90 12.66 -11.31
C PRO E 9 12.47 11.70 -12.40
N GLY E 10 12.94 11.91 -13.57
CA GLY E 10 12.67 11.04 -14.69
C GLY E 10 13.24 9.68 -14.60
N LEU E 11 14.36 9.53 -13.92
CA LEU E 11 15.06 8.29 -13.93
C LEU E 11 15.62 7.99 -12.56
N VAL E 12 15.47 6.77 -12.12
CA VAL E 12 15.95 6.30 -10.82
C VAL E 12 16.68 4.99 -11.01
N LYS E 13 17.75 4.78 -10.23
CA LYS E 13 18.52 3.54 -10.28
C LYS E 13 17.86 2.48 -9.39
N PRO E 14 17.98 1.20 -9.77
CA PRO E 14 17.41 0.14 -8.93
C PRO E 14 17.97 0.18 -7.52
N SER E 15 17.09 -0.05 -6.54
CA SER E 15 17.29 -0.03 -5.10
C SER E 15 17.25 1.39 -4.53
N GLU E 16 17.26 2.43 -5.35
CA GLU E 16 17.15 3.80 -4.84
C GLU E 16 15.70 4.10 -4.45
N THR E 17 15.48 5.30 -3.92
CA THR E 17 14.17 5.69 -3.40
C THR E 17 13.55 6.71 -4.33
N LEU E 18 12.36 6.38 -4.85
CA LEU E 18 11.61 7.31 -5.68
C LEU E 18 10.79 8.23 -4.80
N SER E 19 10.86 9.54 -5.07
CA SER E 19 10.06 10.53 -4.37
C SER E 19 9.31 11.38 -5.39
N LEU E 20 7.98 11.41 -5.30
CA LEU E 20 7.14 12.21 -6.17
C LEU E 20 6.37 13.24 -5.36
N THR E 21 6.07 14.37 -5.97
CA THR E 21 5.30 15.43 -5.33
C THR E 21 4.09 15.79 -6.21
N CYS E 22 2.93 15.95 -5.57
CA CYS E 22 1.72 16.46 -6.22
C CYS E 22 1.44 17.86 -5.70
N ALA E 23 1.40 18.83 -6.60
CA ALA E 23 1.05 20.21 -6.25
C ALA E 23 -0.40 20.45 -6.67
N VAL E 24 -1.18 21.04 -5.75
CA VAL E 24 -2.61 21.24 -5.94
C VAL E 24 -2.91 22.73 -5.94
N SER E 25 -3.69 23.18 -6.92
CA SER E 25 -4.14 24.56 -6.97
C SER E 25 -5.66 24.58 -7.08
N GLY E 26 -6.26 25.66 -6.59
CA GLY E 26 -7.70 25.82 -6.67
C GLY E 26 -8.49 24.96 -5.71
N ASP E 27 -7.85 24.37 -4.71
CA ASP E 27 -8.51 23.52 -3.73
C ASP E 27 -7.53 23.27 -2.60
N SER E 28 -8.07 22.88 -1.45
CA SER E 28 -7.26 22.64 -0.26
C SER E 28 -7.19 21.14 0.02
N ILE E 29 -5.97 20.64 0.28
CA ILE E 29 -5.80 19.23 0.61
C ILE E 29 -6.22 18.91 2.03
N SER E 30 -6.78 19.87 2.76
CA SER E 30 -7.30 19.63 4.10
C SER E 30 -8.70 19.05 4.08
N SER E 31 -9.30 18.88 2.91
CA SER E 31 -10.59 18.23 2.76
C SER E 31 -10.49 17.13 1.72
N ASN E 32 -11.46 16.21 1.77
CA ASN E 32 -11.63 15.14 0.79
C ASN E 32 -10.43 14.19 0.80
N TYR E 33 -10.29 13.38 -0.26
CA TYR E 33 -9.29 12.33 -0.30
C TYR E 33 -8.40 12.50 -1.52
N TRP E 34 -7.16 12.05 -1.40
CA TRP E 34 -6.12 12.30 -2.40
C TRP E 34 -5.30 11.03 -2.57
N SER E 35 -5.14 10.58 -3.82
CA SER E 35 -4.54 9.29 -4.10
C SER E 35 -3.36 9.40 -5.04
N TRP E 36 -2.54 8.34 -5.03
CA TRP E 36 -1.55 8.08 -6.06
C TRP E 36 -1.94 6.84 -6.84
N ILE E 37 -1.78 6.90 -8.16
CA ILE E 37 -2.13 5.82 -9.08
C ILE E 37 -1.03 5.73 -10.12
N ARG E 38 -0.71 4.52 -10.57
CA ARG E 38 0.34 4.36 -11.56
C ARG E 38 -0.11 3.43 -12.68
N GLN E 39 0.60 3.52 -13.81
CA GLN E 39 0.25 2.82 -15.03
C GLN E 39 1.53 2.51 -15.79
N PRO E 40 2.04 1.28 -15.69
CA PRO E 40 3.21 0.92 -16.50
C PRO E 40 2.89 1.05 -17.97
N PRO E 41 3.91 1.27 -18.81
CA PRO E 41 3.66 1.52 -20.23
C PRO E 41 2.90 0.37 -20.88
N GLY E 42 1.81 0.72 -21.58
CA GLY E 42 0.99 -0.23 -22.28
C GLY E 42 0.15 -1.15 -21.42
N LYS E 43 0.08 -0.91 -20.11
CA LYS E 43 -0.64 -1.78 -19.18
C LYS E 43 -1.79 -1.00 -18.52
N GLY E 44 -2.38 -1.60 -17.49
CA GLY E 44 -3.54 -1.05 -16.81
C GLY E 44 -3.17 -0.14 -15.65
N LEU E 45 -4.20 0.22 -14.87
CA LEU E 45 -4.07 1.17 -13.77
C LEU E 45 -4.00 0.43 -12.43
N GLU E 46 -3.13 0.92 -11.54
CA GLU E 46 -2.96 0.34 -10.21
C GLU E 46 -3.02 1.43 -9.17
N TRP E 47 -4.03 1.38 -8.30
CA TRP E 47 -4.12 2.33 -7.19
C TRP E 47 -3.04 2.01 -6.16
N ILE E 48 -2.33 3.03 -5.72
CA ILE E 48 -1.20 2.88 -4.80
C ILE E 48 -1.63 3.17 -3.36
N GLY E 49 -2.27 4.30 -3.14
CA GLY E 49 -2.67 4.65 -1.79
C GLY E 49 -3.32 6.01 -1.75
N ARG E 50 -3.85 6.36 -0.58
CA ARG E 50 -4.53 7.63 -0.43
C ARG E 50 -4.48 8.06 1.02
N PHE E 51 -4.73 9.36 1.24
CA PHE E 51 -4.89 9.90 2.58
C PHE E 51 -6.16 10.74 2.64
N SER E 52 -6.66 10.90 3.85
CA SER E 52 -7.83 11.73 4.12
C SER E 52 -7.38 13.12 4.52
N GLY E 53 -7.88 14.13 3.82
CA GLY E 53 -7.50 15.49 4.13
C GLY E 53 -7.92 15.94 5.52
N SER E 54 -9.03 15.41 6.03
CA SER E 54 -9.57 15.90 7.29
C SER E 54 -8.80 15.36 8.49
N GLY E 55 -8.36 14.11 8.44
CA GLY E 55 -7.71 13.51 9.60
C GLY E 55 -6.28 13.10 9.36
N GLY E 56 -5.89 12.91 8.10
CA GLY E 56 -4.55 12.50 7.78
C GLY E 56 -4.30 11.01 7.80
N SER E 57 -5.31 10.21 8.15
CA SER E 57 -5.15 8.75 8.06
C SER E 57 -4.90 8.35 6.62
N THR E 58 -4.19 7.23 6.45
CA THR E 58 -3.74 6.77 5.16
C THR E 58 -4.15 5.32 4.94
N ASP E 59 -4.19 4.92 3.67
CA ASP E 59 -4.56 3.57 3.27
C ASP E 59 -3.74 3.22 2.03
N PHE E 60 -3.27 1.97 1.97
CA PHE E 60 -2.34 1.57 0.92
C PHE E 60 -2.76 0.26 0.27
N ASN E 61 -2.37 0.10 -1.00
CA ASN E 61 -2.55 -1.17 -1.67
C ASN E 61 -1.63 -2.22 -1.06
N PRO E 62 -2.15 -3.37 -0.64
CA PRO E 62 -1.29 -4.42 -0.07
C PRO E 62 -0.12 -4.82 -0.97
N SER E 63 -0.26 -4.71 -2.29
CA SER E 63 0.84 -5.06 -3.17
C SER E 63 2.07 -4.18 -2.97
N LEU E 64 1.89 -2.95 -2.47
CA LEU E 64 2.99 -2.00 -2.37
C LEU E 64 3.21 -1.46 -0.96
N LYS E 65 2.34 -1.83 -0.01
CA LYS E 65 2.30 -1.17 1.29
C LYS E 65 3.66 -1.19 1.99
N SER E 66 4.39 -2.30 1.90
CA SER E 66 5.65 -2.42 2.62
C SER E 66 6.72 -1.46 2.13
N ARG E 67 6.56 -0.85 0.96
CA ARG E 67 7.58 0.02 0.37
C ARG E 67 7.16 1.46 0.19
N VAL E 68 5.97 1.84 0.65
CA VAL E 68 5.36 3.11 0.32
C VAL E 68 5.06 3.89 1.60
N THR E 69 5.32 5.20 1.57
CA THR E 69 4.79 6.13 2.54
C THR E 69 4.23 7.34 1.81
N ILE E 70 3.34 8.06 2.47
CA ILE E 70 2.77 9.30 1.94
C ILE E 70 2.89 10.37 3.01
N SER E 71 3.37 11.55 2.62
CA SER E 71 3.45 12.71 3.50
C SER E 71 2.70 13.87 2.87
N THR E 72 2.30 14.83 3.71
CA THR E 72 1.51 15.98 3.28
C THR E 72 2.11 17.26 3.85
N ASP E 73 1.88 18.36 3.13
CA ASP E 73 2.37 19.69 3.53
C ASP E 73 1.26 20.69 3.23
N THR E 74 0.36 20.88 4.20
CA THR E 74 -0.76 21.80 4.00
C THR E 74 -0.29 23.23 3.76
N SER E 75 0.87 23.60 4.32
CA SER E 75 1.36 24.95 4.14
C SER E 75 1.63 25.26 2.67
N LYS E 76 2.14 24.28 1.92
CA LYS E 76 2.37 24.42 0.49
C LYS E 76 1.27 23.82 -0.36
N ASN E 77 0.26 23.20 0.27
CA ASN E 77 -0.81 22.50 -0.45
C ASN E 77 -0.22 21.45 -1.39
N GLN E 78 0.68 20.63 -0.85
CA GLN E 78 1.33 19.56 -1.60
C GLN E 78 1.34 18.30 -0.77
N PHE E 79 1.39 17.16 -1.45
CA PHE E 79 1.64 15.88 -0.80
C PHE E 79 2.59 15.09 -1.67
N SER E 80 3.13 14.00 -1.10
CA SER E 80 4.21 13.29 -1.74
C SER E 80 3.99 11.79 -1.66
N LEU E 81 4.70 11.07 -2.53
CA LEU E 81 4.80 9.61 -2.50
C LEU E 81 6.27 9.25 -2.35
N ASN E 82 6.55 8.30 -1.48
CA ASN E 82 7.90 7.76 -1.29
C ASN E 82 7.82 6.26 -1.57
N LEU E 83 8.57 5.80 -2.57
CA LEU E 83 8.59 4.40 -2.99
C LEU E 83 10.04 3.93 -2.97
N ARG E 84 10.37 3.03 -2.05
CA ARG E 84 11.75 2.63 -1.87
C ARG E 84 12.02 1.26 -2.48
N SER E 85 13.30 0.93 -2.58
CA SER E 85 13.78 -0.32 -3.18
C SER E 85 13.16 -0.57 -4.56
N VAL E 86 13.20 0.46 -5.41
CA VAL E 86 12.53 0.35 -6.71
C VAL E 86 13.29 -0.62 -7.62
N THR E 87 12.56 -1.27 -8.51
CA THR E 87 13.12 -2.12 -9.55
C THR E 87 12.49 -1.73 -10.88
N ALA E 88 12.91 -2.43 -11.95
CA ALA E 88 12.37 -2.15 -13.28
C ALA E 88 10.85 -2.30 -13.33
N ALA E 89 10.28 -3.12 -12.44
CA ALA E 89 8.84 -3.31 -12.40
C ALA E 89 8.08 -2.07 -11.93
N ASP E 90 8.77 -1.06 -11.40
CA ASP E 90 8.13 0.18 -10.98
C ASP E 90 8.13 1.24 -12.06
N THR E 91 8.68 0.95 -13.25
CA THR E 91 8.62 1.89 -14.35
C THR E 91 7.17 2.11 -14.76
N ALA E 92 6.74 3.37 -14.78
CA ALA E 92 5.33 3.66 -14.95
C ALA E 92 5.11 5.17 -15.06
N VAL E 93 3.94 5.53 -15.57
CA VAL E 93 3.42 6.88 -15.41
C VAL E 93 2.66 6.94 -14.08
N TYR E 94 3.04 7.90 -13.23
CA TYR E 94 2.43 8.07 -11.92
C TYR E 94 1.49 9.27 -11.95
N TYR E 95 0.28 9.08 -11.42
CA TYR E 95 -0.74 10.11 -11.35
C TYR E 95 -1.12 10.36 -9.90
N CYS E 96 -1.45 11.61 -9.58
CA CYS E 96 -2.20 11.93 -8.37
C CYS E 96 -3.62 12.33 -8.73
N ALA E 97 -4.53 12.13 -7.78
CA ALA E 97 -5.96 12.30 -8.05
C ALA E 97 -6.71 12.72 -6.79
N LYS E 98 -7.75 13.53 -6.98
CA LYS E 98 -8.68 13.89 -5.91
C LYS E 98 -9.90 12.99 -5.95
N THR E 99 -10.40 12.63 -4.77
CA THR E 99 -11.57 11.78 -4.60
C THR E 99 -12.54 12.39 -3.59
N TYR E 100 -13.82 12.42 -3.93
CA TYR E 100 -14.87 12.78 -2.98
C TYR E 100 -15.35 11.60 -2.16
N SER E 101 -15.61 10.49 -2.83
CA SER E 101 -15.92 9.29 -2.15
C SER E 101 -14.99 8.12 -2.53
N GLY E 102 -15.19 7.53 -3.69
CA GLY E 102 -14.30 6.51 -4.17
C GLY E 102 -13.84 6.63 -5.62
N THR E 103 -14.47 7.50 -6.36
CA THR E 103 -14.13 7.77 -7.73
C THR E 103 -12.94 8.69 -7.75
N PHE E 104 -12.08 8.51 -8.72
CA PHE E 104 -10.97 9.44 -8.97
C PHE E 104 -11.51 10.54 -9.89
N ASP E 105 -11.96 11.63 -9.27
CA ASP E 105 -12.76 12.66 -9.93
C ASP E 105 -11.92 13.70 -10.65
N TYR E 106 -10.68 13.91 -10.22
CA TYR E 106 -9.76 14.84 -10.86
C TYR E 106 -8.37 14.23 -10.87
N TRP E 107 -7.64 14.41 -11.98
CA TRP E 107 -6.36 13.76 -12.17
C TRP E 107 -5.30 14.78 -12.60
N GLY E 108 -4.08 14.56 -12.12
CA GLY E 108 -2.94 15.22 -12.74
C GLY E 108 -2.70 14.69 -14.14
N GLN E 109 -1.75 15.32 -14.84
CA GLN E 109 -1.43 14.85 -16.17
C GLN E 109 -0.51 13.64 -16.16
N GLY E 110 0.12 13.34 -15.04
CA GLY E 110 0.98 12.17 -14.93
C GLY E 110 2.43 12.47 -15.24
N VAL E 111 3.33 11.74 -14.58
CA VAL E 111 4.76 11.86 -14.83
C VAL E 111 5.35 10.46 -15.03
N LEU E 112 6.15 10.31 -16.07
CA LEU E 112 6.81 9.04 -16.36
C LEU E 112 8.07 8.90 -15.50
N VAL E 113 8.21 7.75 -14.86
CA VAL E 113 9.42 7.40 -14.12
C VAL E 113 10.00 6.12 -14.69
N THR E 114 11.27 6.16 -15.07
CA THR E 114 11.99 4.98 -15.53
C THR E 114 12.96 4.53 -14.45
N VAL E 115 12.97 3.22 -14.18
CA VAL E 115 13.92 2.62 -13.25
C VAL E 115 14.90 1.77 -14.05
N SER E 116 16.17 2.13 -14.02
CA SER E 116 17.19 1.41 -14.77
C SER E 116 18.57 1.81 -14.27
N SER E 117 19.51 0.87 -14.38
CA SER E 117 20.91 1.13 -14.02
C SER E 117 21.72 1.62 -15.22
N ALA E 118 21.08 2.22 -16.22
CA ALA E 118 21.77 2.75 -17.39
C ALA E 118 21.90 4.27 -17.29
N SER E 119 22.99 4.79 -17.86
CA SER E 119 23.28 6.22 -17.80
C SER E 119 22.43 7.00 -18.81
N THR E 120 22.19 8.26 -18.49
CA THR E 120 21.54 9.16 -19.44
C THR E 120 22.46 9.40 -20.64
N LYS E 121 21.87 9.43 -21.82
CA LYS E 121 22.63 9.65 -23.05
C LYS E 121 21.79 10.49 -24.00
N GLY E 122 22.35 11.62 -24.44
CA GLY E 122 21.66 12.49 -25.35
C GLY E 122 21.47 11.85 -26.70
N PRO E 123 20.49 12.32 -27.46
CA PRO E 123 20.22 11.72 -28.78
C PRO E 123 21.06 12.31 -29.89
N SER E 124 21.28 11.50 -30.92
CA SER E 124 21.78 11.99 -32.19
C SER E 124 20.60 12.28 -33.10
N VAL E 125 20.65 13.42 -33.79
CA VAL E 125 19.55 13.88 -34.63
C VAL E 125 20.05 13.94 -36.06
N PHE E 126 19.35 13.25 -36.97
CA PHE E 126 19.70 13.23 -38.38
C PHE E 126 18.51 13.65 -39.23
N PRO E 127 18.71 14.49 -40.24
CA PRO E 127 17.58 14.93 -41.07
C PRO E 127 17.16 13.86 -42.05
N LEU E 128 15.85 13.83 -42.31
CA LEU E 128 15.24 12.95 -43.30
C LEU E 128 14.73 13.84 -44.43
N ALA E 129 15.47 13.87 -45.54
CA ALA E 129 15.11 14.70 -46.67
C ALA E 129 14.88 13.86 -47.92
N PRO E 130 13.98 14.29 -48.81
CA PRO E 130 13.77 13.63 -50.10
C PRO E 130 14.91 13.91 -51.07
N SER E 134 14.16 12.66 -53.87
CA SER E 134 14.54 13.71 -54.80
C SER E 134 13.51 13.85 -55.92
N THR E 135 12.57 12.91 -55.99
CA THR E 135 11.37 13.06 -56.79
C THR E 135 10.33 13.83 -56.00
N SER E 136 9.65 14.77 -56.65
CA SER E 136 8.69 15.63 -55.99
C SER E 136 7.43 15.72 -56.82
N GLU E 137 6.29 15.32 -56.23
CA GLU E 137 4.97 15.38 -56.88
C GLU E 137 4.00 15.95 -55.85
N SER E 138 3.75 17.27 -55.94
CA SER E 138 2.74 17.95 -55.13
C SER E 138 3.06 17.98 -53.64
N THR E 139 3.20 16.82 -53.01
CA THR E 139 3.43 16.75 -51.57
C THR E 139 4.76 16.05 -51.30
N ALA E 140 5.49 16.54 -50.30
CA ALA E 140 6.77 15.96 -49.92
C ALA E 140 6.78 15.67 -48.43
N ALA E 141 7.60 14.70 -48.04
CA ALA E 141 7.74 14.31 -46.66
C ALA E 141 9.12 14.70 -46.15
N LEU E 142 9.18 15.32 -44.98
CA LEU E 142 10.41 15.67 -44.30
C LEU E 142 10.40 15.02 -42.92
N GLY E 143 11.59 14.87 -42.33
CA GLY E 143 11.61 14.21 -41.05
C GLY E 143 12.93 14.42 -40.32
N CYS E 144 12.96 13.84 -39.11
CA CYS E 144 14.15 13.86 -38.27
C CYS E 144 14.25 12.51 -37.57
N LEU E 145 15.39 11.86 -37.72
CA LEU E 145 15.67 10.62 -37.00
C LEU E 145 16.37 10.97 -35.69
N VAL E 146 15.76 10.60 -34.57
CA VAL E 146 16.29 10.86 -33.24
C VAL E 146 16.74 9.52 -32.67
N LYS E 147 18.05 9.32 -32.58
CA LYS E 147 18.63 8.00 -32.41
C LYS E 147 19.50 7.94 -31.14
N ASP E 148 19.48 6.77 -30.51
CA ASP E 148 20.42 6.40 -29.43
C ASP E 148 20.36 7.40 -28.26
N TYR E 149 19.21 7.40 -27.58
CA TYR E 149 19.05 8.18 -26.37
C TYR E 149 18.45 7.33 -25.27
N PHE E 150 18.61 7.81 -24.03
CA PHE E 150 18.07 7.15 -22.86
C PHE E 150 18.08 8.14 -21.71
N PRO E 151 17.02 8.19 -20.89
CA PRO E 151 15.81 7.41 -21.11
C PRO E 151 14.72 8.20 -21.84
N GLU E 152 13.50 7.70 -21.80
CA GLU E 152 12.35 8.44 -22.30
C GLU E 152 11.96 9.53 -21.32
N PRO E 153 11.25 10.58 -21.78
CA PRO E 153 10.85 10.82 -23.17
C PRO E 153 11.70 11.86 -23.87
N VAL E 154 11.44 12.02 -25.16
CA VAL E 154 11.95 13.13 -25.93
C VAL E 154 10.75 13.83 -26.55
N THR E 155 10.87 15.14 -26.77
CA THR E 155 9.81 15.92 -27.38
C THR E 155 10.35 16.52 -28.67
N VAL E 156 9.56 16.44 -29.73
CA VAL E 156 9.94 16.95 -31.05
C VAL E 156 8.90 17.96 -31.49
N SER E 157 9.36 19.14 -31.90
CA SER E 157 8.50 20.13 -32.51
C SER E 157 9.11 20.55 -33.84
N TRP E 158 8.30 21.22 -34.66
CA TRP E 158 8.74 21.71 -35.95
C TRP E 158 8.54 23.21 -36.02
N ASN E 159 9.59 23.92 -36.47
CA ASN E 159 9.57 25.38 -36.58
C ASN E 159 9.10 26.03 -35.29
N SER E 160 9.70 25.62 -34.18
CA SER E 160 9.47 26.21 -32.86
C SER E 160 8.00 26.14 -32.44
N GLY E 161 7.28 25.13 -32.93
CA GLY E 161 5.89 24.95 -32.58
C GLY E 161 4.90 25.60 -33.52
N SER E 162 5.36 26.34 -34.53
CA SER E 162 4.45 26.96 -35.48
C SER E 162 3.91 25.99 -36.53
N LEU E 163 4.60 24.87 -36.75
CA LEU E 163 4.15 23.85 -37.69
C LEU E 163 3.65 22.67 -36.88
N THR E 164 2.33 22.45 -36.90
CA THR E 164 1.71 21.34 -36.20
C THR E 164 0.84 20.47 -37.10
N SER E 165 0.29 21.03 -38.17
CA SER E 165 -0.55 20.28 -39.08
C SER E 165 0.29 19.28 -39.87
N GLY E 166 -0.19 18.04 -39.96
CA GLY E 166 0.49 17.01 -40.72
C GLY E 166 1.69 16.39 -40.04
N VAL E 167 1.93 16.67 -38.77
CA VAL E 167 3.09 16.15 -38.06
C VAL E 167 2.72 14.82 -37.42
N HIS E 168 3.61 13.84 -37.55
CA HIS E 168 3.48 12.56 -36.87
C HIS E 168 4.80 12.25 -36.19
N THR E 169 4.79 12.16 -34.87
CA THR E 169 5.95 11.77 -34.09
C THR E 169 5.69 10.37 -33.55
N PHE E 170 6.39 9.39 -34.11
CA PHE E 170 6.12 8.00 -33.79
C PHE E 170 6.60 7.67 -32.37
N PRO E 171 5.97 6.68 -31.74
CA PRO E 171 6.47 6.22 -30.43
C PRO E 171 7.85 5.60 -30.57
N ALA E 172 8.69 5.81 -29.57
CA ALA E 172 10.06 5.32 -29.62
C ALA E 172 10.10 3.80 -29.64
N VAL E 173 11.16 3.26 -30.23
CA VAL E 173 11.44 1.83 -30.26
C VAL E 173 12.71 1.58 -29.46
N LEU E 174 12.62 0.69 -28.48
CA LEU E 174 13.79 0.31 -27.70
C LEU E 174 14.68 -0.61 -28.53
N GLN E 175 15.88 -0.15 -28.84
CA GLN E 175 16.81 -0.93 -29.65
C GLN E 175 17.45 -2.03 -28.83
N SER E 176 18.07 -2.98 -29.53
CA SER E 176 18.76 -4.07 -28.84
C SER E 176 19.96 -3.56 -28.05
N SER E 177 20.47 -2.37 -28.37
CA SER E 177 21.56 -1.77 -27.62
C SER E 177 21.12 -1.21 -26.27
N GLY E 178 19.82 -1.21 -25.98
CA GLY E 178 19.32 -0.60 -24.77
C GLY E 178 19.03 0.88 -24.89
N LEU E 179 19.12 1.45 -26.09
CA LEU E 179 18.85 2.86 -26.34
C LEU E 179 17.59 3.00 -27.19
N TYR E 180 16.94 4.17 -27.06
CA TYR E 180 15.71 4.44 -27.77
C TYR E 180 15.98 5.15 -29.09
N SER E 181 15.01 5.04 -30.01
CA SER E 181 15.09 5.68 -31.31
C SER E 181 13.69 5.94 -31.83
N LEU E 182 13.50 7.11 -32.45
CA LEU E 182 12.23 7.42 -33.08
C LEU E 182 12.46 8.34 -34.26
N SER E 183 11.43 8.44 -35.10
CA SER E 183 11.37 9.42 -36.18
C SER E 183 10.18 10.33 -35.97
N SER E 184 10.34 11.60 -36.33
CA SER E 184 9.23 12.54 -36.44
C SER E 184 9.19 13.02 -37.88
N VAL E 185 8.00 12.99 -38.49
CA VAL E 185 7.84 13.34 -39.89
C VAL E 185 6.73 14.38 -40.02
N VAL E 186 6.80 15.12 -41.12
CA VAL E 186 5.74 16.06 -41.53
C VAL E 186 5.69 16.08 -43.05
N THR E 187 4.51 16.22 -43.58
CA THR E 187 4.34 16.36 -45.00
C THR E 187 4.00 17.78 -45.33
N VAL E 188 4.68 18.32 -46.30
CA VAL E 188 4.53 19.70 -46.68
C VAL E 188 4.50 19.84 -48.20
N PRO E 189 3.94 21.02 -48.68
CA PRO E 189 4.01 21.17 -50.14
C PRO E 189 5.39 21.23 -50.68
N SER E 190 5.57 20.60 -51.81
CA SER E 190 6.85 20.59 -52.46
C SER E 190 7.24 22.00 -52.83
N SER E 191 6.26 22.80 -53.16
CA SER E 191 6.55 24.17 -53.53
C SER E 191 7.24 24.85 -52.36
N SER E 192 6.67 24.68 -51.17
CA SER E 192 7.22 25.33 -49.97
C SER E 192 8.67 24.97 -49.73
N LEU E 193 9.15 23.87 -50.32
CA LEU E 193 10.55 23.47 -50.12
C LEU E 193 11.50 24.48 -50.71
N GLY E 194 11.09 25.21 -51.75
CA GLY E 194 11.92 26.26 -52.31
C GLY E 194 11.85 27.53 -51.49
N THR E 195 10.69 27.82 -50.92
CA THR E 195 10.50 29.06 -50.17
C THR E 195 10.86 28.93 -48.70
N GLN E 196 10.50 27.81 -48.06
CA GLN E 196 10.60 27.67 -46.61
C GLN E 196 11.81 26.86 -46.20
N THR E 197 12.25 27.10 -44.97
CA THR E 197 13.22 26.25 -44.29
C THR E 197 12.49 25.49 -43.18
N TYR E 198 12.91 24.24 -42.97
CA TYR E 198 12.26 23.37 -41.99
C TYR E 198 13.28 22.92 -40.96
N VAL E 199 12.94 23.13 -39.69
CA VAL E 199 13.80 22.77 -38.57
C VAL E 199 12.98 21.96 -37.60
N CYS E 200 13.51 20.82 -37.17
CA CYS E 200 12.90 20.04 -36.10
C CYS E 200 13.61 20.37 -34.79
N ASN E 201 12.84 20.56 -33.74
CA ASN E 201 13.35 20.92 -32.42
C ASN E 201 13.23 19.70 -31.52
N VAL E 202 14.37 19.17 -31.09
CA VAL E 202 14.43 17.99 -30.24
C VAL E 202 14.89 18.44 -28.86
N ASN E 203 14.11 18.07 -27.83
CA ASN E 203 14.44 18.40 -26.45
C ASN E 203 14.46 17.11 -25.65
N HIS E 204 15.62 16.78 -25.07
CA HIS E 204 15.76 15.61 -24.21
C HIS E 204 16.15 16.12 -22.83
N LYS E 205 15.16 16.26 -21.96
CA LYS E 205 15.40 16.78 -20.61
C LYS E 205 16.41 15.97 -19.81
N PRO E 206 16.40 14.63 -19.82
CA PRO E 206 17.35 13.90 -18.96
C PRO E 206 18.81 14.28 -19.18
N SER E 207 19.20 14.57 -20.41
CA SER E 207 20.56 15.03 -20.71
C SER E 207 20.61 16.53 -21.01
N ASN E 208 19.51 17.24 -20.75
CA ASN E 208 19.32 18.65 -21.12
C ASN E 208 19.93 18.97 -22.48
N THR E 209 19.44 18.23 -23.48
CA THR E 209 19.85 18.41 -24.87
C THR E 209 18.81 19.27 -25.60
N LYS E 210 19.29 20.26 -26.34
CA LYS E 210 18.44 21.18 -27.10
C LYS E 210 19.05 21.31 -28.49
N VAL E 211 18.55 20.52 -29.45
CA VAL E 211 19.09 20.49 -30.80
C VAL E 211 18.04 21.04 -31.76
N ASP E 212 18.43 22.05 -32.53
CA ASP E 212 17.63 22.60 -33.62
C ASP E 212 18.37 22.28 -34.91
N LYS E 213 17.83 21.37 -35.71
CA LYS E 213 18.54 20.82 -36.86
C LYS E 213 17.76 21.11 -38.13
N ARG E 214 18.46 21.69 -39.11
CA ARG E 214 17.83 22.13 -40.35
C ARG E 214 17.67 20.97 -41.31
N VAL E 215 16.48 20.81 -41.87
CA VAL E 215 16.19 19.77 -42.84
C VAL E 215 16.06 20.43 -44.21
N GLU E 216 17.08 20.25 -45.04
CA GLU E 216 17.18 20.90 -46.34
C GLU E 216 17.26 19.86 -47.45
N ILE E 217 16.79 20.24 -48.63
CA ILE E 217 16.90 19.40 -49.81
C ILE E 217 18.28 19.57 -50.42
N LYS E 218 18.86 18.48 -50.92
CA LYS E 218 20.15 18.53 -51.58
C LYS E 218 20.12 19.39 -52.84
N ASP F 1 -8.93 -6.83 -2.05
CA ASP F 1 -9.39 -8.21 -2.13
C ASP F 1 -10.29 -8.43 -3.34
N ILE F 2 -10.97 -7.37 -3.77
CA ILE F 2 -11.91 -7.47 -4.88
C ILE F 2 -11.17 -7.39 -6.20
N GLN F 3 -11.40 -8.37 -7.07
CA GLN F 3 -10.86 -8.38 -8.41
C GLN F 3 -11.96 -8.04 -9.41
N MET F 4 -11.63 -7.22 -10.40
CA MET F 4 -12.52 -6.86 -11.50
C MET F 4 -12.08 -7.56 -12.77
N THR F 5 -13.01 -8.23 -13.44
CA THR F 5 -12.73 -8.90 -14.72
C THR F 5 -13.48 -8.17 -15.82
N GLN F 6 -12.74 -7.50 -16.69
CA GLN F 6 -13.31 -6.68 -17.75
C GLN F 6 -13.25 -7.42 -19.08
N SER F 7 -14.33 -7.32 -19.86
CA SER F 7 -14.44 -7.95 -21.17
C SER F 7 -15.15 -7.02 -22.15
N PRO F 8 -14.73 -6.99 -23.42
CA PRO F 8 -13.56 -7.70 -23.95
C PRO F 8 -12.29 -6.87 -23.84
N SER F 9 -11.13 -7.43 -24.24
CA SER F 9 -9.89 -6.67 -24.14
C SER F 9 -9.81 -5.58 -25.21
N SER F 10 -10.40 -5.81 -26.38
CA SER F 10 -10.35 -4.85 -27.46
C SER F 10 -11.57 -5.03 -28.35
N LEU F 11 -11.96 -3.97 -29.04
CA LEU F 11 -13.10 -4.06 -29.92
C LEU F 11 -12.92 -3.03 -31.04
N SER F 12 -13.44 -3.35 -32.21
CA SER F 12 -13.43 -2.44 -33.35
C SER F 12 -14.86 -2.30 -33.86
N ALA F 13 -15.36 -1.07 -33.87
CA ALA F 13 -16.75 -0.82 -34.24
C ALA F 13 -16.84 0.42 -35.10
N SER F 14 -17.92 0.51 -35.88
CA SER F 14 -18.17 1.59 -36.82
C SER F 14 -19.03 2.69 -36.19
N VAL F 15 -18.98 3.86 -36.82
CA VAL F 15 -19.82 4.97 -36.39
C VAL F 15 -21.29 4.57 -36.44
N GLY F 16 -22.00 4.90 -35.39
CA GLY F 16 -23.39 4.59 -35.23
C GLY F 16 -23.60 3.23 -34.64
N ASP F 17 -22.55 2.45 -34.45
CA ASP F 17 -22.70 1.16 -33.80
C ASP F 17 -23.09 1.42 -32.33
N ARG F 18 -23.68 0.41 -31.71
CA ARG F 18 -23.98 0.41 -30.30
C ARG F 18 -23.05 -0.63 -29.80
N VAL F 19 -22.29 -0.33 -28.77
CA VAL F 19 -21.37 -1.30 -28.23
C VAL F 19 -21.45 -1.35 -26.73
N THR F 20 -21.14 -2.48 -26.17
CA THR F 20 -21.27 -2.72 -24.73
C THR F 20 -19.99 -3.32 -24.18
N ILE F 21 -19.53 -2.79 -23.05
CA ILE F 21 -18.37 -3.30 -22.32
C ILE F 21 -18.84 -3.75 -20.94
N THR F 22 -18.44 -4.96 -20.54
CA THR F 22 -18.89 -5.57 -19.29
C THR F 22 -17.73 -5.77 -18.33
N CYS F 23 -18.04 -5.71 -17.04
CA CYS F 23 -17.05 -5.83 -15.97
C CYS F 23 -17.64 -6.67 -14.84
N ARG F 24 -16.91 -7.71 -14.42
CA ARG F 24 -17.35 -8.67 -13.42
C ARG F 24 -16.54 -8.52 -12.15
N ALA F 25 -17.22 -8.50 -11.01
CA ALA F 25 -16.57 -8.35 -9.71
C ALA F 25 -16.60 -9.69 -8.96
N SER F 26 -15.48 -10.03 -8.32
CA SER F 26 -15.36 -11.26 -7.55
C SER F 26 -16.15 -11.22 -6.24
N GLN F 27 -16.80 -10.10 -5.93
CA GLN F 27 -17.54 -9.92 -4.70
C GLN F 27 -18.58 -8.83 -4.96
N ASP F 28 -19.72 -8.93 -4.28
CA ASP F 28 -20.73 -7.90 -4.41
C ASP F 28 -20.14 -6.54 -4.04
N ILE F 29 -20.24 -5.58 -4.97
CA ILE F 29 -19.69 -4.24 -4.77
C ILE F 29 -20.76 -3.19 -4.58
N ASN F 30 -22.02 -3.60 -4.51
CA ASN F 30 -23.07 -2.74 -4.06
C ASN F 30 -23.21 -1.48 -4.89
N ASN F 31 -23.01 -1.59 -6.18
CA ASN F 31 -23.15 -0.50 -7.10
C ASN F 31 -22.05 0.51 -7.09
N TYR F 32 -21.02 0.30 -6.30
CA TYR F 32 -19.95 1.25 -6.22
C TYR F 32 -18.98 1.00 -7.34
N LEU F 33 -19.34 1.42 -8.53
CA LEU F 33 -18.51 1.17 -9.70
C LEU F 33 -18.49 2.41 -10.59
N SER F 34 -17.29 2.78 -11.04
CA SER F 34 -17.10 3.90 -11.95
C SER F 34 -16.51 3.39 -13.27
N TRP F 35 -16.87 4.07 -14.35
CA TRP F 35 -16.29 3.83 -15.67
C TRP F 35 -15.48 5.04 -16.10
N TYR F 36 -14.31 4.78 -16.70
CA TYR F 36 -13.40 5.82 -17.15
C TYR F 36 -13.10 5.68 -18.64
N GLN F 37 -12.81 6.81 -19.27
CA GLN F 37 -12.36 6.87 -20.65
C GLN F 37 -10.95 7.46 -20.67
N GLN F 38 -9.99 6.73 -21.25
CA GLN F 38 -8.61 7.20 -21.30
C GLN F 38 -8.18 7.35 -22.76
N LYS F 39 -8.00 8.59 -23.18
CA LYS F 39 -7.48 8.86 -24.50
C LYS F 39 -5.97 8.68 -24.51
N PRO F 40 -5.38 8.38 -25.67
CA PRO F 40 -3.92 8.17 -25.73
C PRO F 40 -3.15 9.37 -25.19
N GLY F 41 -2.18 9.07 -24.32
CA GLY F 41 -1.32 10.10 -23.73
C GLY F 41 -1.94 10.93 -22.63
N LYS F 42 -3.19 10.67 -22.25
CA LYS F 42 -3.85 11.50 -21.26
C LYS F 42 -4.30 10.65 -20.07
N ALA F 43 -4.65 11.34 -18.99
CA ALA F 43 -5.18 10.67 -17.82
C ALA F 43 -6.60 10.20 -18.07
N PRO F 44 -7.05 9.15 -17.38
CA PRO F 44 -8.44 8.73 -17.52
C PRO F 44 -9.41 9.83 -17.09
N LYS F 45 -10.59 9.81 -17.69
CA LYS F 45 -11.64 10.78 -17.42
C LYS F 45 -12.89 10.06 -16.96
N PRO F 46 -13.46 10.43 -15.81
CA PRO F 46 -14.62 9.69 -15.29
C PRO F 46 -15.87 9.92 -16.14
N LEU F 47 -16.56 8.83 -16.46
CA LEU F 47 -17.79 8.88 -17.26
C LEU F 47 -19.05 8.56 -16.47
N ILE F 48 -19.01 7.54 -15.64
CA ILE F 48 -20.17 7.05 -14.90
C ILE F 48 -19.71 6.71 -13.50
N TYR F 49 -20.56 7.04 -12.52
CA TYR F 49 -20.31 6.69 -11.13
C TYR F 49 -21.54 5.99 -10.58
N TYR F 50 -21.35 5.24 -9.49
CA TYR F 50 -22.42 4.46 -8.88
C TYR F 50 -23.13 3.60 -9.93
N ALA F 51 -22.34 3.01 -10.83
CA ALA F 51 -22.78 2.05 -11.82
C ALA F 51 -23.59 2.64 -12.97
N SER F 52 -24.49 3.58 -12.68
CA SER F 52 -25.42 4.06 -13.70
C SER F 52 -25.59 5.57 -13.77
N SER F 53 -24.96 6.34 -12.88
CA SER F 53 -25.13 7.79 -12.87
C SER F 53 -24.07 8.44 -13.74
N LEU F 54 -24.51 9.34 -14.64
CA LEU F 54 -23.61 10.01 -15.56
C LEU F 54 -22.89 11.16 -14.87
N GLU F 55 -21.57 11.24 -15.06
CA GLU F 55 -20.85 12.43 -14.63
C GLU F 55 -21.34 13.66 -15.40
N THR F 56 -21.21 14.82 -14.78
CA THR F 56 -21.68 16.05 -15.40
C THR F 56 -20.91 16.31 -16.69
N GLY F 57 -21.65 16.64 -17.75
CA GLY F 57 -21.06 16.94 -19.03
C GLY F 57 -20.77 15.74 -19.91
N VAL F 58 -21.03 14.53 -19.44
CA VAL F 58 -20.80 13.31 -20.21
C VAL F 58 -21.94 13.14 -21.20
N PRO F 59 -21.66 12.81 -22.46
CA PRO F 59 -22.75 12.67 -23.45
C PRO F 59 -23.73 11.58 -23.06
N SER F 60 -25.00 11.80 -23.43
CA SER F 60 -26.07 10.89 -23.05
C SER F 60 -25.98 9.53 -23.71
N ARG F 61 -25.19 9.39 -24.78
CA ARG F 61 -25.07 8.08 -25.42
C ARG F 61 -24.34 7.08 -24.55
N PHE F 62 -23.60 7.55 -23.55
CA PHE F 62 -22.99 6.64 -22.58
C PHE F 62 -24.00 6.31 -21.48
N SER F 63 -24.09 5.04 -21.14
CA SER F 63 -24.95 4.63 -20.04
C SER F 63 -24.37 3.38 -19.42
N GLY F 64 -24.69 3.17 -18.16
CA GLY F 64 -24.24 1.99 -17.44
C GLY F 64 -25.41 1.31 -16.76
N SER F 65 -25.29 0.01 -16.62
CA SER F 65 -26.32 -0.81 -16.02
C SER F 65 -25.67 -1.92 -15.22
N ARG F 66 -26.50 -2.66 -14.50
CA ARG F 66 -26.03 -3.72 -13.64
C ARG F 66 -26.95 -4.93 -13.76
N SER F 67 -26.38 -6.12 -13.83
CA SER F 67 -27.12 -7.32 -13.59
C SER F 67 -26.30 -8.21 -12.72
N GLY F 68 -26.79 -8.40 -11.52
CA GLY F 68 -26.04 -9.14 -10.55
C GLY F 68 -24.72 -8.47 -10.36
N THR F 69 -23.69 -9.31 -10.44
CA THR F 69 -22.33 -8.94 -10.14
C THR F 69 -21.56 -8.52 -11.40
N ASP F 70 -22.31 -8.33 -12.48
CA ASP F 70 -21.81 -7.91 -13.76
C ASP F 70 -22.34 -6.53 -14.05
N TYR F 71 -21.47 -5.64 -14.46
CA TYR F 71 -21.74 -4.25 -14.77
C TYR F 71 -21.35 -3.98 -16.22
N THR F 72 -22.17 -3.20 -16.92
CA THR F 72 -21.99 -2.97 -18.34
C THR F 72 -21.97 -1.48 -18.64
N LEU F 73 -21.04 -1.07 -19.51
CA LEU F 73 -21.00 0.26 -20.09
C LEU F 73 -21.43 0.17 -21.55
N THR F 74 -22.41 0.99 -21.94
CA THR F 74 -22.96 0.97 -23.29
C THR F 74 -22.89 2.36 -23.90
N ILE F 75 -22.44 2.42 -25.16
CA ILE F 75 -22.50 3.63 -25.97
C ILE F 75 -23.58 3.45 -27.03
N SER F 76 -24.64 4.28 -26.96
CA SER F 76 -25.82 4.05 -27.78
C SER F 76 -25.54 4.24 -29.26
N SER F 77 -24.84 5.32 -29.63
CA SER F 77 -24.51 5.57 -31.04
C SER F 77 -23.06 6.00 -31.08
N LEU F 78 -22.17 5.07 -31.46
CA LEU F 78 -20.74 5.31 -31.44
C LEU F 78 -20.36 6.46 -32.37
N GLN F 79 -19.47 7.33 -31.89
CA GLN F 79 -18.96 8.45 -32.68
C GLN F 79 -17.45 8.32 -32.82
N LEU F 80 -16.91 9.04 -33.81
CA LEU F 80 -15.49 8.92 -34.14
C LEU F 80 -14.60 9.22 -32.93
N GLU F 81 -15.02 10.16 -32.09
CA GLU F 81 -14.22 10.58 -30.94
C GLU F 81 -14.14 9.55 -29.83
N ASP F 82 -14.88 8.44 -29.95
CA ASP F 82 -15.01 7.50 -28.85
C ASP F 82 -13.90 6.46 -28.78
N PHE F 83 -12.93 6.49 -29.69
CA PHE F 83 -11.81 5.57 -29.57
C PHE F 83 -10.99 5.92 -28.33
N ALA F 84 -10.72 4.91 -27.51
CA ALA F 84 -9.99 5.08 -26.25
C ALA F 84 -9.86 3.73 -25.58
N THR F 85 -9.17 3.68 -24.44
CA THR F 85 -9.20 2.53 -23.56
C THR F 85 -10.10 2.84 -22.37
N TYR F 86 -11.09 1.99 -22.14
CA TYR F 86 -12.09 2.19 -21.10
C TYR F 86 -11.82 1.27 -19.91
N TYR F 87 -12.02 1.81 -18.70
CA TYR F 87 -11.75 1.10 -17.46
C TYR F 87 -12.94 1.14 -16.51
N CYS F 88 -13.22 0.01 -15.86
CA CYS F 88 -14.08 0.00 -14.69
C CYS F 88 -13.22 0.08 -13.43
N GLN F 89 -13.86 0.50 -12.34
CA GLN F 89 -13.16 0.66 -11.06
C GLN F 89 -14.19 0.50 -9.94
N GLN F 90 -13.96 -0.44 -9.03
CA GLN F 90 -14.82 -0.59 -7.88
C GLN F 90 -14.29 0.27 -6.73
N TYR F 91 -15.21 0.85 -5.96
CA TYR F 91 -14.84 1.56 -4.74
C TYR F 91 -15.74 1.16 -3.57
N ASN F 92 -16.20 -0.09 -3.57
CA ASN F 92 -16.94 -0.63 -2.42
C ASN F 92 -16.04 -0.77 -1.19
N ASN F 93 -14.78 -1.16 -1.40
CA ASN F 93 -13.86 -1.35 -0.30
C ASN F 93 -12.43 -1.17 -0.79
N SER F 94 -11.56 -0.87 0.15
CA SER F 94 -10.13 -0.77 -0.11
C SER F 94 -9.52 -2.17 -0.08
N PRO F 95 -8.53 -2.45 -0.94
CA PRO F 95 -7.94 -1.56 -1.94
C PRO F 95 -8.80 -1.37 -3.18
N TYR F 96 -8.86 -0.14 -3.67
CA TYR F 96 -9.56 0.13 -4.91
C TYR F 96 -8.83 -0.55 -6.06
N SER F 97 -9.60 -1.16 -6.96
CA SER F 97 -9.04 -1.98 -8.02
C SER F 97 -9.75 -1.66 -9.33
N PHE F 98 -9.01 -1.80 -10.43
CA PHE F 98 -9.48 -1.52 -11.77
C PHE F 98 -9.61 -2.80 -12.59
N GLY F 99 -10.49 -2.76 -13.57
CA GLY F 99 -10.48 -3.77 -14.61
C GLY F 99 -9.27 -3.62 -15.50
N GLN F 100 -9.06 -4.62 -16.35
CA GLN F 100 -7.86 -4.64 -17.18
C GLN F 100 -7.93 -3.64 -18.33
N GLY F 101 -9.11 -3.15 -18.67
CA GLY F 101 -9.25 -2.17 -19.73
C GLY F 101 -9.77 -2.77 -21.02
N THR F 102 -10.42 -1.92 -21.82
CA THR F 102 -10.94 -2.31 -23.12
C THR F 102 -10.52 -1.25 -24.14
N LYS F 103 -9.67 -1.64 -25.09
CA LYS F 103 -9.20 -0.72 -26.12
C LYS F 103 -10.21 -0.70 -27.26
N VAL F 104 -10.78 0.47 -27.53
CA VAL F 104 -11.83 0.64 -28.52
C VAL F 104 -11.27 1.38 -29.72
N GLU F 105 -11.29 0.72 -30.87
CA GLU F 105 -10.92 1.29 -32.16
C GLU F 105 -12.19 1.58 -32.96
N ILE F 106 -12.24 2.75 -33.59
CA ILE F 106 -13.36 3.11 -34.44
C ILE F 106 -13.05 2.71 -35.87
N LYS F 107 -13.99 2.01 -36.50
CA LYS F 107 -13.86 1.70 -37.91
C LYS F 107 -14.26 2.89 -38.78
N ARG F 108 -13.60 3.00 -39.92
CA ARG F 108 -13.88 4.03 -40.90
C ARG F 108 -13.63 3.44 -42.29
N THR F 109 -13.87 4.22 -43.32
CA THR F 109 -13.71 3.69 -44.67
C THR F 109 -12.23 3.46 -44.97
N VAL F 110 -11.96 2.49 -45.86
CA VAL F 110 -10.59 2.16 -46.23
C VAL F 110 -9.91 3.39 -46.84
N ALA F 111 -8.66 3.62 -46.43
CA ALA F 111 -7.88 4.72 -46.98
C ALA F 111 -6.48 4.21 -47.27
N ALA F 112 -6.03 4.37 -48.51
CA ALA F 112 -4.73 3.84 -48.89
C ALA F 112 -3.61 4.73 -48.35
N PRO F 113 -2.50 4.15 -47.94
CA PRO F 113 -1.39 4.97 -47.44
C PRO F 113 -0.67 5.71 -48.56
N SER F 114 -0.16 6.88 -48.21
CA SER F 114 0.85 7.56 -49.03
C SER F 114 2.22 7.11 -48.56
N VAL F 115 3.07 6.71 -49.51
CA VAL F 115 4.34 6.06 -49.18
C VAL F 115 5.49 6.99 -49.53
N PHE F 116 6.45 7.10 -48.62
CA PHE F 116 7.65 7.90 -48.83
C PHE F 116 8.85 7.12 -48.33
N ILE F 117 9.98 7.26 -49.01
CA ILE F 117 11.20 6.63 -48.55
C ILE F 117 12.26 7.71 -48.36
N PHE F 118 13.08 7.55 -47.33
CA PHE F 118 14.08 8.55 -46.96
C PHE F 118 15.49 7.97 -47.08
N PRO F 119 16.32 8.46 -47.98
CA PRO F 119 17.71 8.04 -48.01
C PRO F 119 18.43 8.53 -46.76
N PRO F 120 19.41 7.79 -46.26
CA PRO F 120 20.20 8.27 -45.12
C PRO F 120 21.10 9.44 -45.53
N SER F 121 21.28 10.37 -44.59
CA SER F 121 22.12 11.54 -44.81
C SER F 121 23.60 11.15 -44.81
N GLU F 122 24.43 12.04 -45.35
CA GLU F 122 25.87 11.81 -45.35
C GLU F 122 26.42 11.72 -43.94
N ASP F 123 25.87 12.52 -43.01
CA ASP F 123 26.32 12.44 -41.62
C ASP F 123 26.05 11.06 -41.03
N GLN F 124 24.92 10.45 -41.39
CA GLN F 124 24.58 9.13 -40.87
C GLN F 124 25.53 8.07 -41.39
N VAL F 125 25.87 8.13 -42.68
CA VAL F 125 26.81 7.16 -43.25
C VAL F 125 28.17 7.27 -42.55
N LYS F 126 28.59 8.49 -42.24
CA LYS F 126 29.87 8.69 -41.57
C LYS F 126 29.90 8.13 -40.15
N SER F 127 28.75 7.79 -39.58
CA SER F 127 28.68 7.24 -38.24
C SER F 127 28.91 5.72 -38.20
N GLY F 128 28.98 5.07 -39.36
CA GLY F 128 29.16 3.63 -39.45
C GLY F 128 27.87 2.82 -39.41
N THR F 129 26.75 3.44 -39.07
CA THR F 129 25.45 2.77 -39.04
C THR F 129 24.43 3.67 -39.70
N VAL F 130 23.60 3.10 -40.56
CA VAL F 130 22.64 3.84 -41.38
C VAL F 130 21.24 3.29 -41.12
N SER F 131 20.26 4.19 -41.14
CA SER F 131 18.86 3.84 -41.04
C SER F 131 18.15 4.33 -42.29
N VAL F 132 17.45 3.43 -42.97
CA VAL F 132 16.62 3.78 -44.12
C VAL F 132 15.18 3.74 -43.64
N VAL F 133 14.46 4.84 -43.81
CA VAL F 133 13.12 5.00 -43.23
C VAL F 133 12.09 4.97 -44.35
N CYS F 134 11.07 4.12 -44.17
CA CYS F 134 9.90 4.09 -45.04
C CYS F 134 8.69 4.59 -44.26
N LEU F 135 7.94 5.52 -44.84
CA LEU F 135 6.79 6.14 -44.17
C LEU F 135 5.50 5.78 -44.89
N LEU F 136 4.52 5.27 -44.13
CA LEU F 136 3.16 5.05 -44.61
C LEU F 136 2.24 6.03 -43.88
N ASN F 137 1.61 6.92 -44.62
CA ASN F 137 0.93 8.07 -44.03
C ASN F 137 -0.59 7.95 -44.22
N ASN F 138 -1.32 8.09 -43.11
CA ASN F 138 -2.77 8.31 -43.09
C ASN F 138 -3.52 7.21 -43.86
N PHE F 139 -3.50 6.02 -43.29
CA PHE F 139 -4.17 4.88 -43.90
C PHE F 139 -5.09 4.20 -42.90
N TYR F 140 -6.02 3.40 -43.43
CA TYR F 140 -6.90 2.59 -42.62
C TYR F 140 -7.38 1.43 -43.48
N PRO F 141 -7.44 0.20 -42.94
CA PRO F 141 -7.17 -0.21 -41.56
C PRO F 141 -5.68 -0.31 -41.20
N ARG F 142 -5.43 -0.71 -39.95
CA ARG F 142 -4.05 -0.74 -39.46
C ARG F 142 -3.20 -1.74 -40.21
N GLU F 143 -3.81 -2.83 -40.68
CA GLU F 143 -3.06 -3.93 -41.26
C GLU F 143 -2.35 -3.49 -42.54
N ALA F 144 -1.03 -3.67 -42.57
CA ALA F 144 -0.23 -3.34 -43.74
C ALA F 144 1.01 -4.22 -43.71
N SER F 145 1.54 -4.49 -44.90
CA SER F 145 2.74 -5.29 -45.05
C SER F 145 3.78 -4.44 -45.74
N VAL F 146 4.96 -4.33 -45.15
CA VAL F 146 6.06 -3.54 -45.69
C VAL F 146 7.23 -4.49 -45.90
N LYS F 147 7.67 -4.61 -47.16
CA LYS F 147 8.80 -5.45 -47.52
C LYS F 147 9.97 -4.55 -47.90
N TRP F 148 11.15 -4.87 -47.39
CA TRP F 148 12.37 -4.19 -47.79
C TRP F 148 13.06 -5.02 -48.87
N LYS F 149 13.40 -4.35 -49.97
CA LYS F 149 14.09 -5.01 -51.08
C LYS F 149 15.34 -4.21 -51.38
N VAL F 150 16.48 -4.91 -51.41
CA VAL F 150 17.78 -4.29 -51.63
C VAL F 150 18.38 -4.95 -52.86
N ASP F 151 18.61 -4.15 -53.90
CA ASP F 151 18.98 -4.65 -55.23
C ASP F 151 18.01 -5.73 -55.70
N GLY F 152 16.72 -5.53 -55.42
CA GLY F 152 15.69 -6.47 -55.80
C GLY F 152 15.53 -7.68 -54.90
N ALA F 153 16.42 -7.87 -53.93
CA ALA F 153 16.38 -9.03 -53.04
C ALA F 153 15.68 -8.67 -51.74
N LEU F 154 14.76 -9.53 -51.31
CA LEU F 154 14.04 -9.30 -50.07
C LEU F 154 15.00 -9.37 -48.88
N LYS F 155 14.92 -8.38 -48.00
CA LYS F 155 15.80 -8.28 -46.84
C LYS F 155 14.99 -8.37 -45.55
N THR F 156 15.31 -9.35 -44.71
CA THR F 156 14.63 -9.58 -43.44
C THR F 156 15.61 -9.52 -42.29
N GLY F 157 15.07 -9.31 -41.09
CA GLY F 157 15.85 -9.34 -39.86
C GLY F 157 16.26 -7.98 -39.32
N ASN F 158 16.41 -6.97 -40.16
CA ASN F 158 17.03 -5.72 -39.75
C ASN F 158 16.09 -4.53 -39.91
N SER F 159 14.81 -4.73 -39.66
CA SER F 159 13.82 -3.67 -39.77
C SER F 159 12.92 -3.66 -38.56
N GLN F 160 12.46 -2.47 -38.17
CA GLN F 160 11.52 -2.31 -37.08
C GLN F 160 10.40 -1.36 -37.51
N GLU F 161 9.20 -1.62 -37.01
CA GLU F 161 8.03 -0.83 -37.32
C GLU F 161 7.53 -0.11 -36.08
N SER F 162 6.94 1.06 -36.31
CA SER F 162 6.31 1.85 -35.27
C SER F 162 5.05 2.48 -35.86
N VAL F 163 3.97 2.45 -35.11
CA VAL F 163 2.66 2.90 -35.58
C VAL F 163 2.12 3.95 -34.62
N THR F 164 1.48 4.98 -35.18
CA THR F 164 0.81 5.96 -34.33
C THR F 164 -0.50 5.38 -33.79
N GLU F 165 -1.08 6.07 -32.82
CA GLU F 165 -2.45 5.84 -32.43
C GLU F 165 -3.40 6.40 -33.50
N GLN F 166 -4.67 6.04 -33.39
CA GLN F 166 -5.67 6.56 -34.32
C GLN F 166 -5.70 8.09 -34.27
N ASP F 167 -5.70 8.71 -35.43
CA ASP F 167 -5.68 10.17 -35.51
C ASP F 167 -7.00 10.75 -35.01
N SER F 168 -6.91 11.89 -34.32
CA SER F 168 -8.09 12.43 -33.64
C SER F 168 -9.14 12.95 -34.62
N LYS F 169 -8.75 13.40 -35.81
CA LYS F 169 -9.72 14.01 -36.70
C LYS F 169 -10.17 13.12 -37.86
N ASP F 170 -9.36 12.15 -38.30
CA ASP F 170 -9.78 11.26 -39.37
C ASP F 170 -9.63 9.78 -39.05
N ASN F 171 -9.18 9.42 -37.84
CA ASN F 171 -9.13 8.04 -37.37
C ASN F 171 -8.23 7.14 -38.23
N THR F 172 -7.26 7.72 -38.91
CA THR F 172 -6.28 6.96 -39.67
C THR F 172 -5.04 6.68 -38.84
N TYR F 173 -4.20 5.78 -39.35
CA TYR F 173 -2.91 5.47 -38.77
C TYR F 173 -1.80 5.94 -39.69
N SER F 174 -0.61 6.10 -39.11
CA SER F 174 0.62 6.27 -39.86
C SER F 174 1.63 5.27 -39.31
N LEU F 175 2.59 4.88 -40.15
CA LEU F 175 3.52 3.83 -39.79
C LEU F 175 4.90 4.15 -40.34
N SER F 176 5.93 3.83 -39.57
CA SER F 176 7.30 3.93 -40.03
C SER F 176 7.94 2.55 -40.02
N SER F 177 8.71 2.24 -41.06
CA SER F 177 9.54 1.06 -41.11
C SER F 177 10.97 1.50 -41.31
N THR F 178 11.86 1.09 -40.42
CA THR F 178 13.25 1.56 -40.40
C THR F 178 14.17 0.38 -40.60
N LEU F 179 14.94 0.41 -41.68
CA LEU F 179 15.93 -0.62 -41.99
C LEU F 179 17.30 -0.11 -41.56
N THR F 180 17.94 -0.83 -40.64
CA THR F 180 19.23 -0.42 -40.09
C THR F 180 20.33 -1.34 -40.60
N LEU F 181 21.36 -0.74 -41.19
CA LEU F 181 22.50 -1.47 -41.73
C LEU F 181 23.79 -0.77 -41.34
N SER F 182 24.88 -1.52 -41.28
CA SER F 182 26.18 -0.89 -41.17
C SER F 182 26.48 -0.12 -42.46
N SER F 183 27.38 0.86 -42.34
CA SER F 183 27.72 1.66 -43.51
C SER F 183 28.33 0.80 -44.62
N THR F 184 29.17 -0.17 -44.24
CA THR F 184 29.77 -1.04 -45.25
C THR F 184 28.71 -1.85 -46.00
N GLU F 185 27.75 -2.41 -45.27
CA GLU F 185 26.65 -3.12 -45.91
C GLU F 185 25.86 -2.19 -46.83
N TYR F 186 25.55 -0.98 -46.34
CA TYR F 186 24.75 -0.04 -47.10
C TYR F 186 25.43 0.34 -48.42
N GLN F 187 26.75 0.50 -48.39
CA GLN F 187 27.53 0.89 -49.56
C GLN F 187 27.74 -0.26 -50.54
N SER F 188 27.23 -1.45 -50.25
CA SER F 188 27.40 -2.62 -51.11
C SER F 188 26.21 -2.85 -52.04
N HIS F 189 25.25 -1.92 -52.10
CA HIS F 189 24.08 -2.09 -52.94
C HIS F 189 23.67 -0.75 -53.54
N LYS F 190 22.88 -0.83 -54.61
CA LYS F 190 22.43 0.36 -55.32
C LYS F 190 20.99 0.74 -54.98
N VAL F 191 20.05 -0.17 -55.22
CA VAL F 191 18.63 0.13 -55.16
C VAL F 191 18.10 -0.29 -53.80
N TYR F 192 17.49 0.66 -53.10
CA TYR F 192 16.81 0.42 -51.84
C TYR F 192 15.34 0.76 -52.05
N ALA F 193 14.47 -0.20 -51.77
CA ALA F 193 13.06 -0.04 -52.10
C ALA F 193 12.20 -0.46 -50.92
N CYS F 194 11.10 0.28 -50.73
CA CYS F 194 10.06 -0.05 -49.78
C CYS F 194 8.84 -0.48 -50.58
N GLU F 195 8.36 -1.71 -50.34
CA GLU F 195 7.19 -2.25 -51.03
C GLU F 195 6.09 -2.52 -50.02
N VAL F 196 4.96 -1.83 -50.16
CA VAL F 196 3.88 -1.89 -49.18
C VAL F 196 2.64 -2.50 -49.84
N THR F 197 2.01 -3.44 -49.13
CA THR F 197 0.73 -3.99 -49.56
C THR F 197 -0.31 -3.59 -48.53
N HIS F 198 -1.46 -3.13 -49.01
CA HIS F 198 -2.54 -2.68 -48.16
C HIS F 198 -3.85 -2.89 -48.90
N GLN F 199 -4.91 -3.15 -48.15
CA GLN F 199 -6.16 -3.49 -48.81
C GLN F 199 -6.75 -2.32 -49.57
N GLY F 200 -6.29 -1.09 -49.29
CA GLY F 200 -6.70 0.06 -50.07
C GLY F 200 -5.92 0.29 -51.34
N LEU F 201 -4.96 -0.57 -51.64
CA LEU F 201 -4.11 -0.44 -52.83
C LEU F 201 -4.49 -1.52 -53.84
N SER F 202 -4.81 -1.10 -55.06
CA SER F 202 -5.16 -2.05 -56.11
C SER F 202 -3.98 -2.97 -56.43
N SER F 203 -2.76 -2.43 -56.38
CA SER F 203 -1.55 -3.20 -56.58
C SER F 203 -0.50 -2.67 -55.61
N PRO F 204 0.52 -3.48 -55.29
CA PRO F 204 1.54 -3.02 -54.33
C PRO F 204 2.23 -1.76 -54.81
N VAL F 205 2.58 -0.92 -53.85
CA VAL F 205 3.25 0.35 -54.09
C VAL F 205 4.69 0.21 -53.66
N THR F 206 5.62 0.61 -54.52
CA THR F 206 7.04 0.56 -54.21
C THR F 206 7.62 1.96 -54.36
N LYS F 207 8.39 2.38 -53.36
CA LYS F 207 9.16 3.61 -53.44
C LYS F 207 10.62 3.26 -53.23
N SER F 208 11.49 3.82 -54.07
CA SER F 208 12.90 3.45 -54.05
C SER F 208 13.77 4.68 -54.27
N PHE F 209 15.05 4.51 -53.97
CA PHE F 209 16.10 5.45 -54.35
C PHE F 209 17.33 4.65 -54.71
N ASN F 210 18.22 5.28 -55.48
CA ASN F 210 19.51 4.69 -55.83
C ASN F 210 20.57 5.34 -54.95
N ARG F 211 21.25 4.53 -54.14
CA ARG F 211 22.20 5.06 -53.19
C ARG F 211 23.29 5.84 -53.92
N GLY F 212 23.59 7.04 -53.42
CA GLY F 212 24.60 7.89 -54.00
C GLY F 212 24.18 8.62 -55.25
N GLU F 213 22.92 8.57 -55.63
CA GLU F 213 22.40 9.28 -56.80
C GLU F 213 21.47 10.38 -56.30
N CYS F 214 21.84 11.63 -56.58
CA CYS F 214 21.11 12.77 -56.04
C CYS F 214 19.69 12.86 -56.57
N GLN G 1 -32.61 -12.49 -8.24
CA GLN G 1 -31.64 -11.51 -7.77
C GLN G 1 -30.34 -12.17 -7.36
N VAL G 2 -30.46 -13.33 -6.72
CA VAL G 2 -29.30 -13.98 -6.10
C VAL G 2 -28.39 -14.56 -7.19
N GLN G 3 -27.09 -14.33 -7.05
CA GLN G 3 -26.09 -14.97 -7.90
C GLN G 3 -24.92 -15.41 -7.04
N LEU G 4 -24.42 -16.62 -7.30
CA LEU G 4 -23.31 -17.20 -6.56
C LEU G 4 -22.13 -17.40 -7.50
N GLN G 5 -20.93 -17.31 -6.95
CA GLN G 5 -19.69 -17.42 -7.72
C GLN G 5 -18.67 -18.20 -6.92
N GLU G 6 -18.20 -19.32 -7.47
CA GLU G 6 -17.13 -20.08 -6.85
C GLU G 6 -15.79 -19.58 -7.36
N SER G 7 -14.79 -19.63 -6.48
CA SER G 7 -13.42 -19.29 -6.87
C SER G 7 -12.46 -20.09 -6.00
N GLY G 8 -11.25 -20.28 -6.53
CA GLY G 8 -10.22 -20.99 -5.81
C GLY G 8 -9.11 -21.45 -6.74
N PRO G 9 -8.05 -22.00 -6.16
CA PRO G 9 -6.96 -22.53 -6.99
C PRO G 9 -7.42 -23.71 -7.82
N GLY G 10 -7.04 -23.71 -9.10
CA GLY G 10 -7.45 -24.76 -10.02
C GLY G 10 -6.58 -26.01 -9.99
N LEU G 11 -5.44 -25.96 -9.31
CA LEU G 11 -4.54 -27.11 -9.19
C LEU G 11 -4.08 -27.23 -7.76
N VAL G 12 -4.25 -28.40 -7.15
CA VAL G 12 -3.84 -28.66 -5.78
C VAL G 12 -3.01 -29.94 -5.75
N LYS G 13 -1.95 -29.94 -4.94
CA LYS G 13 -1.10 -31.11 -4.85
C LYS G 13 -1.72 -32.16 -3.92
N PRO G 14 -1.47 -33.44 -4.17
CA PRO G 14 -2.02 -34.49 -3.30
C PRO G 14 -1.55 -34.32 -1.86
N SER G 15 -2.46 -34.62 -0.94
CA SER G 15 -2.27 -34.55 0.52
C SER G 15 -2.35 -33.12 1.02
N GLU G 16 -2.43 -32.15 0.11
CA GLU G 16 -2.62 -30.77 0.53
C GLU G 16 -4.10 -30.48 0.76
N THR G 17 -4.40 -29.27 1.24
CA THR G 17 -5.76 -28.86 1.53
C THR G 17 -6.32 -28.02 0.39
N LEU G 18 -7.48 -28.41 -0.14
CA LEU G 18 -8.18 -27.62 -1.14
C LEU G 18 -9.10 -26.62 -0.45
N SER G 19 -9.00 -25.35 -0.84
CA SER G 19 -9.84 -24.30 -0.30
C SER G 19 -10.55 -23.56 -1.42
N LEU G 20 -11.86 -23.42 -1.29
CA LEU G 20 -12.69 -22.72 -2.26
C LEU G 20 -13.55 -21.70 -1.53
N THR G 21 -13.95 -20.65 -2.26
CA THR G 21 -14.83 -19.64 -1.69
C THR G 21 -16.01 -19.43 -2.61
N CYS G 22 -17.17 -19.17 -2.01
CA CYS G 22 -18.39 -18.84 -2.72
C CYS G 22 -18.73 -17.39 -2.42
N ALA G 23 -18.83 -16.56 -3.45
CA ALA G 23 -19.20 -15.16 -3.31
C ALA G 23 -20.67 -15.02 -3.67
N VAL G 24 -21.44 -14.40 -2.79
CA VAL G 24 -22.88 -14.29 -2.95
C VAL G 24 -23.24 -12.83 -3.21
N SER G 25 -24.10 -12.61 -4.19
CA SER G 25 -24.61 -11.29 -4.51
C SER G 25 -26.13 -11.33 -4.55
N GLY G 26 -26.77 -10.21 -4.22
CA GLY G 26 -28.21 -10.09 -4.24
C GLY G 26 -28.92 -10.73 -3.06
N ASP G 27 -28.19 -11.24 -2.08
CA ASP G 27 -28.80 -11.83 -0.90
C ASP G 27 -27.75 -11.95 0.19
N SER G 28 -28.20 -11.84 1.43
CA SER G 28 -27.31 -11.96 2.58
C SER G 28 -27.12 -13.43 2.92
N ILE G 29 -25.87 -13.84 3.12
CA ILE G 29 -25.63 -15.23 3.47
C ILE G 29 -26.11 -15.53 4.88
N SER G 30 -26.01 -14.53 5.78
CA SER G 30 -26.19 -14.74 7.21
C SER G 30 -27.48 -15.47 7.55
N SER G 31 -28.54 -15.22 6.79
CA SER G 31 -29.86 -15.72 7.18
C SER G 31 -30.18 -17.09 6.62
N ASN G 32 -29.67 -17.44 5.44
CA ASN G 32 -30.15 -18.59 4.70
C ASN G 32 -29.21 -19.79 4.87
N TYR G 33 -29.60 -20.92 4.29
CA TYR G 33 -28.81 -22.14 4.27
C TYR G 33 -28.17 -22.32 2.89
N TRP G 34 -27.00 -22.96 2.87
CA TRP G 34 -26.15 -23.08 1.69
C TRP G 34 -25.46 -24.44 1.68
N SER G 35 -25.11 -24.91 0.49
CA SER G 35 -24.50 -26.23 0.33
C SER G 35 -23.36 -26.18 -0.68
N TRP G 36 -22.40 -27.09 -0.50
CA TRP G 36 -21.39 -27.39 -1.52
C TRP G 36 -21.71 -28.73 -2.15
N ILE G 37 -21.53 -28.81 -3.48
CA ILE G 37 -21.79 -30.00 -4.27
C ILE G 37 -20.67 -30.10 -5.31
N ARG G 38 -20.24 -31.31 -5.63
CA ARG G 38 -19.18 -31.48 -6.63
C ARG G 38 -19.57 -32.51 -7.68
N GLN G 39 -18.88 -32.43 -8.81
CA GLN G 39 -19.18 -33.26 -9.98
C GLN G 39 -17.85 -33.60 -10.66
N PRO G 40 -17.33 -34.81 -10.44
CA PRO G 40 -16.04 -35.19 -11.04
C PRO G 40 -16.13 -35.31 -12.55
N PRO G 41 -15.01 -35.22 -13.27
CA PRO G 41 -15.02 -35.53 -14.70
C PRO G 41 -15.56 -36.93 -14.94
N GLY G 42 -16.23 -37.08 -16.07
CA GLY G 42 -17.25 -38.11 -16.14
C GLY G 42 -18.46 -37.43 -15.56
N LYS G 43 -19.20 -38.07 -14.67
CA LYS G 43 -20.28 -37.32 -14.04
C LYS G 43 -20.71 -38.02 -12.74
N GLY G 44 -21.88 -37.64 -12.25
CA GLY G 44 -22.31 -37.95 -10.92
C GLY G 44 -22.20 -36.71 -10.05
N LEU G 45 -23.32 -36.27 -9.49
CA LEU G 45 -23.33 -35.18 -8.53
C LEU G 45 -23.28 -35.76 -7.12
N GLU G 46 -22.45 -35.14 -6.27
CA GLU G 46 -22.28 -35.59 -4.90
C GLU G 46 -22.41 -34.39 -3.96
N TRP G 47 -23.39 -34.44 -3.08
CA TRP G 47 -23.56 -33.42 -2.06
C TRP G 47 -22.44 -33.52 -1.04
N ILE G 48 -21.86 -32.39 -0.67
CA ILE G 48 -20.76 -32.34 0.29
C ILE G 48 -21.24 -31.95 1.69
N GLY G 49 -21.98 -30.87 1.79
CA GLY G 49 -22.41 -30.44 3.11
C GLY G 49 -23.31 -29.22 3.04
N ARG G 50 -23.95 -28.94 4.17
CA ARG G 50 -24.91 -27.85 4.30
C ARG G 50 -24.62 -27.11 5.60
N PHE G 51 -24.99 -25.83 5.64
CA PHE G 51 -24.64 -24.98 6.76
C PHE G 51 -25.49 -23.72 6.71
N SER G 52 -25.57 -23.04 7.86
CA SER G 52 -26.10 -21.68 7.88
C SER G 52 -25.09 -20.71 7.29
N GLY G 53 -25.60 -19.57 6.82
CA GLY G 53 -24.72 -18.55 6.28
C GLY G 53 -23.98 -17.75 7.33
N SER G 54 -24.41 -17.85 8.58
CA SER G 54 -23.76 -17.20 9.72
C SER G 54 -22.82 -18.15 10.46
N GLY G 55 -22.57 -19.33 9.92
CA GLY G 55 -21.79 -20.35 10.60
C GLY G 55 -22.66 -21.27 11.44
N GLY G 56 -22.10 -22.42 11.77
CA GLY G 56 -22.83 -23.37 12.56
C GLY G 56 -23.96 -24.02 11.76
N SER G 57 -24.76 -24.82 12.48
CA SER G 57 -25.84 -25.58 11.88
C SER G 57 -25.36 -26.36 10.65
N THR G 58 -24.28 -27.13 10.83
CA THR G 58 -23.64 -27.85 9.74
C THR G 58 -24.13 -29.28 9.64
N ASP G 59 -24.00 -29.84 8.44
CA ASP G 59 -24.29 -31.25 8.18
C ASP G 59 -23.47 -31.67 6.97
N PHE G 60 -22.57 -32.63 7.15
CA PHE G 60 -21.65 -33.03 6.10
C PHE G 60 -21.94 -34.46 5.64
N ASN G 61 -21.63 -34.74 4.39
CA ASN G 61 -21.75 -36.09 3.86
C ASN G 61 -20.77 -37.00 4.60
N PRO G 62 -21.25 -38.08 5.23
CA PRO G 62 -20.33 -39.00 5.93
C PRO G 62 -19.20 -39.54 5.06
N SER G 63 -19.34 -39.51 3.74
CA SER G 63 -18.24 -39.93 2.87
C SER G 63 -17.08 -38.94 2.92
N LEU G 64 -17.32 -37.72 3.43
CA LEU G 64 -16.32 -36.68 3.48
C LEU G 64 -16.19 -36.02 4.85
N LYS G 65 -16.98 -36.46 5.85
CA LYS G 65 -17.05 -35.76 7.14
C LYS G 65 -15.66 -35.52 7.73
N SER G 66 -14.78 -36.51 7.64
CA SER G 66 -13.49 -36.42 8.29
C SER G 66 -12.63 -35.29 7.74
N ARG G 67 -12.82 -34.92 6.48
CA ARG G 67 -11.88 -34.03 5.80
C ARG G 67 -12.44 -32.65 5.49
N VAL G 68 -13.66 -32.33 5.91
CA VAL G 68 -14.35 -31.13 5.44
C VAL G 68 -14.60 -30.19 6.60
N THR G 69 -14.28 -28.90 6.40
CA THR G 69 -14.71 -27.84 7.29
C THR G 69 -15.26 -26.70 6.43
N ILE G 70 -16.02 -25.82 7.05
CA ILE G 70 -16.62 -24.66 6.38
C ILE G 70 -16.47 -23.45 7.28
N SER G 71 -16.19 -22.30 6.67
CA SER G 71 -16.17 -21.02 7.37
C SER G 71 -16.94 -19.99 6.56
N THR G 72 -17.38 -18.92 7.23
CA THR G 72 -18.16 -17.87 6.60
C THR G 72 -17.58 -16.50 6.95
N ASP G 73 -17.74 -15.56 6.01
CA ASP G 73 -17.33 -14.16 6.21
C ASP G 73 -18.50 -13.27 5.81
N THR G 74 -19.33 -12.92 6.80
CA THR G 74 -20.50 -12.08 6.54
C THR G 74 -20.12 -10.69 6.06
N SER G 75 -18.93 -10.21 6.45
CA SER G 75 -18.49 -8.90 5.99
C SER G 75 -18.35 -8.86 4.47
N LYS G 76 -17.86 -9.94 3.88
CA LYS G 76 -17.69 -10.05 2.44
C LYS G 76 -18.82 -10.80 1.76
N ASN G 77 -19.82 -11.27 2.52
CA ASN G 77 -20.91 -12.08 2.01
C ASN G 77 -20.37 -13.32 1.28
N GLN G 78 -19.43 -14.01 1.93
CA GLN G 78 -18.75 -15.16 1.35
C GLN G 78 -18.68 -16.29 2.36
N PHE G 79 -18.59 -17.52 1.85
CA PHE G 79 -18.27 -18.67 2.69
C PHE G 79 -17.30 -19.58 1.94
N SER G 80 -16.62 -20.43 2.70
CA SER G 80 -15.52 -21.21 2.19
C SER G 80 -15.72 -22.69 2.47
N LEU G 81 -15.07 -23.50 1.63
CA LEU G 81 -14.97 -24.94 1.82
C LEU G 81 -13.51 -25.31 1.95
N ASN G 82 -13.19 -26.10 2.95
CA ASN G 82 -11.84 -26.60 3.17
C ASN G 82 -11.87 -28.12 3.17
N LEU G 83 -11.12 -28.74 2.26
CA LEU G 83 -11.08 -30.18 2.13
C LEU G 83 -9.63 -30.64 2.24
N ARG G 84 -9.32 -31.37 3.30
CA ARG G 84 -7.93 -31.73 3.56
C ARG G 84 -7.57 -33.07 2.93
N SER G 85 -6.26 -33.29 2.79
CA SER G 85 -5.68 -34.55 2.35
C SER G 85 -6.29 -35.02 1.03
N VAL G 86 -6.23 -34.15 0.02
CA VAL G 86 -6.88 -34.46 -1.26
C VAL G 86 -6.08 -35.51 -2.02
N THR G 87 -6.78 -36.26 -2.88
CA THR G 87 -6.16 -37.16 -3.84
C THR G 87 -6.80 -36.92 -5.20
N ALA G 88 -6.46 -37.75 -6.20
CA ALA G 88 -7.06 -37.58 -7.51
C ALA G 88 -8.57 -37.80 -7.48
N ALA G 89 -9.07 -38.55 -6.49
CA ALA G 89 -10.52 -38.75 -6.36
C ALA G 89 -11.26 -37.46 -6.06
N ASP G 90 -10.57 -36.40 -5.70
CA ASP G 90 -11.21 -35.14 -5.38
C ASP G 90 -11.21 -34.16 -6.54
N THR G 91 -10.58 -34.52 -7.67
CA THR G 91 -10.69 -33.71 -8.88
C THR G 91 -12.14 -33.65 -9.32
N ALA G 92 -12.69 -32.43 -9.42
CA ALA G 92 -14.10 -32.28 -9.76
C ALA G 92 -14.39 -30.82 -10.06
N VAL G 93 -15.55 -30.59 -10.64
CA VAL G 93 -16.15 -29.26 -10.66
C VAL G 93 -16.94 -29.09 -9.35
N TYR G 94 -16.64 -28.04 -8.61
CA TYR G 94 -17.27 -27.78 -7.31
C TYR G 94 -18.27 -26.65 -7.47
N TYR G 95 -19.48 -26.84 -6.94
CA TYR G 95 -20.53 -25.84 -6.97
C TYR G 95 -20.94 -25.46 -5.55
N CYS G 96 -21.35 -24.21 -5.36
CA CYS G 96 -22.12 -23.80 -4.20
C CYS G 96 -23.56 -23.52 -4.62
N ALA G 97 -24.48 -23.62 -3.66
CA ALA G 97 -25.90 -23.49 -3.96
C ALA G 97 -26.66 -23.09 -2.70
N LYS G 98 -27.71 -22.28 -2.89
CA LYS G 98 -28.65 -21.99 -1.83
C LYS G 98 -29.56 -23.19 -1.60
N THR G 99 -29.83 -23.51 -0.34
CA THR G 99 -30.59 -24.69 0.03
C THR G 99 -31.95 -24.29 0.61
N TYR G 100 -33.03 -24.68 -0.07
CA TYR G 100 -34.41 -24.48 0.36
C TYR G 100 -34.96 -25.84 0.79
N SER G 101 -34.88 -26.12 2.09
CA SER G 101 -35.48 -27.31 2.70
C SER G 101 -35.10 -28.58 1.94
N GLY G 102 -33.82 -28.71 1.63
CA GLY G 102 -33.31 -29.89 0.95
C GLY G 102 -33.15 -29.77 -0.55
N THR G 103 -33.76 -28.77 -1.18
CA THR G 103 -33.62 -28.54 -2.62
C THR G 103 -32.55 -27.48 -2.86
N PHE G 104 -31.94 -27.51 -4.05
CA PHE G 104 -30.83 -26.62 -4.35
C PHE G 104 -31.21 -25.66 -5.47
N ASP G 105 -30.97 -24.37 -5.26
CA ASP G 105 -31.30 -23.34 -6.23
C ASP G 105 -30.19 -22.29 -6.28
N TYR G 106 -30.14 -21.55 -7.39
CA TYR G 106 -29.17 -20.47 -7.59
C TYR G 106 -27.74 -21.00 -7.62
N TRP G 107 -27.54 -22.18 -8.21
CA TRP G 107 -26.21 -22.76 -8.30
C TRP G 107 -25.25 -21.79 -8.99
N GLY G 108 -24.04 -21.70 -8.46
CA GLY G 108 -23.00 -20.95 -9.12
C GLY G 108 -22.49 -21.66 -10.36
N GLN G 109 -21.60 -20.99 -11.09
CA GLN G 109 -21.08 -21.54 -12.34
C GLN G 109 -20.22 -22.77 -12.09
N GLY G 110 -19.65 -22.90 -10.91
CA GLY G 110 -18.79 -24.05 -10.63
C GLY G 110 -17.35 -23.78 -11.04
N VAL G 111 -16.43 -24.36 -10.27
CA VAL G 111 -15.00 -24.21 -10.52
C VAL G 111 -14.36 -25.59 -10.57
N LEU G 112 -13.54 -25.82 -11.58
CA LEU G 112 -12.80 -27.06 -11.70
C LEU G 112 -11.54 -26.99 -10.84
N VAL G 113 -11.28 -28.08 -10.11
CA VAL G 113 -10.05 -28.23 -9.34
C VAL G 113 -9.43 -29.56 -9.72
N THR G 114 -8.17 -29.53 -10.15
CA THR G 114 -7.42 -30.73 -10.50
C THR G 114 -6.42 -31.04 -9.39
N VAL G 115 -6.41 -32.28 -8.93
CA VAL G 115 -5.47 -32.73 -7.91
C VAL G 115 -4.38 -33.52 -8.62
N SER G 116 -3.17 -32.96 -8.67
CA SER G 116 -2.08 -33.59 -9.39
C SER G 116 -0.75 -33.07 -8.87
N SER G 117 0.27 -33.92 -8.94
CA SER G 117 1.63 -33.51 -8.59
C SER G 117 2.34 -32.80 -9.73
N ALA G 118 1.82 -32.89 -10.95
CA ALA G 118 2.45 -32.23 -12.08
C ALA G 118 2.37 -30.71 -11.94
N SER G 119 3.32 -30.03 -12.57
CA SER G 119 3.39 -28.57 -12.47
C SER G 119 2.54 -27.92 -13.54
N THR G 120 2.17 -26.67 -13.30
CA THR G 120 1.45 -25.90 -14.30
C THR G 120 2.37 -25.58 -15.48
N LYS G 121 1.81 -25.63 -16.69
CA LYS G 121 2.54 -25.32 -17.90
C LYS G 121 1.62 -24.57 -18.85
N GLY G 122 2.11 -23.47 -19.40
CA GLY G 122 1.35 -22.70 -20.35
C GLY G 122 1.38 -23.35 -21.72
N PRO G 123 0.42 -23.00 -22.57
CA PRO G 123 0.32 -23.63 -23.88
C PRO G 123 1.15 -22.91 -24.94
N SER G 124 1.52 -23.68 -25.96
CA SER G 124 2.03 -23.13 -27.21
C SER G 124 0.88 -23.04 -28.20
N VAL G 125 0.80 -21.93 -28.92
CA VAL G 125 -0.31 -21.65 -29.82
C VAL G 125 0.21 -21.57 -31.25
N PHE G 126 -0.33 -22.39 -32.13
CA PHE G 126 0.06 -22.44 -33.53
C PHE G 126 -1.14 -22.16 -34.41
N PRO G 127 -1.07 -21.20 -35.33
CA PRO G 127 -2.20 -20.96 -36.23
C PRO G 127 -2.41 -22.10 -37.21
N LEU G 128 -3.67 -22.32 -37.57
CA LEU G 128 -4.09 -23.30 -38.57
C LEU G 128 -4.67 -22.53 -39.74
N ALA G 129 -3.92 -22.44 -40.83
CA ALA G 129 -4.37 -21.68 -41.99
C ALA G 129 -4.48 -22.59 -43.21
N PRO G 130 -5.42 -22.29 -44.11
CA PRO G 130 -5.44 -22.96 -45.41
C PRO G 130 -4.57 -22.25 -46.42
N SER G 131 -4.27 -22.95 -47.51
CA SER G 131 -3.49 -22.41 -48.61
C SER G 131 -4.42 -21.83 -49.67
N SER G 132 -3.84 -21.04 -50.58
CA SER G 132 -4.63 -20.36 -51.61
C SER G 132 -4.96 -21.27 -52.81
N SER G 136 -13.64 -22.05 -56.88
CA SER G 136 -13.09 -22.00 -55.53
C SER G 136 -14.19 -22.06 -54.47
N GLU G 137 -13.78 -22.23 -53.22
CA GLU G 137 -14.72 -22.46 -52.13
C GLU G 137 -15.35 -21.15 -51.66
N SER G 138 -16.61 -21.25 -51.23
CA SER G 138 -17.32 -20.11 -50.67
C SER G 138 -17.09 -19.95 -49.18
N THR G 139 -16.68 -21.00 -48.48
CA THR G 139 -16.39 -20.92 -47.05
C THR G 139 -14.99 -21.47 -46.81
N ALA G 140 -14.25 -20.81 -45.93
CA ALA G 140 -12.93 -21.26 -45.50
C ALA G 140 -12.91 -21.48 -44.00
N ALA G 141 -12.05 -22.39 -43.55
CA ALA G 141 -11.90 -22.69 -42.14
C ALA G 141 -10.54 -22.22 -41.65
N LEU G 142 -10.52 -21.52 -40.52
CA LEU G 142 -9.31 -21.07 -39.87
C LEU G 142 -9.24 -21.68 -38.47
N GLY G 143 -8.05 -21.77 -37.92
CA GLY G 143 -7.95 -22.39 -36.62
C GLY G 143 -6.74 -21.98 -35.82
N CYS G 144 -6.72 -22.48 -34.58
CA CYS G 144 -5.58 -22.32 -33.68
C CYS G 144 -5.39 -23.60 -32.91
N LEU G 145 -4.19 -24.17 -33.00
CA LEU G 145 -3.81 -25.33 -32.20
C LEU G 145 -3.20 -24.85 -30.89
N VAL G 146 -3.80 -25.25 -29.77
CA VAL G 146 -3.39 -24.88 -28.42
C VAL G 146 -2.86 -26.15 -27.76
N LYS G 147 -1.53 -26.25 -27.63
CA LYS G 147 -0.87 -27.51 -27.37
C LYS G 147 -0.04 -27.45 -26.09
N ASP G 148 -0.04 -28.57 -25.36
CA ASP G 148 0.89 -28.83 -24.26
C ASP G 148 0.74 -27.81 -23.12
N TYR G 149 -0.43 -27.88 -22.47
CA TYR G 149 -0.70 -27.06 -21.30
C TYR G 149 -1.26 -27.93 -20.18
N PHE G 150 -1.26 -27.35 -18.97
CA PHE G 150 -1.72 -28.05 -17.78
C PHE G 150 -1.86 -27.05 -16.64
N PRO G 151 -2.96 -27.12 -15.85
CA PRO G 151 -4.08 -28.04 -16.08
C PRO G 151 -5.19 -27.39 -16.90
N GLU G 152 -6.31 -28.08 -17.02
CA GLU G 152 -7.51 -27.48 -17.58
C GLU G 152 -7.98 -26.35 -16.65
N PRO G 153 -8.73 -25.37 -17.18
CA PRO G 153 -9.10 -25.20 -18.59
C PRO G 153 -8.33 -24.09 -19.29
N VAL G 154 -8.48 -24.01 -20.61
CA VAL G 154 -8.15 -22.83 -21.38
C VAL G 154 -9.43 -22.33 -22.01
N THR G 155 -9.51 -21.03 -22.22
CA THR G 155 -10.60 -20.42 -22.96
C THR G 155 -10.04 -19.81 -24.24
N VAL G 156 -10.78 -19.97 -25.34
CA VAL G 156 -10.39 -19.43 -26.63
C VAL G 156 -11.53 -18.60 -27.17
N SER G 157 -11.21 -17.41 -27.65
CA SER G 157 -12.17 -16.56 -28.35
C SER G 157 -11.55 -16.11 -29.66
N TRP G 158 -12.38 -15.50 -30.51
CA TRP G 158 -11.94 -15.00 -31.81
C TRP G 158 -12.31 -13.53 -31.94
N ASN G 159 -11.36 -12.75 -32.45
CA ASN G 159 -11.49 -11.30 -32.59
C ASN G 159 -12.05 -10.67 -31.31
N SER G 160 -11.46 -11.07 -30.19
CA SER G 160 -11.83 -10.57 -28.85
C SER G 160 -13.29 -10.84 -28.51
N GLY G 161 -13.86 -11.89 -29.09
CA GLY G 161 -15.23 -12.25 -28.79
C GLY G 161 -16.27 -11.61 -29.67
N SER G 162 -15.87 -10.77 -30.63
CA SER G 162 -16.84 -10.24 -31.58
C SER G 162 -17.19 -11.25 -32.67
N LEU G 163 -16.42 -12.33 -32.82
CA LEU G 163 -16.72 -13.40 -33.78
C LEU G 163 -17.12 -14.64 -33.00
N THR G 164 -18.41 -14.98 -33.05
CA THR G 164 -18.91 -16.14 -32.33
C THR G 164 -19.58 -17.17 -33.22
N SER G 165 -20.23 -16.76 -34.30
CA SER G 165 -20.93 -17.71 -35.15
C SER G 165 -19.95 -18.54 -35.95
N GLY G 166 -20.14 -19.86 -35.95
CA GLY G 166 -19.26 -20.76 -36.65
C GLY G 166 -18.02 -21.18 -35.90
N VAL G 167 -17.85 -20.72 -34.66
CA VAL G 167 -16.69 -21.05 -33.86
C VAL G 167 -16.91 -22.40 -33.18
N HIS G 168 -15.92 -23.29 -33.28
CA HIS G 168 -15.97 -24.57 -32.58
C HIS G 168 -14.67 -24.73 -31.81
N THR G 169 -14.77 -24.76 -30.49
CA THR G 169 -13.62 -25.02 -29.62
C THR G 169 -13.78 -26.43 -29.06
N PHE G 170 -12.92 -27.35 -29.54
CA PHE G 170 -13.08 -28.76 -29.21
C PHE G 170 -12.64 -29.04 -27.77
N PRO G 171 -13.27 -30.02 -27.12
CA PRO G 171 -12.82 -30.44 -25.79
C PRO G 171 -11.37 -30.89 -25.84
N ALA G 172 -10.63 -30.57 -24.77
CA ALA G 172 -9.23 -30.92 -24.74
C ALA G 172 -9.05 -32.45 -24.67
N VAL G 173 -7.91 -32.90 -25.17
CA VAL G 173 -7.53 -34.31 -25.09
C VAL G 173 -6.28 -34.40 -24.22
N LEU G 174 -6.25 -35.37 -23.32
CA LEU G 174 -5.08 -35.61 -22.49
C LEU G 174 -4.06 -36.43 -23.28
N GLN G 175 -2.87 -35.89 -23.45
CA GLN G 175 -1.81 -36.58 -24.17
C GLN G 175 -1.11 -37.59 -23.27
N SER G 176 -0.37 -38.51 -23.90
CA SER G 176 0.40 -39.48 -23.14
C SER G 176 1.46 -38.82 -22.26
N SER G 177 1.88 -37.60 -22.59
CA SER G 177 2.81 -36.85 -21.77
C SER G 177 2.16 -36.32 -20.49
N GLY G 178 0.84 -36.47 -20.34
CA GLY G 178 0.14 -35.89 -19.22
C GLY G 178 -0.29 -34.46 -19.43
N LEU G 179 -0.12 -33.92 -20.62
CA LEU G 179 -0.48 -32.54 -20.93
C LEU G 179 -1.67 -32.52 -21.88
N TYR G 180 -2.39 -31.40 -21.87
CA TYR G 180 -3.58 -31.23 -22.67
C TYR G 180 -3.26 -30.50 -23.97
N SER G 181 -4.10 -30.74 -24.98
CA SER G 181 -4.05 -29.99 -26.21
C SER G 181 -5.44 -29.96 -26.82
N LEU G 182 -5.76 -28.85 -27.49
CA LEU G 182 -7.02 -28.72 -28.19
C LEU G 182 -6.81 -27.80 -29.38
N SER G 183 -7.82 -27.76 -30.24
CA SER G 183 -7.88 -26.81 -31.35
C SER G 183 -9.18 -26.04 -31.27
N SER G 184 -9.16 -24.82 -31.78
CA SER G 184 -10.36 -24.03 -31.98
C SER G 184 -10.41 -23.60 -33.44
N VAL G 185 -11.59 -23.74 -34.06
CA VAL G 185 -11.73 -23.44 -35.47
C VAL G 185 -12.93 -22.52 -35.65
N VAL G 186 -12.94 -21.83 -36.80
CA VAL G 186 -14.08 -21.04 -37.22
C VAL G 186 -14.16 -21.10 -38.74
N THR G 187 -15.38 -21.16 -39.27
CA THR G 187 -15.62 -21.09 -40.70
C THR G 187 -16.14 -19.70 -41.04
N VAL G 188 -15.60 -19.12 -42.09
CA VAL G 188 -15.95 -17.75 -42.51
C VAL G 188 -16.11 -17.73 -44.01
N PRO G 189 -16.79 -16.70 -44.55
CA PRO G 189 -16.85 -16.55 -46.01
C PRO G 189 -15.46 -16.37 -46.58
N SER G 190 -15.21 -17.02 -47.72
CA SER G 190 -13.90 -16.94 -48.34
C SER G 190 -13.62 -15.52 -48.85
N SER G 191 -14.66 -14.78 -49.21
CA SER G 191 -14.48 -13.40 -49.67
C SER G 191 -14.06 -12.46 -48.56
N SER G 192 -14.24 -12.84 -47.30
CA SER G 192 -13.84 -11.99 -46.18
C SER G 192 -12.36 -12.10 -45.86
N LEU G 193 -11.66 -13.10 -46.42
CA LEU G 193 -10.27 -13.35 -46.04
C LEU G 193 -9.32 -12.25 -46.48
N GLY G 194 -9.74 -11.38 -47.40
CA GLY G 194 -8.89 -10.30 -47.84
C GLY G 194 -9.19 -8.99 -47.14
N THR G 195 -10.34 -8.93 -46.46
CA THR G 195 -10.79 -7.69 -45.83
C THR G 195 -10.88 -7.76 -44.31
N GLN G 196 -11.12 -8.95 -43.75
CA GLN G 196 -11.29 -9.11 -42.31
C GLN G 196 -10.08 -9.81 -41.72
N THR G 197 -9.55 -9.26 -40.64
CA THR G 197 -8.48 -9.92 -39.89
C THR G 197 -9.09 -10.90 -38.89
N TYR G 198 -8.39 -12.02 -38.67
CA TYR G 198 -8.84 -13.05 -37.75
C TYR G 198 -7.75 -13.35 -36.74
N VAL G 199 -8.10 -13.28 -35.45
CA VAL G 199 -7.15 -13.48 -34.35
C VAL G 199 -7.81 -14.37 -33.31
N CYS G 200 -7.12 -15.40 -32.85
CA CYS G 200 -7.60 -16.23 -31.76
C CYS G 200 -6.95 -15.78 -30.46
N ASN G 201 -7.77 -15.62 -29.43
CA ASN G 201 -7.32 -15.14 -28.13
C ASN G 201 -7.36 -16.32 -27.17
N VAL G 202 -6.20 -16.74 -26.68
CA VAL G 202 -6.08 -17.90 -25.81
C VAL G 202 -5.67 -17.41 -24.42
N ASN G 203 -6.40 -17.86 -23.40
CA ASN G 203 -6.13 -17.46 -22.03
C ASN G 203 -6.05 -18.71 -21.16
N HIS G 204 -4.91 -18.87 -20.47
CA HIS G 204 -4.69 -19.98 -19.55
C HIS G 204 -4.33 -19.38 -18.20
N LYS G 205 -5.36 -19.18 -17.37
CA LYS G 205 -5.14 -18.54 -16.07
C LYS G 205 -4.21 -19.29 -15.13
N PRO G 206 -4.25 -20.63 -15.02
CA PRO G 206 -3.31 -21.31 -14.11
C PRO G 206 -1.85 -20.93 -14.32
N SER G 207 -1.44 -20.63 -15.55
CA SER G 207 -0.07 -20.20 -15.83
C SER G 207 0.01 -18.71 -16.13
N ASN G 208 -1.11 -18.00 -16.00
CA ASN G 208 -1.20 -16.58 -16.38
C ASN G 208 -0.69 -16.37 -17.80
N THR G 209 -1.18 -17.19 -18.72
CA THR G 209 -0.81 -17.12 -20.13
C THR G 209 -1.93 -16.43 -20.91
N LYS G 210 -1.57 -15.39 -21.64
CA LYS G 210 -2.49 -14.70 -22.55
C LYS G 210 -1.80 -14.53 -23.88
N VAL G 211 -2.28 -15.22 -24.90
CA VAL G 211 -1.63 -15.23 -26.21
C VAL G 211 -2.67 -14.86 -27.26
N ASP G 212 -2.31 -13.91 -28.12
CA ASP G 212 -3.10 -13.54 -29.30
C ASP G 212 -2.30 -13.93 -30.52
N LYS G 213 -2.90 -14.73 -31.40
CA LYS G 213 -2.23 -15.22 -32.60
C LYS G 213 -3.06 -14.85 -33.82
N ARG G 214 -2.48 -14.05 -34.69
CA ARG G 214 -3.09 -13.76 -35.98
C ARG G 214 -3.01 -15.00 -36.87
N VAL G 215 -4.10 -15.28 -37.58
CA VAL G 215 -4.16 -16.39 -38.53
C VAL G 215 -4.18 -15.78 -39.92
N GLU G 216 -3.04 -15.81 -40.61
CA GLU G 216 -2.91 -15.24 -41.94
C GLU G 216 -2.79 -16.36 -42.98
N ILE G 217 -3.28 -16.06 -44.19
CA ILE G 217 -3.34 -17.07 -45.24
C ILE G 217 -1.95 -17.34 -45.81
N LYS G 218 -1.19 -16.29 -46.11
CA LYS G 218 0.05 -16.37 -46.86
C LYS G 218 -0.19 -16.97 -48.24
N ASP H 1 -26.09 -43.01 1.44
CA ASP H 1 -26.83 -44.17 1.93
C ASP H 1 -27.98 -44.52 0.99
N ILE H 2 -28.98 -43.66 0.94
CA ILE H 2 -30.09 -43.85 0.01
C ILE H 2 -29.57 -43.71 -1.42
N GLN H 3 -29.67 -44.78 -2.19
CA GLN H 3 -29.18 -44.81 -3.55
C GLN H 3 -30.31 -44.49 -4.53
N MET H 4 -30.02 -43.64 -5.50
CA MET H 4 -30.94 -43.32 -6.58
C MET H 4 -30.40 -43.94 -7.87
N THR H 5 -31.23 -44.74 -8.54
CA THR H 5 -30.88 -45.37 -9.81
C THR H 5 -31.73 -44.75 -10.91
N GLN H 6 -31.08 -44.05 -11.82
CA GLN H 6 -31.75 -43.33 -12.90
C GLN H 6 -31.64 -44.10 -14.21
N SER H 7 -32.74 -44.12 -14.97
CA SER H 7 -32.79 -44.80 -16.26
C SER H 7 -33.58 -43.98 -17.27
N PRO H 8 -33.15 -43.95 -18.54
CA PRO H 8 -31.90 -44.56 -19.00
C PRO H 8 -30.73 -43.61 -18.86
N SER H 9 -29.53 -44.08 -19.20
CA SER H 9 -28.34 -43.26 -19.08
C SER H 9 -28.29 -42.16 -20.14
N SER H 10 -28.85 -42.43 -21.31
CA SER H 10 -28.81 -41.47 -22.41
C SER H 10 -30.02 -41.70 -23.31
N LEU H 11 -30.40 -40.65 -24.02
CA LEU H 11 -31.59 -40.71 -24.84
C LEU H 11 -31.43 -39.80 -26.06
N SER H 12 -32.03 -40.23 -27.17
CA SER H 12 -32.07 -39.45 -28.40
C SER H 12 -33.52 -39.37 -28.84
N ALA H 13 -34.06 -38.15 -28.91
CA ALA H 13 -35.48 -37.97 -29.22
C ALA H 13 -35.64 -36.78 -30.16
N SER H 14 -36.76 -36.79 -30.89
CA SER H 14 -37.09 -35.73 -31.82
C SER H 14 -38.02 -34.71 -31.17
N VAL H 15 -38.05 -33.51 -31.77
CA VAL H 15 -38.96 -32.46 -31.33
C VAL H 15 -40.40 -32.98 -31.40
N GLY H 16 -41.16 -32.73 -30.34
CA GLY H 16 -42.53 -33.20 -30.25
C GLY H 16 -42.69 -34.56 -29.60
N ASP H 17 -41.61 -35.30 -29.38
CA ASP H 17 -41.70 -36.59 -28.72
C ASP H 17 -42.01 -36.42 -27.24
N ARG H 18 -42.60 -37.47 -26.67
CA ARG H 18 -42.81 -37.61 -25.23
C ARG H 18 -41.66 -38.43 -24.66
N VAL H 19 -40.96 -37.88 -23.68
CA VAL H 19 -39.80 -38.55 -23.11
C VAL H 19 -40.05 -38.77 -21.63
N THR H 20 -39.67 -39.96 -21.15
CA THR H 20 -39.86 -40.33 -19.76
C THR H 20 -38.52 -40.78 -19.19
N ILE H 21 -38.18 -40.22 -18.04
CA ILE H 21 -36.97 -40.56 -17.31
C ILE H 21 -37.40 -41.10 -15.95
N THR H 22 -36.84 -42.23 -15.55
CA THR H 22 -37.24 -42.91 -14.34
C THR H 22 -36.10 -42.94 -13.34
N CYS H 23 -36.46 -42.87 -12.06
CA CYS H 23 -35.51 -42.81 -10.96
C CYS H 23 -36.04 -43.68 -9.84
N ARG H 24 -35.20 -44.57 -9.33
CA ARG H 24 -35.60 -45.54 -8.31
C ARG H 24 -34.75 -45.33 -7.07
N ALA H 25 -35.41 -45.30 -5.91
CA ALA H 25 -34.73 -45.10 -4.64
C ALA H 25 -34.60 -46.42 -3.91
N SER H 26 -33.45 -46.63 -3.28
CA SER H 26 -33.19 -47.86 -2.53
C SER H 26 -34.06 -47.97 -1.28
N GLN H 27 -34.77 -46.92 -0.90
CA GLN H 27 -35.75 -46.99 0.17
C GLN H 27 -36.77 -45.89 -0.04
N ASP H 28 -37.84 -45.92 0.76
CA ASP H 28 -38.92 -44.96 0.61
C ASP H 28 -38.42 -43.55 0.91
N ILE H 29 -38.66 -42.62 -0.01
CA ILE H 29 -38.24 -41.22 0.17
C ILE H 29 -39.42 -40.28 0.34
N ASN H 30 -40.66 -40.81 0.37
CA ASN H 30 -41.83 -40.06 0.81
C ASN H 30 -42.06 -38.79 -0.02
N ASN H 31 -41.90 -38.90 -1.33
CA ASN H 31 -42.13 -37.83 -2.31
C ASN H 31 -41.11 -36.71 -2.23
N TYR H 32 -40.12 -36.78 -1.34
CA TYR H 32 -39.10 -35.73 -1.26
C TYR H 32 -38.06 -36.00 -2.34
N LEU H 33 -38.42 -35.64 -3.57
CA LEU H 33 -37.55 -35.84 -4.72
C LEU H 33 -37.60 -34.62 -5.63
N SER H 34 -36.43 -34.19 -6.10
CA SER H 34 -36.31 -33.08 -7.02
C SER H 34 -35.69 -33.52 -8.35
N TRP H 35 -36.08 -32.83 -9.42
CA TRP H 35 -35.48 -33.00 -10.74
C TRP H 35 -34.75 -31.74 -11.15
N TYR H 36 -33.55 -31.90 -11.70
CA TYR H 36 -32.75 -30.78 -12.17
C TYR H 36 -32.42 -30.96 -13.64
N GLN H 37 -32.24 -29.85 -14.34
CA GLN H 37 -31.84 -29.81 -15.75
C GLN H 37 -30.47 -29.15 -15.85
N GLN H 38 -29.49 -29.86 -16.42
CA GLN H 38 -28.14 -29.33 -16.56
C GLN H 38 -27.73 -29.35 -18.03
N LYS H 39 -27.56 -28.17 -18.61
CA LYS H 39 -27.04 -28.07 -19.96
C LYS H 39 -25.50 -28.13 -19.95
N PRO H 40 -24.90 -28.59 -21.05
CA PRO H 40 -23.43 -28.75 -21.07
C PRO H 40 -22.70 -27.46 -20.72
N GLY H 41 -21.73 -27.59 -19.81
CA GLY H 41 -20.93 -26.46 -19.37
C GLY H 41 -21.60 -25.54 -18.38
N LYS H 42 -22.81 -25.87 -17.93
CA LYS H 42 -23.58 -24.99 -17.06
C LYS H 42 -23.97 -25.71 -15.77
N ALA H 43 -24.46 -24.92 -14.84
CA ALA H 43 -24.90 -25.43 -13.55
C ALA H 43 -26.32 -25.98 -13.66
N PRO H 44 -26.64 -26.98 -12.83
CA PRO H 44 -28.01 -27.51 -12.81
C PRO H 44 -29.04 -26.44 -12.44
N LYS H 45 -30.26 -26.63 -12.94
CA LYS H 45 -31.38 -25.75 -12.69
C LYS H 45 -32.55 -26.59 -12.20
N PRO H 46 -33.18 -26.22 -11.08
CA PRO H 46 -34.30 -27.03 -10.56
C PRO H 46 -35.53 -26.90 -11.43
N LEU H 47 -36.17 -28.03 -11.70
CA LEU H 47 -37.42 -28.08 -12.46
C LEU H 47 -38.61 -28.48 -11.60
N ILE H 48 -38.46 -29.47 -10.74
CA ILE H 48 -39.56 -30.03 -9.97
C ILE H 48 -39.10 -30.30 -8.55
N TYR H 49 -39.99 -30.05 -7.58
CA TYR H 49 -39.72 -30.38 -6.19
C TYR H 49 -40.91 -31.17 -5.66
N TYR H 50 -40.67 -31.91 -4.60
CA TYR H 50 -41.67 -32.73 -3.96
C TYR H 50 -42.31 -33.66 -4.99
N ALA H 51 -41.47 -34.22 -5.84
CA ALA H 51 -41.87 -35.20 -6.84
C ALA H 51 -42.74 -34.69 -7.99
N SER H 52 -43.67 -33.81 -7.72
CA SER H 52 -44.62 -33.38 -8.70
C SER H 52 -44.90 -31.91 -8.84
N SER H 53 -44.33 -31.11 -7.98
CA SER H 53 -44.58 -29.68 -7.99
C SER H 53 -43.57 -28.96 -8.88
N LEU H 54 -44.07 -28.10 -9.77
CA LEU H 54 -43.20 -27.39 -10.70
C LEU H 54 -42.52 -26.24 -9.98
N GLU H 55 -41.21 -26.09 -10.20
CA GLU H 55 -40.55 -24.87 -9.79
C GLU H 55 -41.17 -23.69 -10.54
N THR H 56 -41.12 -22.52 -9.91
CA THR H 56 -41.76 -21.33 -10.49
C THR H 56 -41.13 -20.99 -11.84
N GLY H 57 -41.99 -20.74 -12.82
CA GLY H 57 -41.55 -20.39 -14.16
C GLY H 57 -41.26 -21.55 -15.08
N VAL H 58 -41.36 -22.79 -14.62
CA VAL H 58 -41.08 -23.97 -15.45
C VAL H 58 -42.27 -24.28 -16.35
N PRO H 59 -42.05 -24.54 -17.65
CA PRO H 59 -43.18 -24.82 -18.55
C PRO H 59 -43.96 -26.07 -18.14
N SER H 60 -45.26 -26.04 -18.43
CA SER H 60 -46.15 -27.09 -17.99
C SER H 60 -45.90 -28.42 -18.69
N ARG H 61 -45.13 -28.45 -19.79
CA ARG H 61 -44.86 -29.73 -20.45
C ARG H 61 -44.01 -30.64 -19.57
N PHE H 62 -43.34 -30.09 -18.56
CA PHE H 62 -42.64 -30.90 -17.56
C PHE H 62 -43.61 -31.34 -16.47
N SER H 63 -43.52 -32.61 -16.09
CA SER H 63 -44.32 -33.12 -14.99
C SER H 63 -43.59 -34.28 -14.34
N GLY H 64 -43.94 -34.54 -13.07
CA GLY H 64 -43.38 -35.66 -12.35
C GLY H 64 -44.45 -36.46 -11.66
N SER H 65 -44.16 -37.76 -11.48
CA SER H 65 -45.10 -38.67 -10.83
C SER H 65 -44.33 -39.69 -10.01
N ARG H 66 -45.06 -40.49 -9.24
CA ARG H 66 -44.47 -41.50 -8.36
C ARG H 66 -45.28 -42.79 -8.41
N SER H 67 -44.57 -43.92 -8.39
CA SER H 67 -45.19 -45.23 -8.20
C SER H 67 -44.30 -46.01 -7.23
N GLY H 68 -44.67 -46.00 -5.94
CA GLY H 68 -43.87 -46.62 -4.91
C GLY H 68 -42.54 -45.92 -4.71
N THR H 69 -41.43 -46.62 -4.96
CA THR H 69 -40.10 -46.06 -4.88
C THR H 69 -39.56 -45.65 -6.25
N ASP H 70 -40.39 -45.72 -7.29
CA ASP H 70 -40.02 -45.31 -8.64
C ASP H 70 -40.63 -43.95 -8.94
N TYR H 71 -39.79 -43.02 -9.40
CA TYR H 71 -40.21 -41.66 -9.71
C TYR H 71 -39.89 -41.35 -11.16
N THR H 72 -40.81 -40.67 -11.84
CA THR H 72 -40.66 -40.42 -13.28
C THR H 72 -40.79 -38.94 -13.57
N LEU H 73 -39.94 -38.46 -14.47
CA LEU H 73 -40.02 -37.14 -15.06
C LEU H 73 -40.51 -37.31 -16.49
N THR H 74 -41.55 -36.56 -16.88
CA THR H 74 -42.11 -36.64 -18.22
C THR H 74 -42.10 -35.27 -18.86
N ILE H 75 -41.63 -35.21 -20.11
CA ILE H 75 -41.78 -34.04 -20.95
C ILE H 75 -42.81 -34.40 -22.02
N SER H 76 -43.95 -33.69 -22.01
CA SER H 76 -45.07 -34.10 -22.87
C SER H 76 -44.71 -33.97 -24.35
N SER H 77 -44.13 -32.83 -24.74
CA SER H 77 -43.70 -32.60 -26.13
C SER H 77 -42.34 -31.91 -26.11
N LEU H 78 -41.29 -32.66 -26.39
CA LEU H 78 -39.93 -32.13 -26.34
C LEU H 78 -39.76 -30.96 -27.30
N GLN H 79 -39.08 -29.92 -26.83
CA GLN H 79 -38.75 -28.75 -27.64
C GLN H 79 -37.22 -28.64 -27.71
N LEU H 80 -36.73 -27.86 -28.69
CA LEU H 80 -35.29 -27.77 -28.89
C LEU H 80 -34.56 -27.33 -27.63
N GLU H 81 -35.17 -26.43 -26.84
CA GLU H 81 -34.48 -25.93 -25.66
C GLU H 81 -34.37 -26.96 -24.54
N ASP H 82 -34.99 -28.13 -24.68
CA ASP H 82 -35.02 -29.10 -23.59
C ASP H 82 -33.80 -30.04 -23.59
N PHE H 83 -32.87 -29.89 -24.52
CA PHE H 83 -31.67 -30.72 -24.50
C PHE H 83 -30.88 -30.44 -23.22
N ALA H 84 -30.49 -31.51 -22.51
CA ALA H 84 -29.75 -31.40 -21.26
C ALA H 84 -29.48 -32.76 -20.65
N THR H 85 -28.74 -32.78 -19.55
CA THR H 85 -28.64 -33.95 -18.69
C THR H 85 -29.52 -33.69 -17.47
N TYR H 86 -30.45 -34.60 -17.20
CA TYR H 86 -31.41 -34.44 -16.11
C TYR H 86 -31.01 -35.31 -14.94
N TYR H 87 -31.17 -34.79 -13.72
CA TYR H 87 -30.81 -35.52 -12.51
C TYR H 87 -31.98 -35.52 -11.53
N CYS H 88 -32.22 -36.68 -10.91
CA CYS H 88 -33.09 -36.73 -9.75
C CYS H 88 -32.28 -36.57 -8.48
N GLN H 89 -32.95 -36.16 -7.41
CA GLN H 89 -32.29 -35.96 -6.12
C GLN H 89 -33.31 -36.16 -5.01
N GLN H 90 -33.01 -37.06 -4.07
CA GLN H 90 -33.85 -37.25 -2.90
C GLN H 90 -33.38 -36.33 -1.78
N TYR H 91 -34.34 -35.79 -1.03
CA TYR H 91 -34.04 -35.03 0.17
C TYR H 91 -34.96 -35.47 1.31
N ASN H 92 -35.31 -36.76 1.34
CA ASN H 92 -36.06 -37.28 2.48
C ASN H 92 -35.22 -37.21 3.74
N ASN H 93 -33.93 -37.51 3.64
CA ASN H 93 -33.03 -37.40 4.77
C ASN H 93 -31.62 -37.21 4.25
N SER H 94 -30.77 -36.67 5.10
CA SER H 94 -29.37 -36.48 4.82
C SER H 94 -28.62 -37.79 5.01
N PRO H 95 -27.59 -38.07 4.19
CA PRO H 95 -27.08 -37.21 3.11
C PRO H 95 -27.91 -37.24 1.83
N TYR H 96 -28.08 -36.05 1.24
CA TYR H 96 -28.78 -35.94 -0.02
C TYR H 96 -27.97 -36.62 -1.12
N SER H 97 -28.68 -37.33 -2.00
CA SER H 97 -28.01 -38.12 -3.02
C SER H 97 -28.73 -37.94 -4.35
N PHE H 98 -27.95 -38.01 -5.43
CA PHE H 98 -28.43 -37.78 -6.80
C PHE H 98 -28.43 -39.06 -7.61
N GLY H 99 -29.29 -39.10 -8.63
CA GLY H 99 -29.19 -40.10 -9.66
C GLY H 99 -28.00 -39.86 -10.57
N GLN H 100 -27.70 -40.87 -11.41
CA GLN H 100 -26.52 -40.81 -12.27
C GLN H 100 -26.71 -39.87 -13.46
N GLY H 101 -27.93 -39.49 -13.77
CA GLY H 101 -28.19 -38.55 -14.85
C GLY H 101 -28.67 -39.21 -16.13
N THR H 102 -29.43 -38.47 -16.92
CA THR H 102 -29.91 -38.92 -18.23
C THR H 102 -29.61 -37.82 -19.23
N LYS H 103 -28.72 -38.09 -20.19
CA LYS H 103 -28.37 -37.11 -21.21
C LYS H 103 -29.37 -37.19 -22.36
N VAL H 104 -30.03 -36.08 -22.63
CA VAL H 104 -31.08 -36.01 -23.65
C VAL H 104 -30.53 -35.20 -24.82
N GLU H 105 -30.44 -35.82 -25.98
CA GLU H 105 -30.03 -35.16 -27.20
C GLU H 105 -31.17 -35.19 -28.22
N ILE H 106 -31.03 -34.37 -29.25
CA ILE H 106 -32.11 -34.11 -30.21
C ILE H 106 -31.82 -34.84 -31.50
N LYS H 107 -32.82 -35.54 -32.02
CA LYS H 107 -32.72 -36.13 -33.35
C LYS H 107 -33.02 -35.07 -34.41
N ARG H 108 -32.33 -35.16 -35.54
CA ARG H 108 -32.57 -34.27 -36.67
C ARG H 108 -32.27 -35.02 -37.96
N THR H 109 -32.51 -34.34 -39.07
CA THR H 109 -32.26 -34.94 -40.37
C THR H 109 -30.76 -35.05 -40.61
N VAL H 110 -30.39 -36.02 -41.45
CA VAL H 110 -28.98 -36.25 -41.78
C VAL H 110 -28.38 -34.99 -42.37
N ALA H 111 -27.16 -34.68 -41.97
CA ALA H 111 -26.40 -33.55 -42.50
C ALA H 111 -24.97 -34.01 -42.73
N ALA H 112 -24.48 -33.84 -43.98
CA ALA H 112 -23.14 -34.29 -44.35
C ALA H 112 -22.08 -33.30 -43.85
N PRO H 113 -20.91 -33.79 -43.43
CA PRO H 113 -19.88 -32.87 -42.94
C PRO H 113 -19.16 -32.14 -44.06
N SER H 114 -18.74 -30.92 -43.76
CA SER H 114 -17.77 -30.21 -44.57
C SER H 114 -16.38 -30.51 -44.03
N VAL H 115 -15.46 -30.88 -44.92
CA VAL H 115 -14.16 -31.43 -44.54
C VAL H 115 -13.06 -30.43 -44.90
N PHE H 116 -12.13 -30.21 -43.97
CA PHE H 116 -10.99 -29.32 -44.16
C PHE H 116 -9.75 -29.97 -43.59
N ILE H 117 -8.61 -29.77 -44.23
CA ILE H 117 -7.35 -30.26 -43.70
C ILE H 117 -6.40 -29.08 -43.53
N PHE H 118 -5.61 -29.12 -42.47
CA PHE H 118 -4.70 -28.02 -42.14
C PHE H 118 -3.26 -28.54 -42.16
N PRO H 119 -2.43 -28.09 -43.10
CA PRO H 119 -1.01 -28.44 -43.03
C PRO H 119 -0.37 -27.79 -41.81
N PRO H 120 0.63 -28.42 -41.22
CA PRO H 120 1.32 -27.78 -40.08
C PRO H 120 2.11 -26.57 -40.54
N SER H 121 2.14 -25.55 -39.68
CA SER H 121 2.88 -24.35 -39.98
C SER H 121 4.38 -24.59 -39.89
N GLU H 122 5.15 -23.66 -40.48
CA GLU H 122 6.60 -23.73 -40.41
C GLU H 122 7.08 -23.64 -38.96
N ASP H 123 6.43 -22.80 -38.16
CA ASP H 123 6.81 -22.72 -36.74
C ASP H 123 6.62 -24.04 -36.05
N GLN H 124 5.59 -24.79 -36.44
CA GLN H 124 5.34 -26.08 -35.83
C GLN H 124 6.44 -27.07 -36.16
N VAL H 125 6.88 -27.08 -37.43
CA VAL H 125 7.97 -27.97 -37.84
C VAL H 125 9.24 -27.69 -37.04
N LYS H 126 9.50 -26.41 -36.74
CA LYS H 126 10.70 -26.08 -35.97
C LYS H 126 10.68 -26.64 -34.55
N SER H 127 9.53 -27.07 -34.04
CA SER H 127 9.47 -27.57 -32.67
C SER H 127 9.86 -29.04 -32.56
N GLY H 128 10.03 -29.74 -33.68
CA GLY H 128 10.36 -31.15 -33.66
C GLY H 128 9.18 -32.09 -33.64
N THR H 129 7.97 -31.57 -33.39
CA THR H 129 6.75 -32.35 -33.35
C THR H 129 5.67 -31.63 -34.15
N VAL H 130 4.94 -32.38 -34.97
CA VAL H 130 3.99 -31.81 -35.92
C VAL H 130 2.61 -32.42 -35.69
N SER H 131 1.57 -31.59 -35.79
CA SER H 131 0.18 -32.03 -35.75
C SER H 131 -0.53 -31.64 -37.03
N VAL H 132 -1.12 -32.62 -37.71
CA VAL H 132 -1.93 -32.39 -38.90
C VAL H 132 -3.39 -32.53 -38.47
N VAL H 133 -4.20 -31.51 -38.72
CA VAL H 133 -5.57 -31.46 -38.22
C VAL H 133 -6.54 -31.62 -39.37
N CYS H 134 -7.46 -32.56 -39.22
CA CYS H 134 -8.59 -32.73 -40.14
C CYS H 134 -9.85 -32.31 -39.40
N LEU H 135 -10.67 -31.47 -40.03
CA LEU H 135 -11.87 -30.91 -39.43
C LEU H 135 -13.11 -31.42 -40.16
N LEU H 136 -14.06 -31.97 -39.41
CA LEU H 136 -15.37 -32.35 -39.91
C LEU H 136 -16.40 -31.41 -39.28
N ASN H 137 -17.06 -30.60 -40.10
CA ASN H 137 -17.88 -29.50 -39.61
C ASN H 137 -19.36 -29.76 -39.82
N ASN H 138 -20.13 -29.65 -38.74
CA ASN H 138 -21.59 -29.54 -38.77
C ASN H 138 -22.24 -30.72 -39.50
N PHE H 139 -22.17 -31.89 -38.86
CA PHE H 139 -22.75 -33.10 -39.43
C PHE H 139 -23.68 -33.76 -38.41
N TYR H 140 -24.55 -34.63 -38.94
CA TYR H 140 -25.45 -35.44 -38.12
C TYR H 140 -25.80 -36.66 -38.94
N PRO H 141 -25.82 -37.87 -38.38
CA PRO H 141 -25.60 -38.15 -36.95
C PRO H 141 -24.14 -38.09 -36.54
N ARG H 142 -23.89 -38.37 -35.26
CA ARG H 142 -22.56 -38.24 -34.68
C ARG H 142 -21.57 -39.23 -35.27
N GLU H 143 -22.03 -40.41 -35.68
CA GLU H 143 -21.10 -41.44 -36.12
C GLU H 143 -20.37 -41.01 -37.39
N ALA H 144 -19.05 -41.04 -37.36
CA ALA H 144 -18.23 -40.67 -38.50
C ALA H 144 -16.91 -41.42 -38.42
N SER H 145 -16.32 -41.68 -39.58
CA SER H 145 -15.07 -42.40 -39.68
C SER H 145 -14.03 -41.54 -40.38
N VAL H 146 -12.87 -41.40 -39.75
CA VAL H 146 -11.77 -40.61 -40.30
C VAL H 146 -10.54 -41.50 -40.39
N LYS H 147 -10.01 -41.69 -41.59
CA LYS H 147 -8.81 -42.46 -41.83
C LYS H 147 -7.70 -41.55 -42.34
N TRP H 148 -6.51 -41.71 -41.78
CA TRP H 148 -5.34 -40.95 -42.21
C TRP H 148 -4.54 -41.79 -43.22
N LYS H 149 -4.19 -41.15 -44.34
CA LYS H 149 -3.44 -41.83 -45.39
C LYS H 149 -2.21 -40.99 -45.69
N VAL H 150 -1.04 -41.61 -45.62
CA VAL H 150 0.25 -40.94 -45.81
C VAL H 150 0.96 -41.61 -46.97
N ASP H 151 1.20 -40.86 -48.04
CA ASP H 151 1.69 -41.41 -49.31
C ASP H 151 0.82 -42.60 -49.75
N GLY H 152 -0.50 -42.45 -49.56
CA GLY H 152 -1.44 -43.48 -49.94
C GLY H 152 -1.54 -44.64 -48.98
N ALA H 153 -0.68 -44.71 -47.96
CA ALA H 153 -0.67 -45.82 -47.01
C ALA H 153 -1.44 -45.44 -45.75
N LEU H 154 -2.28 -46.36 -45.29
CA LEU H 154 -3.07 -46.12 -44.08
C LEU H 154 -2.16 -45.98 -42.88
N LYS H 155 -2.42 -44.97 -42.05
CA LYS H 155 -1.62 -44.70 -40.87
C LYS H 155 -2.49 -44.93 -39.64
N THR H 156 -2.10 -45.91 -38.81
CA THR H 156 -2.87 -46.32 -37.64
C THR H 156 -1.98 -46.24 -36.41
N GLY H 157 -2.22 -45.25 -35.56
CA GLY H 157 -1.47 -45.20 -34.31
C GLY H 157 -1.27 -43.82 -33.73
N ASN H 158 -1.24 -42.81 -34.59
CA ASN H 158 -0.78 -41.47 -34.21
C ASN H 158 -1.87 -40.43 -34.37
N SER H 159 -3.11 -40.79 -34.08
CA SER H 159 -4.22 -39.86 -34.26
C SER H 159 -5.11 -39.86 -33.04
N GLN H 160 -5.70 -38.70 -32.78
CA GLN H 160 -6.68 -38.52 -31.72
C GLN H 160 -7.85 -37.74 -32.27
N GLU H 161 -9.05 -38.06 -31.78
CA GLU H 161 -10.28 -37.42 -32.23
C GLU H 161 -10.92 -36.67 -31.07
N SER H 162 -11.60 -35.57 -31.40
CA SER H 162 -12.36 -34.83 -30.41
C SER H 162 -13.66 -34.34 -31.05
N VAL H 163 -14.76 -34.46 -30.33
CA VAL H 163 -16.07 -34.11 -30.86
C VAL H 163 -16.74 -33.10 -29.93
N THR H 164 -17.39 -32.09 -30.52
CA THR H 164 -18.11 -31.11 -29.71
C THR H 164 -19.41 -31.70 -29.17
N GLU H 165 -20.03 -30.98 -28.25
CA GLU H 165 -21.41 -31.28 -27.90
C GLU H 165 -22.31 -30.86 -29.06
N GLN H 166 -23.54 -31.37 -29.03
CA GLN H 166 -24.50 -31.01 -30.07
C GLN H 166 -24.74 -29.50 -30.06
N ASP H 167 -24.73 -28.90 -31.24
CA ASP H 167 -24.90 -27.46 -31.35
C ASP H 167 -26.32 -27.07 -30.96
N SER H 168 -26.44 -25.95 -30.23
CA SER H 168 -27.75 -25.57 -29.69
C SER H 168 -28.72 -25.09 -30.77
N LYS H 169 -28.22 -24.64 -31.92
CA LYS H 169 -29.08 -24.05 -32.94
C LYS H 169 -29.44 -25.02 -34.07
N ASP H 170 -28.46 -25.67 -34.69
CA ASP H 170 -28.73 -26.58 -35.80
C ASP H 170 -28.62 -28.05 -35.40
N ASN H 171 -28.31 -28.35 -34.15
CA ASN H 171 -28.28 -29.71 -33.63
C ASN H 171 -27.27 -30.61 -34.34
N THR H 172 -26.23 -30.02 -34.93
CA THR H 172 -25.17 -30.79 -35.56
C THR H 172 -23.99 -30.95 -34.60
N TYR H 173 -23.07 -31.84 -34.98
CA TYR H 173 -21.80 -32.05 -34.30
C TYR H 173 -20.64 -31.61 -35.20
N SER H 174 -19.50 -31.32 -34.57
CA SER H 174 -18.25 -31.14 -35.29
C SER H 174 -17.19 -32.00 -34.64
N LEU H 175 -16.18 -32.36 -35.44
CA LEU H 175 -15.17 -33.31 -35.01
C LEU H 175 -13.81 -32.90 -35.57
N SER H 176 -12.77 -33.06 -34.76
CA SER H 176 -11.39 -32.87 -35.21
C SER H 176 -10.64 -34.19 -35.06
N SER H 177 -9.82 -34.51 -36.07
CA SER H 177 -8.89 -35.62 -36.00
C SER H 177 -7.50 -35.03 -36.20
N THR H 178 -6.59 -35.31 -35.25
CA THR H 178 -5.27 -34.72 -35.24
C THR H 178 -4.23 -35.81 -35.34
N LEU H 179 -3.40 -35.75 -36.39
CA LEU H 179 -2.31 -36.69 -36.60
C LEU H 179 -1.02 -36.05 -36.11
N THR H 180 -0.38 -36.68 -35.13
CA THR H 180 0.84 -36.15 -34.52
C THR H 180 2.03 -37.01 -34.92
N LEU H 181 3.05 -36.36 -35.49
CA LEU H 181 4.25 -37.04 -35.92
C LEU H 181 5.45 -36.20 -35.53
N SER H 182 6.60 -36.87 -35.37
CA SER H 182 7.84 -36.13 -35.26
C SER H 182 8.12 -35.40 -36.56
N SER H 183 8.93 -34.34 -36.46
CA SER H 183 9.27 -33.57 -37.66
C SER H 183 10.04 -34.43 -38.65
N THR H 184 10.93 -35.30 -38.16
CA THR H 184 11.68 -36.18 -39.05
C THR H 184 10.74 -37.10 -39.81
N GLU H 185 9.79 -37.71 -39.10
CA GLU H 185 8.81 -38.58 -39.75
C GLU H 185 7.98 -37.80 -40.75
N TYR H 186 7.52 -36.62 -40.36
CA TYR H 186 6.67 -35.80 -41.23
C TYR H 186 7.38 -35.46 -42.54
N GLN H 187 8.68 -35.15 -42.46
CA GLN H 187 9.48 -34.75 -43.61
C GLN H 187 9.88 -35.93 -44.50
N SER H 188 9.48 -37.16 -44.15
CA SER H 188 9.81 -38.34 -44.92
C SER H 188 8.69 -38.75 -45.88
N HIS H 189 7.64 -37.94 -46.00
CA HIS H 189 6.52 -38.28 -46.88
C HIS H 189 6.02 -37.03 -47.57
N LYS H 190 5.30 -37.24 -48.67
CA LYS H 190 4.79 -36.14 -49.49
C LYS H 190 3.31 -35.86 -49.24
N VAL H 191 2.45 -36.85 -49.46
CA VAL H 191 1.01 -36.65 -49.50
C VAL H 191 0.41 -37.02 -48.15
N TYR H 192 -0.30 -36.06 -47.55
CA TYR H 192 -1.05 -36.25 -46.32
C TYR H 192 -2.51 -36.03 -46.63
N ALA H 193 -3.35 -37.00 -46.31
CA ALA H 193 -4.75 -36.97 -46.70
C ALA H 193 -5.65 -37.42 -45.56
N CYS H 194 -6.80 -36.76 -45.45
CA CYS H 194 -7.86 -37.13 -44.54
C CYS H 194 -9.00 -37.70 -45.38
N GLU H 195 -9.44 -38.93 -45.06
CA GLU H 195 -10.53 -39.58 -45.77
C GLU H 195 -11.71 -39.78 -44.82
N VAL H 196 -12.84 -39.18 -45.16
CA VAL H 196 -14.00 -39.13 -44.26
C VAL H 196 -15.13 -39.94 -44.86
N THR H 197 -15.72 -40.81 -44.03
CA THR H 197 -16.94 -41.53 -44.38
C THR H 197 -18.04 -41.12 -43.42
N HIS H 198 -19.21 -40.80 -43.98
CA HIS H 198 -20.37 -40.41 -43.18
C HIS H 198 -21.61 -40.77 -43.98
N GLN H 199 -22.70 -41.09 -43.27
CA GLN H 199 -23.87 -41.58 -43.98
C GLN H 199 -24.52 -40.49 -44.83
N GLY H 200 -24.19 -39.21 -44.58
CA GLY H 200 -24.68 -38.14 -45.45
C GLY H 200 -23.86 -37.92 -46.70
N LEU H 201 -22.80 -38.70 -46.89
CA LEU H 201 -21.92 -38.59 -48.05
C LEU H 201 -22.16 -39.78 -48.95
N SER H 202 -22.45 -39.52 -50.23
CA SER H 202 -22.68 -40.60 -51.18
C SER H 202 -21.45 -41.48 -51.35
N SER H 203 -20.27 -40.88 -51.30
CA SER H 203 -18.99 -41.57 -51.39
C SER H 203 -18.03 -40.90 -50.42
N PRO H 204 -16.96 -41.60 -50.02
CA PRO H 204 -16.00 -41.00 -49.08
C PRO H 204 -15.39 -39.72 -49.66
N VAL H 205 -15.10 -38.77 -48.77
CA VAL H 205 -14.51 -37.51 -49.15
C VAL H 205 -13.07 -37.49 -48.67
N THR H 206 -12.15 -37.10 -49.55
CA THR H 206 -10.73 -37.02 -49.25
C THR H 206 -10.23 -35.61 -49.46
N LYS H 207 -9.49 -35.09 -48.48
CA LYS H 207 -8.77 -33.83 -48.58
C LYS H 207 -7.29 -34.12 -48.36
N SER H 208 -6.44 -33.55 -49.21
CA SER H 208 -5.01 -33.84 -49.14
C SER H 208 -4.21 -32.58 -49.40
N PHE H 209 -2.94 -32.61 -49.00
CA PHE H 209 -1.97 -31.60 -49.37
C PHE H 209 -0.62 -32.25 -49.60
N ASN H 210 0.26 -31.54 -50.32
CA ASN H 210 1.64 -31.96 -50.54
C ASN H 210 2.53 -31.19 -49.58
N ARG H 211 3.29 -31.92 -48.77
CA ARG H 211 4.11 -31.33 -47.72
C ARG H 211 5.09 -30.29 -48.28
N GLY H 212 5.17 -29.15 -47.62
CA GLY H 212 6.07 -28.08 -48.01
C GLY H 212 5.58 -27.17 -49.11
N GLU H 213 4.31 -27.25 -49.48
CA GLU H 213 3.79 -26.40 -50.55
C GLU H 213 2.99 -25.25 -49.95
N CYS H 214 2.99 -24.13 -50.66
CA CYS H 214 2.25 -22.94 -50.22
C CYS H 214 0.88 -22.90 -50.88
#